data_6CET
#
_entry.id   6CET
#
_cell.length_a   1.0
_cell.length_b   1.0
_cell.length_c   1.0
_cell.angle_alpha   90.00
_cell.angle_beta   90.00
_cell.angle_gamma   90.00
#
_symmetry.space_group_name_H-M   'P 1'
#
loop_
_entity.id
_entity.type
_entity.pdbx_description
1 polymer 'GATOR complex protein NPRL2'
2 polymer 'GATOR complex protein NPRL3'
3 polymer 'GATOR complex protein DEPDC5'
#
loop_
_entity_poly.entity_id
_entity_poly.type
_entity_poly.pdbx_seq_one_letter_code
_entity_poly.pdbx_strand_id
1 'polypeptide(L)'
;MGSGCRIECIFFSEFHPTLGPKITYQVPEDFISRELFDTVQVYIITKPELQNKLITVTAMEKKLIGCPVCIEHKKYSRNA
LLFNLGFVCDAQAKTCALEPIVKKLAGYLTTLELESSFVSMEESKQKLVPIMTILLEELNASGRCTLPIDESNTIHLKVI
EQRPDPPVAQEYDVPVFTKDKEDFFNSQWDLTTQQILPYIDGFRHIQKISAEADVELNLVRIAIQNLLYYGVVTLVSILQ
YSNVYCPTPKVQDLVDDKSLQEACLSYVTKQGHKRASLRDVFQLYCSLSPGTTVRDLIGRHPQQLQHVDERKLIQFGLMK
NLIRRLQKYPVRVTREEQSHPARLYTGCHSYDEICCKTGMSYHELDERLENDPNIIICWK
;
N
2 'polypeptide(L)'
;MRDNTSPISVILVSSGSRGNKLLFRYPFQRSQEHPASQTSKPRSRYAASNTGDHADEQDGDSRFSDVILATILATKSEMC
GQKFELKIDNVRFVGHPTLLQHALGQISKTDPSPKREAPTMILFNVVFALRANADPSVINCLHNLSRRIATVLQHEERRC
QYLTREAKLILALQDEVSAMADGNEGPQSPFHHILPKCKLARDLKEAYDSLCTSGVVRLHINSWLEVSFCLPHKIHYAAS
SLIPPEAIERSLKAIRPYHALLLLSDEKSLLGELPIDCSPALVRVIKTTSAVKNLQQLAQDADLALLQVFQLAAHLVYWG
KAIIIYPLCENNVYMLSPNASVCLYSPLAEQFSHQFPSHDLPSVLAKFSLPVSLSEFRNPLAPAVQETQLIQMVVWMLQR
RLLIQLHTYVCLMASPSEEEPRPREDDVPFTARVGGRSLSTPNALSFGSPTSSDDMTLTSPSMDNSSAELLPSGDSPLNQ
RMTENLLASLSEHERAAILSVPAAQNPEDLRMFARLLHYFRGRHHLEEIMYNENTRRSQLLMLFDKFRSVLVVTTHEDPV
IAVFQALLP
;
M
3 'polypeptide(L)'
;MRTTKVYKLVIHKKGFGGSDDELVVNPKVFPHIKLGDIVEIAHPNDEYSPLLLQVKSLKEDLQKETISVDQTVTQVFRLR
PYQDVYVNVVDPKDVTLDLVELTFKDQYIGRGDMWRLKKSLVSTCAYITQKVEFAGIRAQAGELWVKNEKVMCGYISEDT
RVVFRSTSAMVYIFIQMSCEMWDFDIYGDLYFEKAVNGFLADLFTKWKEKNCSHEVTVVLFSRTFYDAKSVDEFPEINRA
SIRQDHKGRFYEDFYKVVVQNERREEWTSLLVTIKKLFIQYPVLVRLEQAEGFPQGDNSTSAQGNYLEAINLSFNVFDKH
YINRNFDRTGQMSVVITPGVGVFEVDRLLMILTKQRMIDNGIGVDLVCMGEQPLHAVPLFKLHNRSAPRDSRLGDDYNIP
HWINHSFYTSKSQLFCNSFTPRIKLAGKKPASEKAKNGRDTSLGSPKESENALPIQVDYDAYDAQVFRLPGPSRAQCLTT
CRSVRERESHSRKSASSCDVSSSPSLPSRTLPTEEVRSQASDDSSLGKSANILMIPHPHLHQYEVSSSLGYTSTRDVLEN
MMEPPQRDSSAPGRFHVGSAESMLHVRPGGYTPQRALINPFAPSRMPMKLTSNRRRWMHTFPVGPSGEAIQIHHQTRQNM
AELQGSGQRDPTHSSAELLELAYHEAAGRHSNSRQPGDGMSFLNFSGTEELSVGLLSNSGAGMNPRTQNKDSLEDSVSTS
PDPILTLSAPPVVPGFCCTVGVDWKSLTTPACLPLTTDYFPDRQGLQNDYTEGCYDLLPEADIDRRDEDGVQMTAQQVFE
EFICQRLMQGYQIIVQPKTQKPNPAVPPPLSSSPLYSRGLVSRNRPEEEDQYWLSMGRTFHKVTLKDKMITVTRYLPKYP
YESAQIHYTYSLCPSHSDSEFVSCWVEFSHERLEEYKWNYLDQYICSAGSEDFSLIESLKFWRTRFLLLPACVTATKRIT
EGEAHCDIYGDRPRADEDEWQLLDGFVRFVEGLNRIRRRHRSDRMMRKGTAMKGLQMTGPISTHSLESTAPPVGKKGTSA
LSALLEMEASQKCLGEQQAAVHGGKSSAQSAESSSVAMTPTYMDSPRKDGAFFMEFVRSPRTASSAFYPQVSVDQTATPM
LDGTSLGICTGQSMDRGNSQTFGNSQNIGEQGYSSTNSSDSSSQQLVASSLTSSSTLTEILEAMKHPSTGVQLLSEQKGL
SPYCFISAEVVHWLVNHVEGIQTQAMAIDIMQKMLEEQLITHASGEAWRTFIYGFYFYKIVTDKEPDRVAMQQPATTWHT
AGVDDFASFQRKWFEVAFVAEELVHSEIPAFLLPWLPSRPASYASRHSSFSRSFGGRSQAAALLAATVPEQRTVTLDVDV
NNRTDRLEWCSCYYHGNFSLNAAFEIKLHWMAVTAAVLFEMVQGWHRKATSCGFLLVPVLEGPFALPSYLYGDPLRAQLF
IPLNISCLLKEGSEHLFDSFEPETYWDRMHLFQEAIAHRFGFVQDKYSASAFNFPAENKPQYIHVTGTVFLQLPYSKRKF
SGQQRRRRNSTSSTNQNMFCEERVGYNWAYNTMLTKTWRSSATGDEKFADRLLKDFTDFCINRDNRLVTFWTSCLEKMHA
SAP
;
D
#
# COMPACT_ATOMS: atom_id res chain seq x y z
N SER A 3 -21.13 21.16 11.12
CA SER A 3 -20.66 20.88 9.77
C SER A 3 -19.15 21.04 9.69
N GLY A 4 -18.53 20.32 8.76
CA GLY A 4 -17.12 20.44 8.52
C GLY A 4 -16.77 21.78 7.89
N CYS A 5 -17.22 22.00 6.67
CA CYS A 5 -16.96 23.26 5.98
C CYS A 5 -18.23 23.75 5.28
N ARG A 6 -18.20 25.02 4.88
CA ARG A 6 -19.32 25.69 4.24
C ARG A 6 -18.89 26.09 2.84
N ILE A 7 -19.61 25.59 1.84
CA ILE A 7 -19.35 25.98 0.45
C ILE A 7 -20.51 26.85 -0.01
N GLU A 8 -20.27 27.62 -1.06
CA GLU A 8 -21.40 28.24 -1.73
C GLU A 8 -21.38 28.15 -3.26
N CYS A 9 -20.23 28.08 -3.94
CA CYS A 9 -20.33 28.10 -5.39
C CYS A 9 -19.33 27.14 -6.03
N ILE A 10 -19.73 26.59 -7.18
CA ILE A 10 -18.88 25.70 -7.95
C ILE A 10 -18.82 26.26 -9.37
N PHE A 11 -17.66 26.11 -10.02
CA PHE A 11 -17.55 26.59 -11.37
C PHE A 11 -16.60 25.71 -12.17
N PHE A 12 -16.78 25.80 -13.48
CA PHE A 12 -15.96 25.14 -14.47
C PHE A 12 -15.32 26.20 -15.35
N SER A 13 -14.07 25.98 -15.77
CA SER A 13 -13.47 26.92 -16.70
C SER A 13 -12.47 26.19 -17.60
N GLU A 14 -12.10 26.87 -18.67
CA GLU A 14 -11.30 26.28 -19.73
C GLU A 14 -10.58 27.38 -20.48
N PHE A 15 -9.32 27.14 -20.84
CA PHE A 15 -8.70 28.01 -21.83
C PHE A 15 -9.00 27.36 -23.17
N HIS A 16 -10.04 27.85 -23.80
CA HIS A 16 -10.61 27.34 -25.04
C HIS A 16 -10.01 28.10 -26.22
N PRO A 17 -9.99 27.50 -27.43
CA PRO A 17 -9.45 28.23 -28.60
C PRO A 17 -10.25 29.44 -29.06
N THR A 18 -9.83 29.98 -30.20
CA THR A 18 -9.97 31.39 -30.57
C THR A 18 -11.41 31.91 -30.62
N LEU A 19 -12.41 31.05 -30.60
CA LEU A 19 -13.78 31.56 -30.53
C LEU A 19 -14.08 32.15 -29.15
N GLY A 20 -13.63 31.50 -28.08
CA GLY A 20 -13.64 32.08 -26.76
C GLY A 20 -12.37 31.74 -26.03
N PRO A 21 -11.57 32.75 -25.66
CA PRO A 21 -10.30 32.49 -24.98
C PRO A 21 -10.41 31.79 -23.64
N LYS A 22 -11.17 32.34 -22.69
CA LYS A 22 -11.33 31.75 -21.36
C LYS A 22 -12.82 31.63 -21.05
N ILE A 23 -13.36 30.42 -21.11
CA ILE A 23 -14.79 30.21 -20.94
C ILE A 23 -15.07 29.53 -19.61
N THR A 24 -16.31 29.70 -19.14
CA THR A 24 -16.73 29.24 -17.82
C THR A 24 -18.17 28.74 -17.85
N TYR A 25 -18.45 27.79 -16.96
CA TYR A 25 -19.80 27.47 -16.50
C TYR A 25 -19.88 27.74 -15.02
N GLN A 26 -21.05 28.16 -14.53
CA GLN A 26 -21.22 28.60 -13.15
C GLN A 26 -22.43 27.96 -12.51
N VAL A 27 -22.30 27.51 -11.26
CA VAL A 27 -23.44 27.29 -10.39
C VAL A 27 -23.23 28.06 -9.08
N PRO A 28 -24.08 29.06 -8.77
CA PRO A 28 -24.12 29.79 -7.50
C PRO A 28 -24.85 28.99 -6.42
N LEU A 36 -23.05 33.48 -3.97
CA LEU A 36 -22.12 34.42 -4.59
C LEU A 36 -22.25 34.37 -6.10
N PHE A 37 -21.97 35.49 -6.77
CA PHE A 37 -21.91 35.57 -8.22
C PHE A 37 -20.54 36.12 -8.59
N ASP A 38 -19.63 35.25 -9.00
CA ASP A 38 -18.28 35.66 -9.35
C ASP A 38 -18.30 36.37 -10.71
N THR A 39 -18.25 37.69 -10.67
CA THR A 39 -18.41 38.54 -11.84
C THR A 39 -17.12 38.74 -12.62
N VAL A 40 -17.13 39.77 -13.48
CA VAL A 40 -15.97 40.24 -14.24
C VAL A 40 -14.74 40.41 -13.35
N GLN A 41 -14.93 41.01 -12.17
CA GLN A 41 -13.82 41.33 -11.28
C GLN A 41 -13.10 40.08 -10.78
N VAL A 42 -13.86 39.05 -10.42
CA VAL A 42 -13.28 37.83 -9.90
C VAL A 42 -12.46 37.13 -10.97
N TYR A 43 -12.96 37.11 -12.20
CA TYR A 43 -12.27 36.36 -13.22
C TYR A 43 -11.07 37.12 -13.74
N ILE A 44 -11.12 38.46 -13.73
CA ILE A 44 -9.91 39.23 -14.01
C ILE A 44 -8.89 39.04 -12.90
N ILE A 45 -9.34 38.97 -11.65
CA ILE A 45 -8.38 38.94 -10.55
C ILE A 45 -7.81 37.54 -10.31
N THR A 46 -8.42 36.51 -10.89
CA THR A 46 -7.89 35.15 -10.75
C THR A 46 -7.51 34.50 -12.07
N LYS A 47 -7.67 35.18 -13.21
CA LYS A 47 -7.31 34.60 -14.49
C LYS A 47 -5.84 34.22 -14.75
N PRO A 48 -4.79 34.80 -14.11
CA PRO A 48 -3.47 34.23 -14.36
C PRO A 48 -3.23 32.91 -13.67
N GLU A 49 -4.06 32.57 -12.69
CA GLU A 49 -3.87 31.35 -11.91
C GLU A 49 -4.16 30.10 -12.72
N LEU A 50 -4.98 30.21 -13.79
CA LEU A 50 -5.60 29.06 -14.40
C LEU A 50 -4.87 28.60 -15.68
N GLN A 51 -3.54 28.72 -15.72
CA GLN A 51 -2.73 28.23 -16.84
C GLN A 51 -1.31 28.06 -16.33
N ASN A 52 -0.79 26.83 -16.43
CA ASN A 52 0.45 26.50 -15.77
C ASN A 52 0.97 25.19 -16.34
N LYS A 53 2.30 25.04 -16.38
CA LYS A 53 2.86 23.73 -16.69
C LYS A 53 2.83 22.82 -15.48
N LEU A 54 2.73 23.39 -14.29
CA LEU A 54 2.52 22.63 -13.06
C LEU A 54 1.04 22.28 -13.00
N ILE A 55 0.72 21.02 -13.33
CA ILE A 55 -0.67 20.58 -13.45
C ILE A 55 -0.89 19.43 -12.47
N THR A 56 -2.16 19.03 -12.37
CA THR A 56 -2.66 17.95 -11.49
C THR A 56 -2.31 18.25 -10.03
N VAL A 57 -2.42 19.53 -9.67
CA VAL A 57 -2.01 20.03 -8.36
C VAL A 57 -3.08 20.96 -7.83
N THR A 58 -3.34 20.90 -6.53
CA THR A 58 -4.33 21.76 -5.91
C THR A 58 -3.71 23.09 -5.51
N ALA A 59 -4.47 24.17 -5.74
CA ALA A 59 -4.06 25.48 -5.25
C ALA A 59 -5.30 26.25 -4.80
N MET A 60 -5.22 26.89 -3.62
CA MET A 60 -6.29 27.76 -3.18
C MET A 60 -5.72 29.12 -2.79
N GLU A 61 -6.44 30.18 -3.17
CA GLU A 61 -5.98 31.54 -2.95
C GLU A 61 -7.00 32.33 -2.16
N LYS A 62 -6.57 33.45 -1.60
CA LYS A 62 -7.54 34.35 -0.98
C LYS A 62 -8.19 35.28 -2.01
N LYS A 63 -9.30 35.90 -1.58
CA LYS A 63 -10.09 36.86 -2.33
C LYS A 63 -11.03 37.52 -1.32
N LEU A 64 -11.55 38.70 -1.71
CA LEU A 64 -12.55 39.47 -0.98
C LEU A 64 -13.67 38.66 -0.35
N ILE A 65 -14.30 37.77 -1.14
CA ILE A 65 -15.42 36.98 -0.64
C ILE A 65 -14.93 35.73 0.08
N GLY A 66 -13.65 35.40 0.00
CA GLY A 66 -13.21 34.21 0.69
C GLY A 66 -12.06 33.49 0.01
N CYS A 67 -12.28 32.23 -0.31
CA CYS A 67 -11.21 31.46 -0.92
C CYS A 67 -11.72 30.59 -2.05
N PRO A 68 -11.20 30.77 -3.27
CA PRO A 68 -11.36 29.76 -4.31
C PRO A 68 -10.28 28.70 -4.27
N VAL A 69 -10.70 27.48 -4.56
CA VAL A 69 -9.83 26.31 -4.69
C VAL A 69 -9.90 25.86 -6.14
N CYS A 70 -8.77 25.38 -6.67
CA CYS A 70 -8.62 25.20 -8.10
C CYS A 70 -7.73 24.02 -8.42
N ILE A 71 -8.05 23.34 -9.53
CA ILE A 71 -7.19 22.29 -10.07
C ILE A 71 -7.41 22.19 -11.57
N GLU A 72 -6.37 21.77 -12.29
CA GLU A 72 -6.35 21.78 -13.75
C GLU A 72 -5.90 20.42 -14.26
N HIS A 73 -6.18 20.17 -15.55
CA HIS A 73 -5.44 19.17 -16.32
C HIS A 73 -5.62 19.41 -17.81
N LYS A 74 -4.84 18.64 -18.58
CA LYS A 74 -4.56 18.93 -19.98
C LYS A 74 -4.52 17.64 -20.80
N LYS A 75 -5.08 17.71 -22.02
CA LYS A 75 -5.09 16.60 -22.97
C LYS A 75 -5.43 17.19 -24.34
N TYR A 76 -5.38 16.34 -25.38
CA TYR A 76 -5.73 16.64 -26.76
C TYR A 76 -4.83 17.76 -27.31
N SER A 77 -3.54 17.40 -27.42
CA SER A 77 -2.49 18.35 -27.74
C SER A 77 -2.66 18.95 -29.13
N ARG A 78 -3.34 18.23 -30.03
CA ARG A 78 -3.80 18.84 -31.27
C ARG A 78 -4.90 19.85 -30.92
N ASN A 79 -4.58 21.13 -31.16
CA ASN A 79 -5.38 22.30 -30.75
C ASN A 79 -5.67 22.26 -29.24
N ALA A 80 -4.58 22.46 -28.49
CA ALA A 80 -4.36 21.98 -27.11
C ALA A 80 -5.53 22.21 -26.15
N LEU A 81 -5.78 21.20 -25.32
CA LEU A 81 -6.89 21.20 -24.37
C LEU A 81 -6.38 21.35 -22.94
N LEU A 82 -6.91 22.37 -22.25
CA LEU A 82 -6.50 22.67 -20.88
C LEU A 82 -7.70 23.26 -20.13
N PHE A 83 -8.12 22.58 -19.07
CA PHE A 83 -9.27 23.09 -18.35
C PHE A 83 -9.11 22.84 -16.86
N ASN A 84 -10.16 23.20 -16.12
CA ASN A 84 -9.99 23.65 -14.75
C ASN A 84 -11.30 23.52 -14.01
N LEU A 85 -11.27 22.86 -12.85
CA LEU A 85 -12.40 22.87 -11.94
C LEU A 85 -12.08 23.83 -10.80
N GLY A 86 -13.10 24.55 -10.34
CA GLY A 86 -12.95 25.48 -9.24
C GLY A 86 -14.13 25.44 -8.30
N PHE A 87 -13.87 25.87 -7.07
CA PHE A 87 -14.69 25.48 -5.93
C PHE A 87 -14.49 26.56 -4.87
N VAL A 88 -15.44 27.49 -4.76
CA VAL A 88 -15.19 28.74 -4.07
C VAL A 88 -16.13 28.89 -2.87
N CYS A 89 -15.51 29.26 -1.73
CA CYS A 89 -16.12 29.29 -0.40
C CYS A 89 -15.72 30.59 0.28
N ASP A 90 -16.07 30.72 1.57
CA ASP A 90 -15.68 31.85 2.38
C ASP A 90 -14.45 31.51 3.22
N ALA A 91 -13.64 32.53 3.52
CA ALA A 91 -12.31 32.30 4.07
C ALA A 91 -12.33 32.06 5.57
N GLN A 92 -12.92 33.00 6.32
CA GLN A 92 -12.66 33.16 7.76
C GLN A 92 -13.39 32.10 8.58
N ALA A 93 -12.95 30.87 8.38
CA ALA A 93 -13.37 29.67 9.09
C ALA A 93 -12.19 28.72 9.05
N LYS A 94 -12.45 27.42 9.25
CA LYS A 94 -11.35 26.47 9.04
C LYS A 94 -11.10 26.23 7.56
N THR A 95 -12.08 25.65 6.86
CA THR A 95 -12.12 25.48 5.40
C THR A 95 -10.90 24.75 4.84
N CYS A 96 -10.62 23.56 5.40
CA CYS A 96 -9.46 22.81 4.97
C CYS A 96 -9.76 21.31 4.86
N ALA A 97 -11.01 20.96 4.59
CA ALA A 97 -11.42 19.56 4.45
C ALA A 97 -12.02 19.26 3.09
N LEU A 98 -11.75 20.11 2.09
CA LEU A 98 -12.34 19.96 0.77
C LEU A 98 -11.34 19.49 -0.27
N GLU A 99 -10.07 19.36 0.09
CA GLU A 99 -9.02 19.34 -0.91
C GLU A 99 -8.84 17.98 -1.61
N PRO A 100 -8.80 16.83 -0.91
CA PRO A 100 -8.79 15.56 -1.67
C PRO A 100 -10.08 15.29 -2.41
N ILE A 101 -11.19 15.88 -1.99
CA ILE A 101 -12.45 15.75 -2.74
C ILE A 101 -12.32 16.44 -4.09
N VAL A 102 -11.69 17.63 -4.12
CA VAL A 102 -11.47 18.32 -5.38
C VAL A 102 -10.49 17.57 -6.26
N LYS A 103 -9.43 17.02 -5.65
CA LYS A 103 -8.46 16.25 -6.43
C LYS A 103 -9.07 14.95 -6.94
N LYS A 104 -10.03 14.38 -6.19
CA LYS A 104 -10.69 13.15 -6.61
C LYS A 104 -11.68 13.42 -7.73
N LEU A 105 -12.39 14.56 -7.68
CA LEU A 105 -13.26 14.94 -8.79
C LEU A 105 -12.45 15.22 -10.05
N ALA A 106 -11.25 15.79 -9.88
CA ALA A 106 -10.34 15.96 -11.01
C ALA A 106 -9.95 14.61 -11.60
N GLY A 107 -9.67 13.62 -10.75
CA GLY A 107 -9.39 12.29 -11.24
C GLY A 107 -10.58 11.63 -11.94
N TYR A 108 -11.79 11.87 -11.43
CA TYR A 108 -13.01 11.36 -12.07
C TYR A 108 -13.16 11.94 -13.48
N LEU A 109 -13.07 13.26 -13.60
CA LEU A 109 -13.19 13.90 -14.92
C LEU A 109 -12.08 13.48 -15.86
N THR A 110 -10.88 13.26 -15.31
CA THR A 110 -9.74 12.88 -16.14
C THR A 110 -9.92 11.47 -16.71
N THR A 111 -10.29 10.50 -15.88
CA THR A 111 -10.50 9.15 -16.39
C THR A 111 -11.73 9.07 -17.30
N LEU A 112 -12.75 9.89 -17.01
CA LEU A 112 -13.93 9.96 -17.87
C LEU A 112 -13.56 10.46 -19.25
N GLU A 113 -12.68 11.45 -19.35
CA GLU A 113 -12.28 11.92 -20.67
C GLU A 113 -11.34 10.93 -21.34
N LEU A 114 -10.46 10.29 -20.57
CA LEU A 114 -9.47 9.39 -21.15
C LEU A 114 -10.08 8.11 -21.69
N GLU A 115 -11.26 7.68 -21.20
CA GLU A 115 -11.85 6.48 -21.77
C GLU A 115 -13.18 6.67 -22.49
N SER A 116 -13.78 7.85 -22.45
CA SER A 116 -15.02 8.04 -23.19
C SER A 116 -14.93 9.08 -24.28
N SER A 117 -13.89 9.93 -24.27
CA SER A 117 -13.78 11.14 -25.10
C SER A 117 -15.01 12.02 -24.91
N PHE A 118 -15.15 12.51 -23.67
CA PHE A 118 -16.41 13.09 -23.21
C PHE A 118 -16.59 14.52 -23.70
N VAL A 119 -15.63 15.41 -23.42
CA VAL A 119 -15.89 16.84 -23.60
C VAL A 119 -15.44 17.34 -24.96
N SER A 120 -15.33 16.45 -25.95
CA SER A 120 -15.04 16.91 -27.31
C SER A 120 -16.23 17.62 -27.97
N MET A 121 -17.40 17.64 -27.34
CA MET A 121 -18.57 18.30 -27.89
C MET A 121 -19.30 18.99 -26.75
N GLU A 122 -20.00 20.08 -27.09
CA GLU A 122 -20.64 20.93 -26.09
C GLU A 122 -21.78 20.25 -25.36
N GLU A 123 -22.47 19.30 -26.02
CA GLU A 123 -23.68 18.72 -25.43
C GLU A 123 -23.37 17.88 -24.19
N SER A 124 -22.20 17.26 -24.15
CA SER A 124 -21.77 16.58 -22.94
C SER A 124 -21.55 17.57 -21.81
N LYS A 125 -20.95 18.71 -22.13
CA LYS A 125 -20.75 19.75 -21.13
C LYS A 125 -22.08 20.34 -20.65
N GLN A 126 -23.09 20.33 -21.53
CA GLN A 126 -24.41 20.78 -21.11
C GLN A 126 -25.06 19.75 -20.21
N LYS A 127 -24.86 18.46 -20.49
CA LYS A 127 -25.32 17.40 -19.60
C LYS A 127 -24.61 17.45 -18.26
N LEU A 128 -23.41 18.01 -18.23
CA LEU A 128 -22.59 18.13 -17.04
C LEU A 128 -23.08 19.18 -16.05
N VAL A 129 -24.12 19.95 -16.38
CA VAL A 129 -24.63 21.03 -15.52
C VAL A 129 -25.51 20.54 -14.37
N PRO A 130 -26.51 19.65 -14.56
CA PRO A 130 -27.24 19.15 -13.38
C PRO A 130 -26.39 18.29 -12.46
N ILE A 131 -25.28 17.75 -12.97
CA ILE A 131 -24.26 17.14 -12.10
C ILE A 131 -23.77 18.15 -11.09
N MET A 132 -23.47 19.38 -11.54
CA MET A 132 -23.08 20.43 -10.61
C MET A 132 -24.19 20.78 -9.64
N THR A 133 -25.45 20.78 -10.10
CA THR A 133 -26.52 21.13 -9.16
C THR A 133 -26.68 20.08 -8.08
N ILE A 134 -26.62 18.80 -8.46
CA ILE A 134 -26.77 17.69 -7.51
C ILE A 134 -25.60 17.66 -6.54
N LEU A 135 -24.37 17.90 -7.03
CA LEU A 135 -23.22 17.89 -6.13
C LEU A 135 -23.24 19.08 -5.19
N LEU A 136 -23.60 20.27 -5.69
CA LEU A 136 -23.67 21.46 -4.87
C LEU A 136 -24.74 21.35 -3.79
N GLU A 137 -25.80 20.59 -4.05
CA GLU A 137 -26.76 20.41 -2.98
C GLU A 137 -26.33 19.29 -2.03
N GLU A 138 -25.81 18.18 -2.57
CA GLU A 138 -25.58 16.99 -1.76
C GLU A 138 -24.31 17.06 -0.92
N LEU A 139 -23.35 17.91 -1.28
CA LEU A 139 -22.25 18.17 -0.36
C LEU A 139 -22.75 18.84 0.90
N ASN A 140 -23.69 19.78 0.77
CA ASN A 140 -24.26 20.42 1.95
C ASN A 140 -25.30 19.56 2.63
N ALA A 141 -25.84 18.55 1.94
CA ALA A 141 -26.88 17.73 2.55
C ALA A 141 -26.29 16.78 3.59
N SER A 142 -25.46 15.84 3.16
CA SER A 142 -24.84 14.91 4.10
C SER A 142 -23.37 14.69 3.77
N GLY A 143 -22.80 15.42 2.82
CA GLY A 143 -21.40 15.29 2.51
C GLY A 143 -21.03 14.00 1.80
N ARG A 144 -22.00 13.32 1.20
CA ARG A 144 -21.69 12.10 0.46
C ARG A 144 -22.56 12.03 -0.78
N CYS A 145 -21.97 11.51 -1.84
CA CYS A 145 -22.58 11.51 -3.18
C CYS A 145 -22.35 10.15 -3.80
N THR A 146 -23.43 9.46 -4.14
CA THR A 146 -23.38 8.18 -4.85
C THR A 146 -24.24 8.34 -6.09
N LEU A 147 -23.64 8.88 -7.15
CA LEU A 147 -24.44 9.30 -8.31
C LEU A 147 -23.88 8.67 -9.56
N PRO A 148 -24.67 7.87 -10.28
CA PRO A 148 -24.20 7.29 -11.56
C PRO A 148 -24.25 8.33 -12.67
N ILE A 149 -23.08 8.80 -13.11
CA ILE A 149 -23.05 9.77 -14.19
C ILE A 149 -22.93 9.10 -15.54
N ASP A 150 -22.31 7.94 -15.61
CA ASP A 150 -22.15 7.22 -16.86
C ASP A 150 -22.35 5.75 -16.53
N GLU A 151 -22.33 4.91 -17.58
CA GLU A 151 -22.37 3.47 -17.38
C GLU A 151 -21.08 2.93 -16.76
N SER A 152 -19.99 3.70 -16.79
CA SER A 152 -18.72 3.25 -16.21
C SER A 152 -18.24 4.13 -15.07
N ASN A 153 -19.05 5.06 -14.59
CA ASN A 153 -18.65 5.92 -13.46
C ASN A 153 -19.86 6.26 -12.61
N THR A 154 -19.90 5.69 -11.42
CA THR A 154 -20.74 6.19 -10.34
C THR A 154 -19.81 6.95 -9.40
N ILE A 155 -19.96 8.27 -9.36
CA ILE A 155 -19.11 9.06 -8.49
C ILE A 155 -19.51 8.84 -7.04
N HIS A 156 -18.50 8.59 -6.20
CA HIS A 156 -18.64 8.40 -4.76
C HIS A 156 -17.82 9.48 -4.07
N LEU A 157 -18.47 10.24 -3.21
CA LEU A 157 -17.82 11.34 -2.50
C LEU A 157 -18.20 11.30 -1.03
N LYS A 158 -17.25 11.60 -0.15
CA LYS A 158 -17.49 11.67 1.29
C LYS A 158 -16.60 12.75 1.88
N VAL A 159 -17.16 13.51 2.82
CA VAL A 159 -16.42 14.56 3.53
C VAL A 159 -15.86 13.99 4.82
N ILE A 160 -14.56 14.19 5.03
CA ILE A 160 -13.87 13.78 6.25
C ILE A 160 -13.70 15.02 7.12
N GLU A 161 -14.10 14.92 8.39
CA GLU A 161 -13.99 16.05 9.31
C GLU A 161 -12.53 16.37 9.65
N GLN A 162 -11.65 15.36 9.59
CA GLN A 162 -10.20 15.49 9.80
C GLN A 162 -9.91 16.04 11.21
N ARG A 163 -10.18 15.18 12.19
CA ARG A 163 -9.90 15.50 13.58
C ARG A 163 -8.40 15.74 13.78
N PRO A 164 -8.02 16.81 14.49
CA PRO A 164 -6.62 17.27 14.46
C PRO A 164 -5.63 16.42 15.24
N ASP A 165 -4.40 16.93 15.33
CA ASP A 165 -3.24 16.12 15.63
C ASP A 165 -3.22 15.63 17.07
N PRO A 166 -2.66 14.45 17.32
CA PRO A 166 -2.74 13.85 18.65
C PRO A 166 -1.53 14.20 19.50
N PRO A 167 -1.60 14.04 20.84
CA PRO A 167 -0.41 14.22 21.68
C PRO A 167 0.42 12.95 21.75
N VAL A 168 1.45 12.96 22.60
CA VAL A 168 2.27 11.77 22.83
C VAL A 168 1.78 11.07 24.10
N ALA A 169 1.59 9.76 24.01
CA ALA A 169 1.16 8.97 25.15
C ALA A 169 2.36 8.34 25.83
N GLN A 170 2.41 8.46 27.15
CA GLN A 170 3.42 7.79 27.96
C GLN A 170 2.85 6.45 28.42
N GLU A 171 3.49 5.83 29.40
CA GLU A 171 3.02 4.55 29.88
C GLU A 171 2.79 4.54 31.39
N TYR A 172 3.04 5.65 32.07
CA TYR A 172 2.59 5.81 33.45
C TYR A 172 1.19 6.38 33.52
N ASP A 173 0.52 6.51 32.39
CA ASP A 173 -0.72 7.25 32.21
C ASP A 173 -1.93 6.43 32.68
N VAL A 174 -3.06 7.10 32.86
CA VAL A 174 -4.35 6.46 33.07
C VAL A 174 -5.33 7.01 32.05
N PRO A 175 -5.89 6.19 31.17
CA PRO A 175 -6.88 6.67 30.21
C PRO A 175 -8.30 6.49 30.72
N VAL A 176 -9.20 7.35 30.24
CA VAL A 176 -10.62 7.22 30.50
C VAL A 176 -11.37 7.44 29.20
N PHE A 177 -12.21 6.48 28.84
CA PHE A 177 -13.13 6.64 27.73
C PHE A 177 -14.29 7.52 28.18
N THR A 178 -14.42 8.69 27.53
CA THR A 178 -15.39 9.69 27.96
C THR A 178 -16.81 9.22 27.72
N LYS A 179 -17.04 8.54 26.61
CA LYS A 179 -18.35 8.05 26.22
C LYS A 179 -18.57 6.68 26.87
N ASP A 180 -19.56 5.92 26.43
CA ASP A 180 -19.79 4.58 26.96
C ASP A 180 -19.42 3.50 25.95
N LYS A 181 -19.23 2.29 26.48
CA LYS A 181 -18.71 1.19 25.67
C LYS A 181 -19.73 0.60 24.72
N GLU A 182 -21.02 0.65 25.07
CA GLU A 182 -22.07 -0.06 24.35
C GLU A 182 -22.57 0.67 23.11
N ASP A 183 -21.94 1.77 22.72
CA ASP A 183 -22.36 2.56 21.56
C ASP A 183 -21.79 2.03 20.24
N PHE A 184 -21.17 0.85 20.26
CA PHE A 184 -20.44 0.35 19.12
C PHE A 184 -20.75 -1.12 18.92
N PHE A 185 -20.52 -1.60 17.70
CA PHE A 185 -20.59 -3.03 17.44
C PHE A 185 -19.44 -3.71 18.18
N ASN A 186 -19.73 -4.84 18.81
CA ASN A 186 -18.64 -5.63 19.37
C ASN A 186 -17.82 -6.27 18.27
N SER A 187 -18.46 -6.62 17.16
CA SER A 187 -17.78 -7.23 16.02
C SER A 187 -16.92 -6.25 15.23
N GLN A 188 -17.07 -4.95 15.44
CA GLN A 188 -16.41 -3.99 14.56
C GLN A 188 -15.41 -3.16 15.36
N TRP A 189 -14.22 -3.74 15.53
CA TRP A 189 -13.02 -3.06 16.00
C TRP A 189 -11.84 -3.82 15.42
N ASP A 190 -10.64 -3.30 15.61
CA ASP A 190 -9.49 -4.16 15.39
C ASP A 190 -9.36 -5.15 16.54
N LEU A 191 -8.58 -6.19 16.30
CA LEU A 191 -8.56 -7.30 17.25
C LEU A 191 -7.74 -6.98 18.48
N THR A 192 -6.71 -6.14 18.35
CA THR A 192 -5.98 -5.66 19.53
C THR A 192 -6.89 -4.82 20.41
N THR A 193 -7.72 -3.99 19.78
CA THR A 193 -8.69 -3.22 20.54
C THR A 193 -9.77 -4.11 21.15
N GLN A 194 -10.14 -5.21 20.49
CA GLN A 194 -11.03 -6.15 21.17
C GLN A 194 -10.33 -6.89 22.29
N GLN A 195 -9.02 -7.04 22.23
CA GLN A 195 -8.27 -7.68 23.29
C GLN A 195 -7.97 -6.75 24.45
N ILE A 196 -8.20 -5.45 24.32
CA ILE A 196 -8.00 -4.53 25.43
C ILE A 196 -9.32 -3.95 25.95
N LEU A 197 -10.29 -3.67 25.08
CA LEU A 197 -11.53 -2.98 25.41
C LEU A 197 -12.46 -3.55 26.50
N PRO A 198 -12.43 -4.85 26.83
CA PRO A 198 -13.04 -5.26 28.10
C PRO A 198 -12.37 -4.67 29.34
N TYR A 199 -11.13 -4.20 29.24
CA TYR A 199 -10.44 -3.60 30.37
C TYR A 199 -9.86 -2.26 29.93
N ILE A 200 -10.66 -1.20 30.03
CA ILE A 200 -10.21 0.16 29.79
C ILE A 200 -10.38 1.03 31.04
N ASP A 201 -11.49 0.86 31.76
CA ASP A 201 -11.72 1.66 32.95
C ASP A 201 -10.83 1.25 34.11
N GLY A 202 -10.15 0.12 34.01
CA GLY A 202 -9.02 -0.18 34.89
C GLY A 202 -7.91 0.83 34.64
N PHE A 203 -7.25 1.28 35.70
CA PHE A 203 -6.65 2.61 35.64
C PHE A 203 -5.27 2.62 34.97
N ARG A 204 -4.26 1.99 35.56
CA ARG A 204 -2.93 2.31 35.03
C ARG A 204 -2.47 1.28 34.01
N HIS A 205 -1.42 1.65 33.29
CA HIS A 205 -1.19 1.07 31.98
C HIS A 205 -0.34 -0.19 32.03
N ILE A 206 0.70 -0.21 32.87
CA ILE A 206 1.48 -1.44 33.00
C ILE A 206 0.69 -2.46 33.80
N GLN A 207 -0.32 -2.03 34.56
CA GLN A 207 -1.30 -2.98 35.06
C GLN A 207 -2.14 -3.55 33.93
N LYS A 208 -2.67 -2.70 33.03
CA LYS A 208 -3.64 -3.21 32.08
C LYS A 208 -3.02 -4.13 31.04
N ILE A 209 -1.78 -3.82 30.60
CA ILE A 209 -1.16 -4.62 29.55
C ILE A 209 -0.87 -6.04 30.03
N SER A 210 -0.18 -6.18 31.16
CA SER A 210 0.17 -7.47 31.68
C SER A 210 -0.95 -8.11 32.50
N ALA A 211 -2.06 -7.39 32.74
CA ALA A 211 -3.16 -7.98 33.48
C ALA A 211 -4.19 -8.61 32.58
N GLU A 212 -4.59 -7.93 31.49
CA GLU A 212 -5.47 -8.60 30.54
C GLU A 212 -5.02 -8.55 29.10
N ALA A 213 -4.15 -7.63 28.71
CA ALA A 213 -3.94 -7.45 27.28
C ALA A 213 -3.00 -8.50 26.72
N ASP A 214 -1.92 -8.79 27.45
CA ASP A 214 -0.85 -9.71 27.02
C ASP A 214 -0.28 -9.30 25.67
N VAL A 215 -0.03 -8.00 25.51
CA VAL A 215 0.43 -7.44 24.25
C VAL A 215 1.78 -6.77 24.45
N GLU A 216 2.28 -6.12 23.40
CA GLU A 216 3.57 -5.45 23.45
C GLU A 216 3.37 -3.96 23.66
N LEU A 217 4.37 -3.36 24.29
CA LEU A 217 4.25 -2.04 24.90
C LEU A 217 4.08 -0.96 23.85
N ASN A 218 4.90 -0.98 22.81
CA ASN A 218 4.79 0.04 21.77
C ASN A 218 3.51 -0.16 20.96
N LEU A 219 3.04 -1.41 20.85
CA LEU A 219 1.79 -1.69 20.15
C LEU A 219 0.60 -1.09 20.86
N VAL A 220 0.48 -1.34 22.17
CA VAL A 220 -0.65 -0.78 22.90
C VAL A 220 -0.50 0.73 23.06
N ARG A 221 0.73 1.26 23.05
CA ARG A 221 0.93 2.70 23.15
C ARG A 221 0.48 3.42 21.88
N ILE A 222 0.81 2.87 20.71
CA ILE A 222 0.32 3.54 19.51
C ILE A 222 -1.17 3.27 19.28
N ALA A 223 -1.70 2.14 19.78
CA ALA A 223 -3.13 1.88 19.66
C ALA A 223 -3.95 2.84 20.52
N ILE A 224 -3.49 3.08 21.75
CA ILE A 224 -4.18 4.05 22.58
C ILE A 224 -3.95 5.46 22.07
N GLN A 225 -2.85 5.71 21.35
CA GLN A 225 -2.68 7.04 20.75
C GLN A 225 -3.69 7.25 19.62
N ASN A 226 -4.03 6.19 18.88
CA ASN A 226 -5.10 6.34 17.89
C ASN A 226 -6.48 6.46 18.55
N LEU A 227 -6.67 5.82 19.70
CA LEU A 227 -7.89 6.05 20.47
C LEU A 227 -8.01 7.49 20.95
N LEU A 228 -6.89 8.09 21.37
CA LEU A 228 -6.90 9.50 21.72
C LEU A 228 -7.14 10.37 20.50
N TYR A 229 -6.70 9.90 19.34
CA TYR A 229 -7.01 10.59 18.10
C TYR A 229 -8.50 10.54 17.80
N TYR A 230 -9.24 9.56 18.31
CA TYR A 230 -10.70 9.60 18.20
C TYR A 230 -11.43 10.02 19.48
N GLY A 231 -11.36 9.23 20.56
CA GLY A 231 -12.32 9.46 21.62
C GLY A 231 -12.02 9.22 23.10
N VAL A 232 -10.75 9.15 23.50
CA VAL A 232 -10.38 8.84 24.88
C VAL A 232 -9.57 10.03 25.40
N VAL A 233 -9.54 10.22 26.72
CA VAL A 233 -8.74 11.29 27.32
C VAL A 233 -7.81 10.70 28.39
N THR A 234 -6.52 11.05 28.31
CA THR A 234 -5.51 10.68 29.28
C THR A 234 -5.56 11.57 30.53
N LEU A 235 -4.96 11.05 31.60
CA LEU A 235 -4.74 11.75 32.87
C LEU A 235 -3.72 10.94 33.67
N VAL A 236 -3.49 11.33 34.91
CA VAL A 236 -2.49 10.69 35.77
C VAL A 236 -3.19 9.84 36.81
N SER A 237 -2.40 9.07 37.56
CA SER A 237 -2.96 7.98 38.35
C SER A 237 -3.66 8.49 39.60
N ILE A 238 -4.30 7.55 40.31
CA ILE A 238 -5.17 7.87 41.43
C ILE A 238 -4.63 7.30 42.73
N LEU A 239 -3.30 7.27 42.82
CA LEU A 239 -2.64 6.95 44.09
C LEU A 239 -3.03 7.98 45.14
N GLN A 240 -3.39 7.50 46.33
CA GLN A 240 -4.05 8.36 47.31
C GLN A 240 -3.02 9.20 48.02
N TYR A 241 -2.98 10.48 47.68
CA TYR A 241 -1.97 11.38 48.24
C TYR A 241 -2.45 11.95 49.57
N SER A 242 -3.57 12.67 49.53
CA SER A 242 -4.17 13.13 50.77
C SER A 242 -4.85 11.98 51.49
N ASN A 243 -5.10 12.18 52.77
CA ASN A 243 -5.89 11.23 53.55
C ASN A 243 -6.90 12.02 54.37
N VAL A 244 -6.57 13.28 54.65
CA VAL A 244 -7.39 14.14 55.50
C VAL A 244 -8.38 14.92 54.66
N TYR A 245 -8.50 14.55 53.40
CA TYR A 245 -9.59 15.07 52.57
C TYR A 245 -10.93 14.52 53.04
N CYS A 246 -10.91 13.36 53.67
CA CYS A 246 -12.11 12.58 54.01
C CYS A 246 -13.19 13.29 54.84
N PRO A 247 -12.89 13.93 56.03
CA PRO A 247 -13.94 14.05 57.05
C PRO A 247 -15.10 15.01 56.78
N THR A 248 -15.25 15.50 55.57
CA THR A 248 -16.52 16.15 55.29
C THR A 248 -17.45 15.16 54.61
N PRO A 249 -18.68 14.97 55.10
CA PRO A 249 -19.57 13.94 54.54
C PRO A 249 -20.02 14.27 53.12
N LYS A 250 -20.29 13.21 52.37
CA LYS A 250 -20.52 13.30 50.93
C LYS A 250 -21.23 12.02 50.48
N VAL A 251 -21.36 11.84 49.17
CA VAL A 251 -21.90 10.62 48.58
C VAL A 251 -21.00 10.20 47.41
N GLN A 252 -20.02 9.35 47.69
CA GLN A 252 -19.31 8.50 46.72
C GLN A 252 -18.59 9.29 45.63
N ASP A 253 -17.60 10.07 46.05
CA ASP A 253 -16.85 10.96 45.18
C ASP A 253 -15.36 10.84 45.44
N LEU A 254 -14.85 9.62 45.48
CA LEU A 254 -13.43 9.43 45.78
C LEU A 254 -12.64 8.78 44.65
N VAL A 255 -13.04 7.60 44.18
CA VAL A 255 -12.26 6.90 43.16
C VAL A 255 -12.58 7.44 41.78
N ASP A 256 -13.86 7.69 41.50
CA ASP A 256 -14.29 8.13 40.18
C ASP A 256 -14.14 9.63 39.99
N ASP A 257 -14.29 10.39 41.09
CA ASP A 257 -14.41 11.84 41.01
C ASP A 257 -13.14 12.48 40.48
N LYS A 258 -11.98 11.98 40.88
CA LYS A 258 -10.74 12.65 40.51
C LYS A 258 -10.39 12.41 39.05
N SER A 259 -10.62 11.20 38.56
CA SER A 259 -10.48 10.91 37.14
C SER A 259 -11.43 11.77 36.32
N LEU A 260 -12.67 11.92 36.80
CA LEU A 260 -13.65 12.74 36.08
C LEU A 260 -13.25 14.22 36.08
N GLN A 261 -12.83 14.73 37.23
CA GLN A 261 -12.49 16.14 37.35
C GLN A 261 -11.23 16.50 36.58
N GLU A 262 -10.26 15.61 36.53
CA GLU A 262 -9.08 15.90 35.72
C GLU A 262 -9.32 15.66 34.24
N ALA A 263 -10.26 14.77 33.89
CA ALA A 263 -10.73 14.71 32.51
C ALA A 263 -11.50 15.97 32.13
N CYS A 264 -12.09 16.65 33.11
CA CYS A 264 -12.70 17.96 32.92
C CYS A 264 -11.68 19.08 33.10
N LEU A 265 -10.44 18.73 33.46
CA LEU A 265 -9.25 19.60 33.47
C LEU A 265 -9.45 20.85 34.33
N SER A 266 -9.55 20.62 35.64
CA SER A 266 -9.76 21.70 36.58
C SER A 266 -8.87 21.56 37.81
N TYR A 267 -7.68 20.96 37.65
CA TYR A 267 -6.71 20.98 38.74
C TYR A 267 -5.30 21.14 38.19
N VAL A 268 -4.38 21.37 39.11
CA VAL A 268 -2.97 21.14 38.86
C VAL A 268 -2.69 19.66 39.10
N THR A 269 -1.51 19.21 38.66
CA THR A 269 -1.20 17.78 38.65
C THR A 269 -1.04 17.24 40.07
N LYS A 270 -0.33 17.96 40.92
CA LYS A 270 -0.26 17.59 42.33
C LYS A 270 -1.60 17.88 42.99
N GLN A 271 -2.47 16.87 43.08
CA GLN A 271 -3.74 17.08 43.77
C GLN A 271 -3.56 17.23 45.27
N GLY A 272 -2.43 16.76 45.83
CA GLY A 272 -1.93 17.27 47.09
C GLY A 272 -2.77 16.91 48.29
N HIS A 273 -2.99 17.89 49.18
CA HIS A 273 -3.87 17.70 50.33
C HIS A 273 -4.71 18.94 50.63
N LYS A 274 -4.94 19.82 49.66
CA LYS A 274 -5.90 20.91 49.82
C LYS A 274 -6.81 21.15 48.61
N ARG A 275 -6.38 20.75 47.40
CA ARG A 275 -7.12 21.01 46.16
C ARG A 275 -8.49 20.36 46.19
N ALA A 276 -8.53 19.09 46.58
CA ALA A 276 -9.75 18.30 46.56
C ALA A 276 -10.78 18.84 47.54
N SER A 277 -10.34 19.25 48.74
CA SER A 277 -11.29 19.74 49.74
C SER A 277 -11.80 21.13 49.37
N LEU A 278 -10.92 21.96 48.79
CA LEU A 278 -11.37 23.26 48.30
C LEU A 278 -12.37 23.13 47.17
N ARG A 279 -12.26 22.09 46.34
CA ARG A 279 -13.27 21.90 45.31
C ARG A 279 -14.49 21.17 45.86
N ASP A 280 -14.29 20.36 46.91
CA ASP A 280 -15.34 19.54 47.48
C ASP A 280 -16.37 20.40 48.19
N VAL A 281 -15.92 21.38 48.98
CA VAL A 281 -16.89 22.24 49.68
C VAL A 281 -17.63 23.11 48.68
N PHE A 282 -16.96 23.49 47.58
CA PHE A 282 -17.61 24.19 46.48
C PHE A 282 -18.72 23.35 45.87
N GLN A 283 -18.45 22.08 45.61
CA GLN A 283 -19.49 21.22 45.05
C GLN A 283 -20.56 20.90 46.08
N LEU A 284 -20.20 20.91 47.35
CA LEU A 284 -21.13 20.53 48.41
C LEU A 284 -22.18 21.61 48.61
N TYR A 285 -21.76 22.87 48.52
CA TYR A 285 -22.72 23.95 48.72
C TYR A 285 -23.23 24.55 47.42
N CYS A 286 -22.53 24.36 46.32
CA CYS A 286 -23.06 24.68 44.99
C CYS A 286 -23.63 23.42 44.33
N SER A 287 -24.48 22.73 45.07
CA SER A 287 -25.10 21.54 44.55
C SER A 287 -26.53 21.87 44.16
N GLN A 315 -18.63 2.58 55.36
CA GLN A 315 -17.32 2.18 55.84
C GLN A 315 -16.24 2.36 54.77
N PHE A 316 -15.18 1.56 54.88
CA PHE A 316 -13.98 1.77 54.10
C PHE A 316 -14.08 1.21 52.69
N GLY A 317 -13.45 1.91 51.76
CA GLY A 317 -13.15 1.36 50.46
C GLY A 317 -11.70 0.91 50.43
N LEU A 318 -11.21 0.43 51.59
CA LEU A 318 -9.83 0.01 51.85
C LEU A 318 -8.86 1.16 51.52
N MET A 319 -8.94 2.18 52.35
CA MET A 319 -8.36 3.49 52.10
C MET A 319 -6.84 3.54 52.24
N LYS A 320 -6.16 2.41 52.29
CA LYS A 320 -4.72 2.38 52.46
C LYS A 320 -3.98 1.74 51.29
N ASN A 321 -4.42 0.60 50.82
CA ASN A 321 -3.51 -0.31 50.12
C ASN A 321 -4.03 -0.67 48.74
N LEU A 322 -4.37 0.33 47.94
CA LEU A 322 -4.53 0.14 46.50
C LEU A 322 -3.19 0.08 45.77
N ILE A 323 -2.08 0.17 46.50
CA ILE A 323 -0.78 0.39 45.91
C ILE A 323 0.16 -0.80 46.11
N ARG A 324 -0.12 -1.67 47.08
CA ARG A 324 0.56 -2.95 47.11
C ARG A 324 0.10 -3.86 45.98
N ARG A 325 -1.08 -3.59 45.43
CA ARG A 325 -1.58 -4.22 44.21
C ARG A 325 -0.99 -3.58 42.96
N LEU A 326 -0.22 -2.49 43.10
CA LEU A 326 0.28 -1.74 41.94
C LEU A 326 1.53 -2.39 41.34
N GLN A 327 1.40 -3.65 40.93
CA GLN A 327 2.32 -4.28 39.99
C GLN A 327 1.55 -5.38 39.25
N LYS A 328 2.24 -6.17 38.44
CA LYS A 328 1.61 -7.32 37.82
C LYS A 328 1.44 -8.43 38.86
N TYR A 329 0.27 -9.04 38.88
CA TYR A 329 0.04 -10.24 39.68
C TYR A 329 -0.25 -11.41 38.76
N PRO A 330 0.54 -12.50 38.82
CA PRO A 330 0.29 -13.70 38.00
C PRO A 330 -0.96 -14.45 38.43
N TYR A 345 -25.63 8.38 45.10
CA TYR A 345 -26.91 7.75 45.37
C TYR A 345 -26.79 6.24 45.24
N THR A 346 -27.92 5.60 44.93
CA THR A 346 -27.92 4.15 44.72
C THR A 346 -27.38 3.82 43.33
N GLY A 347 -27.79 4.57 42.32
CA GLY A 347 -27.04 4.61 41.08
C GLY A 347 -25.81 5.48 41.26
N CYS A 348 -24.73 5.11 40.57
CA CYS A 348 -23.42 5.70 40.82
C CYS A 348 -23.36 7.14 40.33
N HIS A 349 -22.94 8.05 41.21
CA HIS A 349 -23.10 9.49 40.99
C HIS A 349 -21.74 10.15 40.79
N SER A 350 -21.27 10.14 39.55
CA SER A 350 -20.13 10.94 39.13
C SER A 350 -20.37 11.63 37.80
N TYR A 351 -21.59 11.54 37.25
CA TYR A 351 -21.94 12.22 36.02
C TYR A 351 -23.07 13.22 36.15
N ASP A 352 -24.02 12.98 37.06
CA ASP A 352 -25.29 13.69 37.12
C ASP A 352 -25.10 15.18 37.36
N GLU A 353 -24.60 15.54 38.54
CA GLU A 353 -24.53 16.95 38.90
C GLU A 353 -23.46 17.67 38.10
N ILE A 354 -22.38 16.98 37.72
CA ILE A 354 -21.33 17.65 36.97
C ILE A 354 -21.79 17.96 35.54
N CYS A 355 -22.60 17.08 34.94
CA CYS A 355 -23.11 17.38 33.60
C CYS A 355 -24.19 18.45 33.64
N CYS A 356 -25.06 18.38 34.66
CA CYS A 356 -26.09 19.40 34.84
C CYS A 356 -25.49 20.77 35.06
N LYS A 357 -24.31 20.83 35.69
CA LYS A 357 -23.52 22.05 35.63
C LYS A 357 -23.02 22.30 34.22
N THR A 358 -22.23 21.36 33.68
CA THR A 358 -21.37 21.51 32.50
C THR A 358 -22.12 22.04 31.26
N GLY A 359 -23.44 21.83 31.21
CA GLY A 359 -24.27 22.54 30.24
C GLY A 359 -24.22 24.07 30.33
N MET A 360 -23.82 24.63 31.48
CA MET A 360 -23.65 26.06 31.68
C MET A 360 -22.16 26.42 31.70
N SER A 361 -21.84 27.70 32.02
CA SER A 361 -20.45 28.15 31.95
C SER A 361 -19.96 29.07 33.06
N TYR A 362 -20.81 29.52 34.00
CA TYR A 362 -20.34 30.42 35.05
C TYR A 362 -19.42 29.69 36.03
N HIS A 363 -19.78 28.46 36.40
CA HIS A 363 -18.94 27.60 37.21
C HIS A 363 -17.72 27.15 36.44
N GLU A 364 -17.85 27.01 35.11
CA GLU A 364 -16.67 26.63 34.35
C GLU A 364 -15.67 27.79 34.30
N LEU A 365 -16.13 29.04 34.40
CA LEU A 365 -15.20 30.11 34.74
C LEU A 365 -14.64 29.92 36.15
N ASP A 366 -15.54 29.70 37.12
CA ASP A 366 -15.21 29.73 38.55
C ASP A 366 -14.21 28.65 38.96
N GLU A 367 -14.10 27.58 38.17
CA GLU A 367 -13.00 26.64 38.40
C GLU A 367 -12.33 26.18 37.10
N ARG A 368 -12.35 27.00 36.05
CA ARG A 368 -11.36 26.90 35.00
C ARG A 368 -10.27 27.94 35.19
N LEU A 369 -10.51 28.94 36.03
CA LEU A 369 -9.35 29.60 36.65
C LEU A 369 -9.23 28.93 38.02
N GLU A 370 -8.54 27.79 38.04
CA GLU A 370 -8.84 26.77 39.04
C GLU A 370 -7.95 26.88 40.29
N ASN A 371 -6.63 26.90 40.12
CA ASN A 371 -5.70 26.77 41.23
C ASN A 371 -4.35 27.35 40.85
N ASP B 3 7.49 22.94 14.15
CA ASP B 3 8.50 23.92 13.80
C ASP B 3 7.89 25.20 13.24
N ASN B 4 8.31 26.33 13.82
CA ASN B 4 7.91 27.66 13.36
C ASN B 4 8.99 28.30 12.48
N THR B 5 9.35 27.61 11.39
CA THR B 5 10.45 28.06 10.54
C THR B 5 9.96 28.83 9.33
N SER B 6 10.87 29.18 8.42
CA SER B 6 10.54 29.77 7.12
C SER B 6 11.64 29.45 6.15
N PRO B 7 11.42 28.47 5.25
CA PRO B 7 12.52 28.04 4.36
C PRO B 7 12.87 29.03 3.25
N ILE B 8 11.90 29.80 2.77
CA ILE B 8 12.10 30.60 1.56
C ILE B 8 11.64 32.03 1.79
N SER B 9 12.55 32.98 1.57
CA SER B 9 12.22 34.37 1.30
C SER B 9 12.79 34.75 -0.07
N VAL B 10 12.06 35.55 -0.83
CA VAL B 10 12.31 35.67 -2.26
C VAL B 10 11.71 36.97 -2.80
N ILE B 11 12.32 37.48 -3.87
CA ILE B 11 11.92 38.67 -4.62
C ILE B 11 12.04 38.31 -6.09
N LEU B 12 11.18 38.86 -6.95
CA LEU B 12 11.29 38.52 -8.37
C LEU B 12 11.06 39.75 -9.26
N VAL B 13 10.95 39.48 -10.56
CA VAL B 13 10.80 40.53 -11.57
C VAL B 13 10.07 39.99 -12.80
N SER B 14 8.97 40.66 -13.19
CA SER B 14 8.48 40.59 -14.57
C SER B 14 8.10 41.93 -15.18
N SER B 15 7.45 42.83 -14.44
CA SER B 15 6.80 44.02 -15.02
C SER B 15 6.95 45.23 -14.10
N GLY B 16 8.18 45.50 -13.64
CA GLY B 16 8.46 46.70 -12.86
C GLY B 16 8.13 47.99 -13.58
N SER B 17 7.62 48.97 -12.84
CA SER B 17 7.00 50.15 -13.44
C SER B 17 8.06 51.24 -13.66
N ARG B 18 8.83 51.06 -14.74
CA ARG B 18 9.94 51.96 -15.04
C ARG B 18 10.35 51.81 -16.50
N GLY B 19 11.38 52.56 -16.87
CA GLY B 19 11.91 52.54 -18.23
C GLY B 19 13.39 52.33 -18.47
N ASN B 20 14.26 52.56 -17.47
CA ASN B 20 15.70 52.57 -17.72
C ASN B 20 16.50 52.05 -16.53
N LYS B 21 17.77 51.72 -16.80
CA LYS B 21 18.81 51.36 -15.82
C LYS B 21 18.48 50.07 -15.08
N LEU B 22 17.79 49.15 -15.72
CA LEU B 22 17.39 47.92 -15.02
C LEU B 22 17.38 46.75 -15.98
N LEU B 23 16.70 45.68 -15.54
CA LEU B 23 16.91 44.32 -16.01
C LEU B 23 16.25 44.06 -17.38
N PHE B 24 15.45 45.01 -17.89
CA PHE B 24 14.57 44.80 -19.06
C PHE B 24 15.28 44.32 -20.33
N ARG B 25 16.36 44.99 -20.72
CA ARG B 25 17.02 44.72 -22.00
C ARG B 25 18.38 44.02 -21.88
N TYR B 26 19.21 44.41 -20.92
CA TYR B 26 20.46 43.72 -20.63
C TYR B 26 20.15 42.59 -19.66
N PRO B 27 21.11 41.74 -19.32
CA PRO B 27 20.93 40.82 -18.18
C PRO B 27 20.92 41.61 -16.88
N PHE B 28 20.58 40.89 -15.81
CA PHE B 28 19.94 41.49 -14.65
C PHE B 28 20.82 42.50 -13.91
N GLN B 29 20.22 43.66 -13.64
CA GLN B 29 20.87 44.90 -13.24
C GLN B 29 19.79 45.87 -12.82
N ARG B 30 20.00 46.56 -11.70
CA ARG B 30 18.99 47.49 -11.23
C ARG B 30 19.66 48.63 -10.48
N SER B 31 18.87 49.34 -9.67
CA SER B 31 19.26 50.58 -9.03
C SER B 31 20.46 50.40 -8.11
N GLN B 32 21.56 51.06 -8.46
CA GLN B 32 22.88 50.97 -7.80
C GLN B 32 23.43 49.55 -7.74
N GLU B 33 23.13 48.69 -8.74
CA GLU B 33 23.70 47.35 -8.75
C GLU B 33 23.75 46.79 -10.16
N HIS B 34 24.90 46.23 -10.55
CA HIS B 34 25.08 45.68 -11.89
C HIS B 34 25.69 44.28 -11.87
N PRO B 35 24.87 43.23 -11.65
CA PRO B 35 25.34 41.85 -11.86
C PRO B 35 25.01 41.33 -13.26
N ALA B 36 25.62 41.96 -14.27
CA ALA B 36 25.22 41.73 -15.66
C ALA B 36 25.72 40.38 -16.17
N SER B 37 25.32 40.08 -17.42
CA SER B 37 25.72 38.89 -18.17
C SER B 37 25.34 37.58 -17.47
N GLN B 38 24.09 37.52 -17.01
CA GLN B 38 23.35 36.32 -16.56
C GLN B 38 24.14 35.42 -15.61
N THR B 39 24.53 35.98 -14.48
CA THR B 39 25.23 35.22 -13.45
C THR B 39 24.24 34.37 -12.66
N SER B 40 24.63 33.90 -11.47
CA SER B 40 23.87 32.88 -10.73
C SER B 40 22.57 33.41 -10.08
N LYS B 41 22.07 34.56 -10.52
CA LYS B 41 20.72 35.08 -10.32
C LYS B 41 20.35 35.32 -8.86
N PRO B 42 20.90 36.37 -8.22
CA PRO B 42 20.46 36.67 -6.85
C PRO B 42 19.06 37.28 -6.79
N ARG B 43 18.09 36.43 -6.41
CA ARG B 43 16.72 36.83 -6.14
C ARG B 43 16.09 36.06 -5.00
N SER B 44 16.82 35.16 -4.35
CA SER B 44 16.27 34.28 -3.32
C SER B 44 17.11 34.41 -2.06
N ARG B 45 16.73 33.62 -1.06
CA ARG B 45 17.25 33.74 0.30
C ARG B 45 18.76 33.53 0.49
N TYR B 46 19.26 32.31 0.26
CA TYR B 46 20.61 31.92 0.70
C TYR B 46 21.68 32.47 -0.24
N ALA B 47 22.13 33.69 0.08
CA ALA B 47 22.98 34.48 -0.81
C ALA B 47 23.88 35.38 0.01
N ALA B 48 25.19 35.15 -0.07
CA ALA B 48 26.16 36.07 0.51
C ALA B 48 26.29 37.30 -0.37
N SER B 49 26.10 38.47 0.23
CA SER B 49 25.82 39.70 -0.50
C SER B 49 26.91 40.74 -0.29
N ASN B 50 27.39 41.31 -1.39
CA ASN B 50 28.25 42.49 -1.40
C ASN B 50 27.85 43.29 -2.62
N THR B 51 28.62 44.33 -2.94
CA THR B 51 28.46 44.90 -4.27
C THR B 51 28.44 43.78 -5.30
N GLY B 52 29.18 42.70 -5.06
CA GLY B 52 29.05 41.47 -5.82
C GLY B 52 28.54 40.39 -4.89
N ASP B 53 27.70 39.51 -5.42
CA ASP B 53 26.99 38.59 -4.54
C ASP B 53 26.85 37.22 -5.18
N HIS B 54 26.87 36.18 -4.35
CA HIS B 54 26.72 34.82 -4.86
C HIS B 54 25.89 34.01 -3.89
N ALA B 55 25.12 33.08 -4.44
CA ALA B 55 24.12 32.34 -3.71
C ALA B 55 24.40 30.84 -3.81
N ASP B 56 23.47 30.02 -3.32
CA ASP B 56 23.40 28.65 -3.82
C ASP B 56 21.97 28.31 -4.25
N GLU B 57 21.86 27.50 -5.30
CA GLU B 57 20.56 27.07 -5.83
C GLU B 57 20.51 25.55 -5.74
N GLN B 58 20.17 25.03 -4.56
CA GLN B 58 20.29 23.59 -4.35
C GLN B 58 19.19 22.94 -3.52
N ASP B 59 18.45 23.67 -2.68
CA ASP B 59 17.79 23.02 -1.54
C ASP B 59 16.37 23.52 -1.35
N GLY B 60 15.40 22.67 -1.72
CA GLY B 60 14.00 22.90 -1.39
C GLY B 60 13.16 21.64 -1.16
N ASP B 61 13.80 20.46 -1.13
CA ASP B 61 13.23 19.18 -0.72
C ASP B 61 12.15 18.66 -1.69
N SER B 62 11.95 19.30 -2.83
CA SER B 62 10.76 19.07 -3.63
C SER B 62 11.04 19.55 -5.05
N ARG B 63 9.99 19.88 -5.79
CA ARG B 63 10.14 20.67 -7.01
C ARG B 63 10.61 22.10 -6.69
N PHE B 64 11.44 22.65 -7.59
CA PHE B 64 12.15 23.90 -7.34
C PHE B 64 11.76 25.02 -8.28
N SER B 65 12.08 24.86 -9.56
CA SER B 65 12.12 25.99 -10.46
C SER B 65 10.77 26.23 -11.09
N ASP B 66 9.93 25.20 -11.12
CA ASP B 66 8.53 25.40 -11.47
C ASP B 66 7.81 26.23 -10.42
N VAL B 67 8.16 26.03 -9.13
CA VAL B 67 7.64 26.89 -8.05
C VAL B 67 8.08 28.32 -8.29
N ILE B 68 9.37 28.52 -8.59
CA ILE B 68 9.88 29.88 -8.80
C ILE B 68 9.25 30.54 -10.01
N LEU B 69 9.34 29.90 -11.17
CA LEU B 69 8.88 30.42 -12.45
C LEU B 69 7.37 30.28 -12.63
N ALA B 70 6.65 29.81 -11.61
CA ALA B 70 5.21 29.98 -11.55
C ALA B 70 4.80 31.12 -10.63
N THR B 71 5.46 31.28 -9.48
CA THR B 71 5.10 32.38 -8.60
C THR B 71 5.59 33.73 -9.10
N ILE B 72 6.44 33.75 -10.15
CA ILE B 72 6.81 35.01 -10.82
C ILE B 72 5.56 35.79 -11.26
N LEU B 73 4.54 35.10 -11.76
CA LEU B 73 3.28 35.73 -12.12
C LEU B 73 2.14 35.36 -11.20
N ALA B 74 2.25 34.28 -10.43
CA ALA B 74 1.23 33.99 -9.43
C ALA B 74 1.28 34.99 -8.28
N THR B 75 2.41 35.66 -8.09
CA THR B 75 2.49 36.68 -7.05
C THR B 75 1.69 37.92 -7.42
N LYS B 76 1.78 38.36 -8.67
CA LYS B 76 1.38 39.71 -9.04
C LYS B 76 -0.14 39.78 -9.25
N SER B 77 -0.68 40.98 -9.07
CA SER B 77 -2.08 41.29 -9.31
C SER B 77 -2.19 42.77 -9.66
N GLU B 78 -3.41 43.29 -9.68
CA GLU B 78 -3.59 44.72 -9.84
C GLU B 78 -4.04 45.39 -8.54
N MET B 79 -4.97 44.80 -7.81
CA MET B 79 -5.39 45.37 -6.54
C MET B 79 -4.41 44.98 -5.43
N CYS B 80 -4.41 45.77 -4.36
CA CYS B 80 -3.48 45.59 -3.24
C CYS B 80 -4.17 44.97 -2.03
N GLY B 81 -3.34 44.51 -1.10
CA GLY B 81 -3.85 43.96 0.14
C GLY B 81 -3.11 42.73 0.62
N GLN B 82 -3.86 41.72 1.05
CA GLN B 82 -3.28 40.47 1.52
C GLN B 82 -3.13 39.47 0.38
N LYS B 83 -2.31 38.44 0.61
CA LYS B 83 -2.24 37.31 -0.30
C LYS B 83 -1.80 36.06 0.45
N PHE B 84 -2.73 35.11 0.62
CA PHE B 84 -2.45 33.80 1.17
C PHE B 84 -2.76 32.76 0.10
N GLU B 85 -1.86 31.78 -0.04
CA GLU B 85 -1.94 30.81 -1.15
C GLU B 85 -1.50 29.44 -0.62
N LEU B 86 -2.47 28.63 -0.22
CA LEU B 86 -2.19 27.26 0.22
C LEU B 86 -2.23 26.40 -1.02
N LYS B 87 -1.07 25.97 -1.50
CA LYS B 87 -1.15 25.44 -2.85
C LYS B 87 -1.53 23.96 -2.81
N ILE B 88 -0.55 23.09 -2.62
CA ILE B 88 -0.70 21.65 -2.46
C ILE B 88 -0.43 21.24 -1.03
N ASP B 89 -0.38 19.93 -0.81
CA ASP B 89 -0.23 19.17 0.42
C ASP B 89 0.65 19.81 1.50
N ASN B 90 1.80 20.38 1.12
CA ASN B 90 2.71 20.88 2.14
C ASN B 90 3.38 22.21 1.76
N VAL B 91 2.60 23.20 1.32
CA VAL B 91 3.15 24.54 1.07
C VAL B 91 2.06 25.61 1.20
N ARG B 92 2.38 26.67 1.94
CA ARG B 92 1.58 27.88 2.08
C ARG B 92 2.44 29.11 1.78
N PHE B 93 1.96 30.00 0.91
CA PHE B 93 2.65 31.24 0.61
C PHE B 93 1.92 32.41 1.25
N VAL B 94 2.71 33.31 1.83
CA VAL B 94 2.25 34.36 2.72
C VAL B 94 2.92 35.65 2.24
N GLY B 95 2.16 36.51 1.58
CA GLY B 95 2.71 37.76 1.05
C GLY B 95 1.65 38.82 0.91
N HIS B 96 1.95 40.00 1.44
CA HIS B 96 0.97 41.08 1.50
C HIS B 96 1.59 42.37 0.95
N PRO B 97 1.95 42.40 -0.32
CA PRO B 97 2.79 43.49 -0.81
C PRO B 97 1.96 44.73 -1.08
N THR B 98 2.62 45.75 -1.61
CA THR B 98 1.98 46.98 -2.03
C THR B 98 2.81 47.59 -3.16
N LEU B 99 2.57 48.87 -3.44
CA LEU B 99 3.37 49.65 -4.37
C LEU B 99 3.54 51.03 -3.77
N LEU B 100 4.21 51.90 -4.53
CA LEU B 100 4.05 53.35 -4.37
C LEU B 100 4.44 53.97 -5.70
N GLN B 101 3.44 54.31 -6.50
CA GLN B 101 3.65 55.05 -7.74
C GLN B 101 2.83 56.32 -7.66
N HIS B 102 3.46 57.45 -7.97
CA HIS B 102 2.80 58.74 -7.88
C HIS B 102 3.33 59.67 -8.95
N ALA B 103 2.42 60.51 -9.48
CA ALA B 103 2.76 61.46 -10.53
C ALA B 103 2.98 62.86 -9.95
N LEU B 104 4.01 62.94 -9.09
CA LEU B 104 4.51 64.19 -8.47
C LEU B 104 3.41 64.90 -7.67
N GLY B 105 2.89 64.18 -6.68
CA GLY B 105 1.87 64.73 -5.79
C GLY B 105 2.21 64.62 -4.31
N GLN B 106 3.15 63.72 -3.97
CA GLN B 106 3.68 63.42 -2.64
C GLN B 106 2.67 63.31 -1.51
N ILE B 107 1.43 62.91 -1.84
CA ILE B 107 0.29 62.81 -0.92
C ILE B 107 0.06 64.10 -0.11
N LYS B 115 14.67 59.18 0.17
CA LYS B 115 14.69 60.02 -1.02
C LYS B 115 14.46 59.24 -2.30
N ARG B 116 14.92 59.83 -3.39
CA ARG B 116 14.72 59.30 -4.73
C ARG B 116 15.88 59.81 -5.59
N GLU B 117 16.31 58.98 -6.54
CA GLU B 117 17.43 59.33 -7.42
C GLU B 117 17.09 59.20 -8.90
N ALA B 118 16.23 58.24 -9.23
CA ALA B 118 15.75 57.98 -10.57
C ALA B 118 14.37 57.41 -10.33
N PRO B 119 13.44 57.48 -11.28
CA PRO B 119 12.11 56.91 -11.04
C PRO B 119 12.15 55.39 -11.01
N THR B 120 12.69 54.82 -9.94
CA THR B 120 12.88 53.37 -9.84
C THR B 120 11.66 52.78 -9.15
N MET B 121 10.55 52.71 -9.89
CA MET B 121 9.26 52.26 -9.39
C MET B 121 8.94 50.84 -9.87
N ILE B 122 8.15 50.12 -9.09
CA ILE B 122 8.07 48.67 -9.17
C ILE B 122 6.75 48.19 -8.59
N LEU B 123 6.26 47.08 -9.14
CA LEU B 123 5.21 46.28 -8.52
C LEU B 123 5.92 45.17 -7.76
N PHE B 124 6.51 45.55 -6.62
CA PHE B 124 7.49 44.68 -5.96
C PHE B 124 6.84 43.52 -5.24
N ASN B 125 7.61 42.44 -5.11
CA ASN B 125 7.08 41.11 -4.80
C ASN B 125 7.94 40.39 -3.77
N VAL B 126 8.22 41.05 -2.65
CA VAL B 126 8.91 40.35 -1.56
C VAL B 126 7.93 39.45 -0.83
N VAL B 127 8.30 38.18 -0.68
CA VAL B 127 7.39 37.19 -0.12
C VAL B 127 8.20 36.04 0.47
N PHE B 128 7.73 35.55 1.61
CA PHE B 128 8.37 34.48 2.35
C PHE B 128 7.30 33.51 2.87
N ALA B 129 7.69 32.25 3.04
CA ALA B 129 6.71 31.17 3.16
C ALA B 129 7.07 30.22 4.30
N LEU B 130 6.24 29.19 4.45
CA LEU B 130 6.41 28.09 5.39
C LEU B 130 5.74 26.87 4.77
N ARG B 131 5.47 25.83 5.57
CA ARG B 131 4.77 24.65 5.07
C ARG B 131 3.64 24.21 6.00
N ALA B 132 2.44 24.74 5.74
CA ALA B 132 1.16 24.08 6.02
C ALA B 132 0.78 23.83 7.48
N ASN B 133 1.67 24.12 8.43
CA ASN B 133 1.42 23.75 9.83
C ASN B 133 1.89 24.86 10.78
N ALA B 134 1.50 26.10 10.47
CA ALA B 134 1.84 27.22 11.32
C ALA B 134 0.83 27.35 12.48
N ASP B 135 0.86 28.49 13.14
CA ASP B 135 -0.05 28.87 14.20
C ASP B 135 -0.70 30.19 13.80
N PRO B 136 -1.92 30.48 14.26
CA PRO B 136 -2.63 31.68 13.76
C PRO B 136 -1.98 33.01 14.14
N SER B 137 -1.49 33.13 15.37
CA SER B 137 -0.76 34.35 15.74
C SER B 137 0.57 34.45 15.01
N VAL B 138 1.19 33.31 14.68
CA VAL B 138 2.39 33.31 13.84
C VAL B 138 2.05 33.80 12.45
N ILE B 139 0.89 33.40 11.93
CA ILE B 139 0.44 33.83 10.61
C ILE B 139 0.23 35.35 10.58
N ASN B 140 -0.50 35.87 11.57
CA ASN B 140 -0.76 37.31 11.59
C ASN B 140 0.51 38.10 11.96
N CYS B 141 1.45 37.48 12.67
CA CYS B 141 2.71 38.17 12.95
C CYS B 141 3.58 38.24 11.71
N LEU B 142 3.58 37.19 10.89
CA LEU B 142 4.24 37.28 9.59
C LEU B 142 3.54 38.29 8.69
N HIS B 143 2.21 38.41 8.81
CA HIS B 143 1.46 39.41 8.07
C HIS B 143 1.93 40.83 8.40
N ASN B 144 1.84 41.21 9.67
CA ASN B 144 2.29 42.54 10.06
C ASN B 144 3.81 42.69 9.96
N LEU B 145 4.54 41.58 9.94
CA LEU B 145 5.98 41.63 9.72
C LEU B 145 6.29 42.06 8.29
N SER B 146 5.67 41.42 7.30
CA SER B 146 5.86 41.85 5.92
C SER B 146 5.29 43.25 5.70
N ARG B 147 4.24 43.59 6.45
CA ARG B 147 3.66 44.92 6.38
C ARG B 147 4.66 45.98 6.86
N ARG B 148 5.39 45.69 7.93
CA ARG B 148 6.37 46.67 8.38
C ARG B 148 7.63 46.61 7.52
N ILE B 149 7.83 45.50 6.81
CA ILE B 149 8.92 45.44 5.84
C ILE B 149 8.66 46.40 4.70
N ALA B 150 7.46 46.36 4.13
CA ALA B 150 7.20 47.04 2.86
C ALA B 150 6.48 48.37 3.06
N THR B 151 6.87 49.16 4.05
CA THR B 151 6.21 50.44 4.29
C THR B 151 6.40 51.45 3.15
N VAL B 152 7.61 52.00 3.01
CA VAL B 152 7.98 52.82 1.85
C VAL B 152 9.31 52.32 1.31
N LEU B 153 10.29 52.18 2.21
CA LEU B 153 11.67 51.75 1.94
C LEU B 153 12.37 52.75 1.02
N GLN B 154 12.51 53.97 1.53
CA GLN B 154 13.34 54.95 0.83
C GLN B 154 14.79 54.92 1.25
N HIS B 155 15.31 53.80 1.74
CA HIS B 155 16.72 53.52 1.46
C HIS B 155 16.77 52.75 0.15
N GLU B 156 16.74 53.53 -0.94
CA GLU B 156 16.52 53.06 -2.32
C GLU B 156 17.84 52.55 -2.88
N GLU B 157 18.11 51.27 -2.62
CA GLU B 157 19.34 50.62 -3.07
C GLU B 157 18.96 49.21 -3.53
N ARG B 158 19.95 48.35 -3.64
CA ARG B 158 19.73 46.93 -3.86
C ARG B 158 19.78 46.13 -2.56
N ARG B 159 19.84 46.81 -1.42
CA ARG B 159 20.25 46.25 -0.13
C ARG B 159 19.23 45.21 0.36
N CYS B 160 19.62 43.93 0.30
CA CYS B 160 18.83 42.81 0.77
C CYS B 160 19.30 42.29 2.12
N GLN B 161 20.23 43.00 2.78
CA GLN B 161 20.77 42.51 4.03
C GLN B 161 19.82 42.63 5.19
N TYR B 162 18.83 43.53 5.14
CA TYR B 162 17.80 43.52 6.17
C TYR B 162 16.87 42.33 5.99
N LEU B 163 16.62 41.93 4.74
CA LEU B 163 15.90 40.68 4.46
C LEU B 163 16.65 39.48 5.01
N THR B 164 17.97 39.42 4.80
CA THR B 164 18.73 38.32 5.40
C THR B 164 18.83 38.46 6.91
N ARG B 165 18.74 39.68 7.44
CA ARG B 165 18.74 39.88 8.88
C ARG B 165 17.52 39.25 9.51
N GLU B 166 16.35 39.48 8.91
CA GLU B 166 15.15 38.82 9.40
C GLU B 166 15.16 37.32 9.10
N ALA B 167 15.80 36.91 8.01
CA ALA B 167 15.90 35.48 7.69
C ALA B 167 16.71 34.73 8.75
N LYS B 168 17.85 35.28 9.14
CA LYS B 168 18.63 34.71 10.22
C LYS B 168 17.96 34.88 11.58
N LEU B 169 17.13 35.91 11.75
CA LEU B 169 16.30 36.01 12.94
C LEU B 169 15.29 34.88 13.01
N ILE B 170 14.78 34.44 11.85
CA ILE B 170 13.84 33.33 11.81
C ILE B 170 14.54 32.01 12.13
N LEU B 171 15.65 31.73 11.45
CA LEU B 171 16.27 30.41 11.62
C LEU B 171 17.00 30.27 12.96
N ALA B 172 17.56 31.38 13.46
CA ALA B 172 18.27 31.29 14.74
C ALA B 172 17.32 31.27 15.93
N LEU B 173 16.22 32.02 15.88
CA LEU B 173 15.34 32.22 17.03
C LEU B 173 13.96 31.62 16.82
N GLN B 174 13.44 30.95 17.86
CA GLN B 174 12.14 30.31 17.84
C GLN B 174 11.09 31.06 18.68
N ASP B 175 11.51 32.03 19.48
CA ASP B 175 10.61 32.90 20.25
C ASP B 175 11.22 34.31 20.26
N GLU B 176 10.66 35.20 19.44
CA GLU B 176 11.47 36.28 18.88
C GLU B 176 11.73 37.42 19.84
N VAL B 177 10.69 38.16 20.25
CA VAL B 177 10.88 39.41 20.98
C VAL B 177 10.33 39.26 22.39
N SER B 178 11.07 39.78 23.36
CA SER B 178 10.72 39.83 24.77
C SER B 178 11.59 40.90 25.42
N ALA B 179 11.66 40.90 26.74
CA ALA B 179 12.43 41.92 27.43
C ALA B 179 13.18 41.31 28.60
N MET B 180 14.33 41.91 28.92
CA MET B 180 14.96 41.71 30.22
C MET B 180 14.30 42.57 31.28
N ALA B 181 13.75 43.71 30.88
CA ALA B 181 13.11 44.66 31.80
C ALA B 181 11.61 44.42 31.76
N ASP B 182 11.09 43.67 32.73
CA ASP B 182 9.67 43.49 32.89
C ASP B 182 9.19 44.14 34.19
N GLY B 183 7.97 44.68 34.15
CA GLY B 183 7.56 45.68 35.12
C GLY B 183 6.60 45.30 36.24
N ASN B 184 5.34 45.70 36.12
CA ASN B 184 4.44 45.72 37.28
C ASN B 184 3.07 45.16 36.90
N GLU B 185 2.12 45.36 37.83
CA GLU B 185 0.69 45.19 37.57
C GLU B 185 -0.07 45.95 38.64
N GLY B 186 -0.79 46.99 38.22
CA GLY B 186 -1.59 47.77 39.13
C GLY B 186 -2.93 47.12 39.40
N PRO B 187 -4.00 47.90 39.34
CA PRO B 187 -5.33 47.30 39.44
C PRO B 187 -6.06 47.06 38.13
N GLN B 188 -5.58 47.57 37.00
CA GLN B 188 -6.35 47.53 35.76
C GLN B 188 -5.58 46.97 34.57
N SER B 189 -4.26 46.87 34.65
CA SER B 189 -3.45 46.51 33.50
C SER B 189 -3.70 45.14 32.85
N PRO B 190 -4.14 44.04 33.54
CA PRO B 190 -4.45 42.82 32.77
C PRO B 190 -5.62 42.95 31.82
N PHE B 191 -6.77 43.46 32.26
CA PHE B 191 -7.84 43.62 31.28
C PHE B 191 -7.60 44.79 30.35
N HIS B 192 -6.79 45.78 30.76
CA HIS B 192 -6.32 46.79 29.81
C HIS B 192 -5.49 46.17 28.69
N HIS B 193 -4.65 45.17 29.03
CA HIS B 193 -3.95 44.41 28.01
C HIS B 193 -4.92 43.58 27.18
N ILE B 194 -5.95 43.02 27.81
CA ILE B 194 -6.79 42.07 27.09
C ILE B 194 -7.76 42.78 26.15
N LEU B 195 -7.86 44.14 26.22
CA LEU B 195 -8.60 44.83 25.17
C LEU B 195 -7.99 44.62 23.77
N PRO B 196 -6.74 45.11 23.37
CA PRO B 196 -6.35 44.88 21.95
C PRO B 196 -6.00 43.44 21.60
N LYS B 197 -4.95 42.90 22.23
CA LYS B 197 -4.42 41.54 22.18
C LYS B 197 -3.84 41.15 20.81
N CYS B 198 -4.07 41.97 19.77
CA CYS B 198 -3.45 41.78 18.45
C CYS B 198 -3.32 43.15 17.80
N LYS B 199 -2.21 43.84 18.05
CA LYS B 199 -1.95 45.09 17.35
C LYS B 199 -0.64 45.08 16.58
N LEU B 200 0.50 44.86 17.24
CA LEU B 200 1.79 45.02 16.57
C LEU B 200 2.88 44.27 17.33
N ALA B 201 3.29 43.13 16.78
CA ALA B 201 4.62 42.54 16.97
C ALA B 201 4.94 42.12 18.41
N ARG B 202 3.96 41.59 19.14
CA ARG B 202 4.18 40.85 20.41
C ARG B 202 4.81 41.76 21.47
N ASP B 203 4.36 43.02 21.51
CA ASP B 203 5.23 44.10 21.97
C ASP B 203 4.77 44.73 23.28
N LEU B 204 5.52 44.39 24.32
CA LEU B 204 5.33 45.00 25.64
C LEU B 204 5.71 46.47 25.64
N LYS B 205 6.52 46.90 24.64
CA LYS B 205 6.93 48.29 24.57
C LYS B 205 5.75 49.21 24.28
N GLU B 206 5.02 48.95 23.19
CA GLU B 206 3.80 49.69 22.87
C GLU B 206 2.72 49.42 23.90
N ALA B 207 2.73 48.22 24.50
CA ALA B 207 1.80 47.93 25.59
C ALA B 207 1.96 48.91 26.76
N TYR B 208 3.18 49.07 27.28
CA TYR B 208 3.37 49.97 28.42
C TYR B 208 3.16 51.41 28.01
N ASP B 209 3.57 51.78 26.77
CA ASP B 209 3.41 53.16 26.31
C ASP B 209 1.95 53.57 26.25
N SER B 210 1.11 52.78 25.57
CA SER B 210 -0.30 53.12 25.48
C SER B 210 -1.02 52.93 26.81
N LEU B 211 -0.46 52.14 27.73
CA LEU B 211 -1.02 52.10 29.08
C LEU B 211 -0.72 53.39 29.84
N CYS B 212 0.53 53.86 29.74
CA CYS B 212 0.99 54.92 30.62
C CYS B 212 0.59 56.30 30.10
N THR B 213 1.08 56.66 28.92
CA THR B 213 0.81 58.00 28.40
C THR B 213 -0.53 58.10 27.68
N SER B 214 -1.13 56.97 27.32
CA SER B 214 -2.51 56.88 26.82
C SER B 214 -2.71 57.70 25.54
N GLY B 215 -1.75 57.60 24.62
CA GLY B 215 -1.86 58.25 23.32
C GLY B 215 -1.05 57.50 22.29
N VAL B 216 -1.71 57.17 21.19
CA VAL B 216 -1.13 56.31 20.16
C VAL B 216 -0.17 57.15 19.34
N VAL B 217 1.12 57.03 19.66
CA VAL B 217 2.18 57.75 18.96
C VAL B 217 3.15 56.70 18.44
N ARG B 218 3.66 56.90 17.23
CA ARG B 218 4.57 55.94 16.62
C ARG B 218 5.96 56.55 16.44
N LEU B 219 6.72 56.59 17.53
CA LEU B 219 8.17 56.59 17.42
C LEU B 219 8.52 55.15 17.06
N HIS B 220 8.65 54.90 15.76
CA HIS B 220 8.33 53.61 15.16
C HIS B 220 9.10 52.44 15.75
N ILE B 221 8.35 51.55 16.41
CA ILE B 221 8.87 50.44 17.20
C ILE B 221 9.09 49.26 16.27
N ASN B 222 10.23 48.58 16.43
CA ASN B 222 10.62 47.49 15.53
C ASN B 222 11.19 46.29 16.30
N SER B 223 11.74 45.33 15.56
CA SER B 223 12.54 44.28 16.20
C SER B 223 13.97 44.76 16.42
N TRP B 224 14.71 44.98 15.34
CA TRP B 224 16.09 45.44 15.39
C TRP B 224 16.37 46.62 14.48
N LEU B 225 15.57 46.83 13.43
CA LEU B 225 15.90 47.70 12.32
C LEU B 225 14.76 48.68 12.06
N GLU B 226 15.09 49.94 11.90
CA GLU B 226 14.05 50.98 11.78
C GLU B 226 13.55 51.09 10.34
N VAL B 227 12.24 51.23 10.19
CA VAL B 227 11.57 51.34 8.90
C VAL B 227 10.83 52.66 8.86
N SER B 228 10.42 53.08 7.67
CA SER B 228 9.84 54.42 7.53
C SER B 228 8.69 54.43 6.55
N PHE B 229 7.63 55.13 6.94
CA PHE B 229 6.70 55.73 6.01
C PHE B 229 7.16 57.15 5.73
N CYS B 230 7.14 57.54 4.46
CA CYS B 230 7.54 58.89 4.05
C CYS B 230 7.01 59.22 2.65
N ILE B 243 5.84 64.18 32.58
CA ILE B 243 4.84 63.72 33.52
C ILE B 243 5.43 62.64 34.42
N PRO B 244 5.65 62.96 35.68
CA PRO B 244 5.84 61.90 36.69
C PRO B 244 4.51 61.43 37.25
N PRO B 245 4.11 60.19 36.96
CA PRO B 245 2.82 59.70 37.44
C PRO B 245 2.94 59.03 38.80
N GLU B 246 1.95 59.29 39.66
CA GLU B 246 1.97 58.72 41.01
C GLU B 246 1.22 57.40 41.16
N ALA B 247 0.33 57.06 40.23
CA ALA B 247 -0.23 55.71 40.23
C ALA B 247 0.82 54.69 39.80
N ILE B 248 1.56 55.01 38.74
CA ILE B 248 2.61 54.12 38.26
C ILE B 248 3.76 54.06 39.25
N GLU B 249 4.21 55.22 39.76
CA GLU B 249 5.30 55.14 40.72
C GLU B 249 4.84 54.57 42.05
N ARG B 250 3.56 54.72 42.41
CA ARG B 250 3.02 54.02 43.58
C ARG B 250 3.01 52.52 43.36
N SER B 251 2.83 52.06 42.12
CA SER B 251 2.93 50.64 41.81
C SER B 251 4.37 50.18 41.59
N LEU B 252 5.33 51.11 41.49
CA LEU B 252 6.73 50.73 41.34
C LEU B 252 7.68 51.44 42.30
N LYS B 253 7.29 51.72 43.53
CA LYS B 253 8.31 52.14 44.49
C LYS B 253 8.99 50.93 45.13
N ALA B 254 8.33 49.78 45.10
CA ALA B 254 9.00 48.58 45.57
C ALA B 254 10.03 48.08 44.57
N ILE B 255 9.65 48.00 43.29
CA ILE B 255 10.44 47.31 42.27
C ILE B 255 10.64 48.21 41.06
N ARG B 256 11.89 48.61 40.80
CA ARG B 256 12.40 49.07 39.50
C ARG B 256 11.74 50.29 38.85
N PRO B 257 11.73 51.49 39.45
CA PRO B 257 11.01 52.60 38.80
C PRO B 257 11.76 53.32 37.68
N TYR B 258 13.07 53.47 37.82
CA TYR B 258 13.74 54.50 37.04
C TYR B 258 14.13 54.03 35.65
N HIS B 259 14.30 52.73 35.42
CA HIS B 259 14.45 52.27 34.04
C HIS B 259 13.18 52.52 33.24
N ALA B 260 12.02 52.40 33.90
CA ALA B 260 10.75 52.71 33.24
C ALA B 260 10.60 54.21 33.00
N LEU B 261 11.13 55.03 33.91
CA LEU B 261 11.11 56.48 33.66
C LEU B 261 12.04 56.86 32.51
N LEU B 262 13.19 56.17 32.42
CA LEU B 262 14.06 56.30 31.25
C LEU B 262 13.34 55.89 29.98
N LEU B 263 12.55 54.81 30.03
CA LEU B 263 11.78 54.38 28.87
C LEU B 263 10.71 55.41 28.47
N LEU B 264 10.09 56.03 29.46
CA LEU B 264 9.16 57.13 29.20
C LEU B 264 9.87 58.27 28.48
N SER B 265 11.07 58.64 28.95
CA SER B 265 11.85 59.68 28.29
C SER B 265 12.29 59.27 26.88
N ASP B 266 12.63 58.00 26.69
CA ASP B 266 13.11 57.48 25.42
C ASP B 266 12.00 57.12 24.45
N GLU B 267 10.74 57.20 24.87
CA GLU B 267 9.63 57.18 23.93
C GLU B 267 8.87 58.50 23.83
N LYS B 268 9.22 59.49 24.65
CA LYS B 268 8.68 60.83 24.42
C LYS B 268 9.69 61.80 23.83
N SER B 269 10.97 61.42 23.73
CA SER B 269 11.98 62.36 23.23
C SER B 269 12.63 61.92 21.92
N LEU B 270 13.30 60.77 21.89
CA LEU B 270 14.16 60.38 20.79
C LEU B 270 13.90 58.93 20.44
N LEU B 271 14.32 58.51 19.24
CA LEU B 271 14.22 57.11 18.86
C LEU B 271 15.52 56.65 18.22
N GLY B 272 15.66 55.32 18.13
CA GLY B 272 16.78 54.70 17.46
C GLY B 272 18.00 54.43 18.32
N GLU B 273 17.89 54.54 19.66
CA GLU B 273 19.03 54.42 20.56
C GLU B 273 18.67 53.66 21.83
N LEU B 274 17.75 52.68 21.75
CA LEU B 274 17.21 52.05 22.95
C LEU B 274 18.07 50.95 23.61
N PRO B 275 18.45 49.84 22.93
CA PRO B 275 18.98 48.69 23.69
C PRO B 275 20.38 48.88 24.22
N ILE B 276 21.10 49.91 23.75
CA ILE B 276 22.36 50.30 24.36
C ILE B 276 22.15 51.20 25.57
N ASP B 277 20.94 51.69 25.80
CA ASP B 277 20.61 52.47 26.97
C ASP B 277 19.77 51.71 27.99
N CYS B 278 19.17 50.58 27.59
CA CYS B 278 18.37 49.81 28.53
C CYS B 278 19.22 48.91 29.42
N SER B 279 19.91 47.95 28.82
CA SER B 279 20.67 46.93 29.54
C SER B 279 21.90 47.40 30.32
N PRO B 280 22.60 48.53 29.98
CA PRO B 280 23.60 49.04 30.93
C PRO B 280 23.00 49.74 32.14
N ALA B 281 21.83 50.35 31.99
CA ALA B 281 21.19 51.00 33.12
C ALA B 281 20.76 49.97 34.16
N LEU B 282 20.32 48.79 33.72
CA LEU B 282 20.02 47.69 34.61
C LEU B 282 21.31 46.98 35.01
N VAL B 292 23.56 36.97 52.86
CA VAL B 292 22.58 35.90 52.83
C VAL B 292 21.28 36.37 52.20
N LYS B 293 20.67 37.37 52.87
CA LYS B 293 19.33 37.82 52.51
C LYS B 293 19.29 38.45 51.13
N ASN B 294 20.19 39.40 50.88
CA ASN B 294 20.15 40.14 49.61
C ASN B 294 20.57 39.26 48.44
N LEU B 295 21.49 38.32 48.67
CA LEU B 295 21.90 37.43 47.60
C LEU B 295 20.79 36.45 47.23
N GLN B 296 20.11 35.87 48.24
CA GLN B 296 18.97 35.02 47.89
C GLN B 296 17.82 35.84 47.34
N GLN B 297 17.73 37.13 47.71
CA GLN B 297 16.64 37.98 47.23
C GLN B 297 16.79 38.31 45.76
N LEU B 298 17.98 38.76 45.34
CA LEU B 298 18.20 38.95 43.91
C LEU B 298 18.22 37.65 43.14
N ALA B 299 18.62 36.53 43.76
CA ALA B 299 18.58 35.25 43.08
C ALA B 299 17.14 34.81 42.80
N GLN B 300 16.26 34.92 43.81
CA GLN B 300 14.87 34.52 43.62
C GLN B 300 14.12 35.52 42.75
N ASP B 301 14.59 36.77 42.67
CA ASP B 301 13.94 37.71 41.77
C ASP B 301 14.38 37.49 40.33
N ALA B 302 15.62 37.03 40.12
CA ALA B 302 15.99 36.54 38.80
C ALA B 302 15.23 35.27 38.45
N ASP B 303 14.96 34.43 39.46
CA ASP B 303 14.18 33.22 39.25
C ASP B 303 12.75 33.53 38.84
N LEU B 304 12.12 34.49 39.54
CA LEU B 304 10.81 35.00 39.15
C LEU B 304 10.86 35.73 37.83
N ALA B 305 12.00 36.33 37.49
CA ALA B 305 12.16 36.87 36.15
C ALA B 305 12.27 35.77 35.12
N LEU B 306 12.57 34.53 35.53
CA LEU B 306 12.59 33.43 34.56
C LEU B 306 11.52 32.38 34.80
N LEU B 307 11.51 31.68 35.93
CA LEU B 307 10.79 30.39 36.00
C LEU B 307 10.03 30.19 37.31
N GLN B 308 9.19 31.14 37.70
CA GLN B 308 8.50 30.99 38.98
C GLN B 308 7.13 31.66 38.90
N VAL B 309 6.15 31.11 39.62
CA VAL B 309 4.77 31.59 39.54
C VAL B 309 4.25 31.99 40.93
N PHE B 310 3.09 32.66 40.92
CA PHE B 310 2.58 33.48 42.00
C PHE B 310 1.41 32.74 42.65
N GLN B 311 0.84 33.32 43.72
CA GLN B 311 -0.40 32.78 44.27
C GLN B 311 -1.33 33.91 44.73
N LEU B 312 -2.65 33.71 44.63
CA LEU B 312 -3.64 34.64 45.18
C LEU B 312 -4.84 33.87 45.73
N ALA B 313 -5.92 34.59 46.05
CA ALA B 313 -7.10 33.99 46.65
C ALA B 313 -8.31 34.88 46.39
N ALA B 314 -9.51 34.33 46.64
CA ALA B 314 -10.76 35.10 46.61
C ALA B 314 -11.85 34.34 47.35
N HIS B 315 -13.09 34.78 47.18
CA HIS B 315 -14.26 34.26 47.85
C HIS B 315 -15.36 33.95 46.83
N LEU B 316 -16.44 33.36 47.34
CA LEU B 316 -17.70 33.33 46.63
C LEU B 316 -18.84 33.34 47.65
N VAL B 317 -19.94 33.98 47.27
CA VAL B 317 -21.10 34.14 48.14
C VAL B 317 -22.20 33.13 47.80
N TYR B 318 -21.86 32.06 47.10
CA TYR B 318 -22.85 31.17 46.51
C TYR B 318 -23.00 29.95 47.40
N TRP B 319 -24.21 29.71 47.89
CA TRP B 319 -24.60 28.41 48.42
C TRP B 319 -26.12 28.30 48.36
N GLY B 320 -26.61 27.19 47.80
CA GLY B 320 -28.04 27.02 47.65
C GLY B 320 -28.51 25.58 47.75
N LYS B 321 -29.38 25.35 48.73
CA LYS B 321 -29.92 24.04 49.07
C LYS B 321 -31.34 24.31 49.53
N ALA B 322 -31.90 23.37 50.29
CA ALA B 322 -33.16 23.62 50.98
C ALA B 322 -32.96 24.63 52.12
N TYR B 334 -24.43 37.28 63.13
CA TYR B 334 -25.83 37.67 63.24
C TYR B 334 -26.58 37.54 61.91
N MET B 335 -25.87 37.82 60.82
CA MET B 335 -26.46 37.96 59.49
C MET B 335 -26.25 36.71 58.65
N LEU B 336 -26.33 35.54 59.28
CA LEU B 336 -26.05 34.27 58.63
C LEU B 336 -27.17 33.82 57.70
N SER B 337 -28.36 33.60 58.24
CA SER B 337 -29.44 32.96 57.51
C SER B 337 -30.30 33.81 56.55
N PRO B 338 -30.81 35.01 56.89
CA PRO B 338 -31.89 35.59 56.06
C PRO B 338 -31.45 36.07 54.69
N ASN B 339 -30.31 36.76 54.62
CA ASN B 339 -29.74 37.15 53.34
C ASN B 339 -29.38 35.95 52.48
N ALA B 340 -28.94 34.85 53.12
CA ALA B 340 -28.66 33.63 52.39
C ALA B 340 -29.94 33.01 51.84
N SER B 341 -31.05 33.11 52.58
CA SER B 341 -32.33 32.64 52.07
C SER B 341 -32.77 33.46 50.88
N VAL B 342 -32.59 34.79 50.96
CA VAL B 342 -32.87 35.68 49.83
C VAL B 342 -32.04 35.28 48.62
N CYS B 343 -30.74 35.06 48.83
CA CYS B 343 -29.83 34.57 47.79
C CYS B 343 -30.31 33.25 47.19
N LEU B 344 -30.91 32.40 48.03
CA LEU B 344 -31.53 31.17 47.52
C LEU B 344 -32.72 31.50 46.62
N TYR B 345 -33.47 32.58 46.92
CA TYR B 345 -34.58 32.86 46.01
C TYR B 345 -34.37 34.06 45.09
N SER B 346 -33.39 34.92 45.32
CA SER B 346 -33.26 36.10 44.47
C SER B 346 -31.82 36.57 44.49
N PRO B 347 -31.29 37.02 43.34
CA PRO B 347 -29.95 37.61 43.33
C PRO B 347 -29.91 38.93 44.10
N LEU B 348 -28.83 39.10 44.85
CA LEU B 348 -28.78 40.02 45.98
C LEU B 348 -28.78 41.48 45.55
N ALA B 349 -28.06 41.80 44.47
CA ALA B 349 -27.87 43.18 44.02
C ALA B 349 -29.15 43.82 43.54
N GLU B 350 -30.18 43.02 43.24
CA GLU B 350 -31.52 43.57 43.04
C GLU B 350 -32.16 44.00 44.35
N GLN B 351 -32.36 43.08 45.31
CA GLN B 351 -33.12 43.45 46.50
C GLN B 351 -32.29 44.24 47.49
N PHE B 352 -31.21 43.64 48.02
CA PHE B 352 -30.48 44.23 49.15
C PHE B 352 -29.74 45.51 48.82
N SER B 353 -29.47 45.78 47.54
CA SER B 353 -28.79 47.02 47.21
C SER B 353 -29.71 48.24 47.27
N HIS B 354 -31.01 48.05 47.47
CA HIS B 354 -31.88 49.17 47.79
C HIS B 354 -31.82 49.56 49.25
N GLN B 355 -31.72 48.59 50.17
CA GLN B 355 -31.83 48.91 51.58
C GLN B 355 -30.61 49.60 52.16
N PHE B 356 -29.43 49.49 51.54
CA PHE B 356 -28.31 50.18 52.18
C PHE B 356 -28.32 51.70 51.95
N PRO B 357 -28.85 52.27 50.86
CA PRO B 357 -29.17 53.71 50.90
C PRO B 357 -30.56 54.08 51.40
N SER B 358 -31.50 53.13 51.48
CA SER B 358 -32.86 53.44 51.93
C SER B 358 -33.00 53.51 53.44
N HIS B 359 -31.94 53.20 54.20
CA HIS B 359 -31.99 53.37 55.64
C HIS B 359 -30.72 53.97 56.19
N ASP B 360 -29.78 54.39 55.32
CA ASP B 360 -28.67 55.30 55.62
C ASP B 360 -27.73 54.72 56.67
N LEU B 361 -27.06 53.63 56.27
CA LEU B 361 -26.31 52.79 57.22
C LEU B 361 -24.85 52.57 56.81
N PRO B 362 -23.92 53.39 57.31
CA PRO B 362 -22.50 53.01 57.26
C PRO B 362 -22.05 52.28 58.51
N SER B 363 -21.56 51.05 58.37
CA SER B 363 -21.07 50.25 59.49
C SER B 363 -20.33 49.02 58.97
N VAL B 364 -20.08 48.10 59.88
CA VAL B 364 -19.56 46.77 59.57
C VAL B 364 -20.48 46.02 58.60
N LEU B 365 -21.79 46.22 58.72
CA LEU B 365 -22.70 45.57 57.77
C LEU B 365 -22.71 46.25 56.41
N ALA B 366 -22.40 47.54 56.34
CA ALA B 366 -22.16 48.16 55.04
C ALA B 366 -20.89 47.61 54.41
N LYS B 367 -19.85 47.36 55.23
CA LYS B 367 -18.64 46.72 54.71
C LYS B 367 -18.89 45.28 54.34
N PHE B 368 -19.84 44.63 55.01
CA PHE B 368 -20.34 43.35 54.57
C PHE B 368 -21.03 43.44 53.21
N SER B 369 -21.72 44.55 52.96
CA SER B 369 -22.46 44.64 51.71
C SER B 369 -21.56 44.96 50.53
N LEU B 370 -20.95 46.14 50.55
CA LEU B 370 -20.44 46.70 49.29
C LEU B 370 -19.06 46.19 48.85
N PRO B 371 -18.01 46.14 49.70
CA PRO B 371 -16.74 45.59 49.18
C PRO B 371 -16.78 44.09 48.92
N VAL B 372 -17.60 43.34 49.67
CA VAL B 372 -17.85 41.94 49.33
C VAL B 372 -18.51 41.84 47.97
N SER B 373 -19.43 42.77 47.67
CA SER B 373 -20.07 42.80 46.36
C SER B 373 -19.07 43.10 45.26
N LEU B 374 -18.13 44.03 45.49
CA LEU B 374 -17.18 44.40 44.45
C LEU B 374 -16.14 43.30 44.24
N SER B 375 -15.67 42.69 45.33
CA SER B 375 -14.76 41.57 45.20
C SER B 375 -15.46 40.35 44.60
N GLU B 376 -16.76 40.21 44.80
CA GLU B 376 -17.46 39.14 44.10
C GLU B 376 -17.66 39.48 42.64
N PHE B 377 -17.77 40.78 42.32
CA PHE B 377 -17.83 41.20 40.93
C PHE B 377 -16.55 40.85 40.19
N ARG B 378 -15.40 40.99 40.84
CA ARG B 378 -14.14 40.90 40.09
C ARG B 378 -13.31 39.65 40.37
N ASN B 379 -13.20 39.23 41.63
CA ASN B 379 -12.54 38.06 42.21
C ASN B 379 -11.04 37.86 42.04
N PRO B 380 -10.18 38.89 42.16
CA PRO B 380 -8.92 38.68 42.90
C PRO B 380 -8.99 39.21 44.33
N LEU B 381 -7.93 38.98 45.09
CA LEU B 381 -7.70 39.64 46.37
C LEU B 381 -7.01 40.99 46.15
N ALA B 382 -6.69 41.29 44.89
CA ALA B 382 -6.11 42.60 44.54
C ALA B 382 -7.01 43.80 44.80
N PRO B 383 -8.33 43.81 44.56
CA PRO B 383 -9.12 44.97 45.01
C PRO B 383 -9.26 45.03 46.51
N ALA B 384 -9.15 43.89 47.20
CA ALA B 384 -9.19 43.86 48.64
C ALA B 384 -7.91 44.38 49.27
N VAL B 385 -6.78 44.37 48.53
CA VAL B 385 -5.60 45.09 49.01
C VAL B 385 -5.46 46.47 48.40
N GLN B 386 -6.15 46.76 47.30
CA GLN B 386 -6.15 48.11 46.74
C GLN B 386 -7.02 49.04 47.55
N GLU B 387 -8.33 48.75 47.57
CA GLU B 387 -9.30 49.63 48.19
C GLU B 387 -9.27 49.36 49.68
N THR B 388 -8.37 50.05 50.38
CA THR B 388 -8.19 49.83 51.81
C THR B 388 -8.00 51.14 52.56
N GLN B 389 -8.70 51.26 53.68
CA GLN B 389 -8.40 52.24 54.71
C GLN B 389 -8.02 51.53 56.01
N LEU B 390 -8.90 50.67 56.50
CA LEU B 390 -8.54 49.60 57.41
C LEU B 390 -9.05 48.28 56.86
N ILE B 391 -9.53 48.29 55.61
CA ILE B 391 -10.13 47.15 54.92
C ILE B 391 -9.15 45.99 54.75
N GLN B 392 -7.84 46.27 54.84
CA GLN B 392 -6.78 45.27 54.64
C GLN B 392 -6.89 44.11 55.62
N MET B 393 -6.98 44.40 56.90
CA MET B 393 -7.18 43.35 57.89
C MET B 393 -8.65 43.05 58.15
N VAL B 394 -9.55 43.68 57.40
CA VAL B 394 -10.98 43.49 57.58
C VAL B 394 -11.58 42.52 56.57
N VAL B 395 -11.07 42.48 55.33
CA VAL B 395 -11.68 41.65 54.29
C VAL B 395 -11.50 40.16 54.60
N TRP B 396 -10.28 39.73 54.97
CA TRP B 396 -10.10 38.33 55.33
C TRP B 396 -10.73 38.00 56.67
N MET B 397 -10.80 38.99 57.58
CA MET B 397 -11.45 38.81 58.87
C MET B 397 -12.94 38.46 58.70
N LEU B 398 -13.65 39.30 57.95
CA LEU B 398 -15.06 39.04 57.72
C LEU B 398 -15.27 37.86 56.78
N GLN B 399 -14.32 37.62 55.88
CA GLN B 399 -14.38 36.50 54.95
C GLN B 399 -14.29 35.16 55.66
N ARG B 400 -13.41 35.04 56.66
CA ARG B 400 -13.45 33.84 57.48
C ARG B 400 -14.54 33.89 58.55
N ARG B 401 -15.08 35.08 58.86
CA ARG B 401 -16.17 35.15 59.83
C ARG B 401 -17.45 34.54 59.27
N LEU B 402 -18.00 35.14 58.22
CA LEU B 402 -19.26 34.64 57.71
C LEU B 402 -19.00 33.47 56.78
N LEU B 403 -20.05 32.71 56.47
CA LEU B 403 -19.89 31.47 55.71
C LEU B 403 -20.04 31.70 54.21
N ILE B 404 -19.28 32.66 53.71
CA ILE B 404 -18.99 32.79 52.28
C ILE B 404 -17.68 32.06 52.03
N GLN B 405 -17.62 31.28 50.96
CA GLN B 405 -16.57 30.26 50.86
C GLN B 405 -15.28 30.82 50.27
N LEU B 406 -14.17 30.55 50.97
CA LEU B 406 -12.85 30.92 50.51
C LEU B 406 -12.37 29.99 49.41
N HIS B 407 -11.44 30.48 48.59
CA HIS B 407 -10.63 29.63 47.74
C HIS B 407 -9.29 30.31 47.48
N THR B 408 -8.23 29.50 47.37
CA THR B 408 -6.89 29.95 47.02
C THR B 408 -6.49 29.33 45.70
N TYR B 409 -5.83 30.13 44.85
CA TYR B 409 -5.64 29.77 43.44
C TYR B 409 -4.52 30.63 42.86
N VAL B 410 -4.38 30.62 41.54
CA VAL B 410 -3.24 31.28 40.87
C VAL B 410 -3.76 32.55 40.19
N CYS B 411 -2.84 33.47 39.87
CA CYS B 411 -3.17 34.83 39.45
C CYS B 411 -4.05 34.86 38.20
N LEU B 412 -4.84 35.93 38.10
CA LEU B 412 -6.01 35.96 37.22
C LEU B 412 -5.63 36.08 35.76
N MET B 413 -5.54 34.93 35.08
CA MET B 413 -5.41 34.76 33.63
C MET B 413 -4.10 35.28 33.05
N ALA B 414 -3.18 35.75 33.88
CA ALA B 414 -1.93 36.34 33.42
C ALA B 414 -1.03 35.23 32.89
N SER B 415 -0.98 35.08 31.57
CA SER B 415 -0.16 34.07 30.93
C SER B 415 1.31 34.48 31.03
N PRO B 416 2.23 33.55 30.77
CA PRO B 416 3.65 33.93 30.66
C PRO B 416 4.03 34.54 29.30
N SER B 417 3.04 34.91 28.49
CA SER B 417 3.24 35.80 27.35
C SER B 417 3.16 37.28 27.74
N GLU B 418 3.18 37.57 29.04
CA GLU B 418 3.15 38.92 29.58
C GLU B 418 4.34 39.12 30.51
N GLU B 419 4.39 40.27 31.17
CA GLU B 419 5.56 40.59 32.01
C GLU B 419 5.47 40.02 33.43
N GLU B 420 4.55 40.52 34.28
CA GLU B 420 4.34 40.11 35.67
C GLU B 420 2.97 40.49 36.17
N PRO B 421 2.43 39.74 37.14
CA PRO B 421 1.40 40.30 38.03
C PRO B 421 1.99 40.81 39.34
N ARG B 422 1.25 41.69 40.05
CA ARG B 422 1.32 42.03 41.48
C ARG B 422 2.73 42.20 42.02
N PRO B 423 3.34 43.41 41.86
CA PRO B 423 4.71 43.67 42.36
C PRO B 423 5.01 43.25 43.80
N ARG B 424 6.29 43.00 44.07
CA ARG B 424 6.72 42.04 45.09
C ARG B 424 6.58 42.62 46.49
N GLU B 425 5.74 41.98 47.30
CA GLU B 425 5.79 42.13 48.75
C GLU B 425 5.73 40.76 49.39
N ASP B 426 6.07 40.74 50.68
CA ASP B 426 6.32 39.51 51.41
C ASP B 426 5.05 38.82 51.88
N ASP B 427 3.88 39.44 51.69
CA ASP B 427 2.62 38.96 52.25
C ASP B 427 1.98 37.86 51.43
N VAL B 428 2.71 37.25 50.49
CA VAL B 428 2.05 36.47 49.45
C VAL B 428 2.92 35.25 49.09
N PRO B 429 2.34 34.09 48.79
CA PRO B 429 3.17 32.92 48.45
C PRO B 429 3.41 32.67 46.96
N PHE B 430 4.29 31.69 46.74
CA PHE B 430 5.04 31.50 45.51
C PHE B 430 5.26 30.01 45.28
N THR B 431 5.06 29.55 44.04
CA THR B 431 5.33 28.15 43.67
C THR B 431 5.96 28.16 42.27
N ALA B 432 6.05 27.00 41.63
CA ALA B 432 6.40 26.90 40.22
C ALA B 432 5.79 25.65 39.61
N ARG B 433 5.39 25.74 38.35
CA ARG B 433 4.57 24.69 37.74
C ARG B 433 5.17 24.06 36.50
N VAL B 434 5.63 24.87 35.55
CA VAL B 434 5.80 24.40 34.17
C VAL B 434 7.25 24.05 33.83
N GLY B 435 8.23 24.63 34.52
CA GLY B 435 9.59 24.68 34.00
C GLY B 435 10.31 23.34 33.99
N GLY B 436 10.89 23.00 32.84
CA GLY B 436 11.64 21.75 32.74
C GLY B 436 12.94 21.81 33.51
N ARG B 437 13.47 20.62 33.80
CA ARG B 437 14.48 20.53 34.84
C ARG B 437 15.32 19.27 34.63
N SER B 438 16.53 19.29 35.19
CA SER B 438 17.51 18.21 35.15
C SER B 438 17.11 17.09 36.12
N LEU B 439 18.04 16.19 36.45
CA LEU B 439 17.66 14.96 37.14
C LEU B 439 18.41 14.83 38.46
N SER B 440 17.77 14.17 39.43
CA SER B 440 18.40 13.96 40.73
C SER B 440 18.53 12.51 41.13
N THR B 441 17.48 11.71 40.97
CA THR B 441 17.53 10.29 41.29
C THR B 441 18.07 9.28 40.27
N PRO B 442 17.89 9.40 38.93
CA PRO B 442 18.11 8.21 38.09
C PRO B 442 19.56 7.86 37.87
N ASN B 443 20.46 8.85 37.86
CA ASN B 443 21.88 8.60 37.63
C ASN B 443 22.67 8.47 38.94
N ALA B 444 22.01 7.92 39.97
CA ALA B 444 22.62 7.46 41.22
C ALA B 444 23.29 8.58 42.02
N LEU B 445 22.49 9.51 42.51
CA LEU B 445 22.97 10.56 43.41
C LEU B 445 22.41 10.40 44.81
N SER B 446 23.05 11.10 45.76
CA SER B 446 22.75 11.01 47.20
C SER B 446 21.68 11.98 47.64
N PHE B 447 21.82 13.28 47.34
CA PHE B 447 20.77 14.25 47.61
C PHE B 447 19.65 14.01 46.60
N GLY B 448 18.83 13.00 46.84
CA GLY B 448 17.78 12.68 45.91
C GLY B 448 16.68 13.72 45.98
N SER B 449 16.20 14.14 44.81
CA SER B 449 15.05 15.04 44.71
C SER B 449 14.25 14.75 43.46
N PRO B 450 13.34 13.78 43.52
CA PRO B 450 12.27 13.72 42.51
C PRO B 450 11.15 14.69 42.84
N THR B 451 10.04 14.55 42.12
CA THR B 451 8.91 15.47 42.13
C THR B 451 7.76 14.88 42.94
N SER B 452 7.60 15.37 44.17
CA SER B 452 6.51 14.99 45.05
C SER B 452 5.98 16.24 45.75
N SER B 453 5.15 16.06 46.78
CA SER B 453 4.70 17.16 47.63
C SER B 453 5.90 17.83 48.28
N ASP B 454 5.87 19.16 48.31
CA ASP B 454 7.08 19.99 48.35
C ASP B 454 8.01 19.55 47.23
N ASP B 455 7.59 19.93 46.01
CA ASP B 455 7.86 19.29 44.72
C ASP B 455 9.25 18.70 44.54
N MET B 456 10.31 19.52 44.64
CA MET B 456 11.64 18.93 44.72
C MET B 456 11.81 18.39 46.12
N THR B 457 11.59 17.09 46.29
CA THR B 457 11.57 16.52 47.63
C THR B 457 12.96 16.02 47.98
N LEU B 458 13.69 16.78 48.78
CA LEU B 458 15.02 16.36 49.23
C LEU B 458 14.88 15.28 50.28
N ALA B 468 15.01 37.13 62.01
CA ALA B 468 14.51 36.88 60.66
C ALA B 468 15.40 35.87 59.97
N GLU B 469 14.96 34.60 59.99
CA GLU B 469 15.76 33.48 59.51
C GLU B 469 14.92 32.65 58.55
N LEU B 470 14.95 33.06 57.27
CA LEU B 470 14.07 32.56 56.21
C LEU B 470 12.60 32.65 56.63
N LEU B 471 12.13 33.89 56.79
CA LEU B 471 10.74 34.12 57.16
C LEU B 471 9.74 34.07 56.00
N PRO B 472 9.88 34.87 54.92
CA PRO B 472 8.68 35.55 54.36
C PRO B 472 7.67 34.66 53.66
N SER B 473 8.05 33.49 53.18
CA SER B 473 7.16 32.66 52.36
C SER B 473 6.78 31.39 53.11
N GLY B 474 5.48 31.09 53.16
CA GLY B 474 5.02 29.84 53.72
C GLY B 474 5.17 28.65 52.80
N ASP B 475 5.35 28.89 51.50
CA ASP B 475 5.55 27.82 50.52
C ASP B 475 7.03 27.80 50.15
N SER B 476 7.77 26.91 50.81
CA SER B 476 9.19 26.57 50.64
C SER B 476 9.73 26.01 49.32
N PRO B 477 8.95 25.40 48.39
CA PRO B 477 9.56 24.92 47.13
C PRO B 477 10.31 25.96 46.29
N LEU B 478 10.16 27.26 46.53
CA LEU B 478 11.02 28.27 45.91
C LEU B 478 12.50 28.01 46.22
N ASN B 479 12.85 27.94 47.50
CA ASN B 479 14.26 27.72 47.78
C ASN B 479 14.63 26.24 47.78
N GLN B 480 13.65 25.34 47.85
CA GLN B 480 13.92 23.96 47.43
C GLN B 480 14.47 23.90 46.00
N ARG B 481 13.74 24.48 45.04
CA ARG B 481 14.20 24.47 43.65
C ARG B 481 15.51 25.23 43.46
N MET B 482 15.69 26.33 44.18
CA MET B 482 16.93 27.11 44.01
C MET B 482 18.14 26.38 44.57
N THR B 483 18.04 25.86 45.80
CA THR B 483 19.14 25.11 46.38
C THR B 483 19.42 23.84 45.59
N GLU B 484 18.37 23.20 45.06
CA GLU B 484 18.59 22.04 44.21
C GLU B 484 19.18 22.39 42.87
N ASN B 485 19.04 23.63 42.40
CA ASN B 485 19.90 24.07 41.32
C ASN B 485 21.34 24.15 41.79
N LEU B 486 21.57 24.91 42.86
CA LEU B 486 22.92 25.21 43.30
C LEU B 486 22.84 25.77 44.71
N LEU B 487 23.86 25.48 45.50
CA LEU B 487 23.91 26.04 46.84
C LEU B 487 24.29 27.52 46.78
N ALA B 488 23.73 28.28 47.70
CA ALA B 488 23.73 29.75 47.63
C ALA B 488 25.03 30.39 48.11
N SER B 489 26.13 29.64 48.22
CA SER B 489 27.40 30.26 48.58
C SER B 489 28.21 30.67 47.35
N LEU B 490 28.00 29.97 46.24
CA LEU B 490 28.65 30.33 44.98
C LEU B 490 28.09 31.65 44.48
N SER B 491 28.96 32.50 43.92
CA SER B 491 28.58 33.87 43.56
C SER B 491 28.30 34.04 42.06
N GLU B 492 29.31 33.81 41.21
CA GLU B 492 29.07 33.96 39.78
C GLU B 492 28.28 32.79 39.25
N HIS B 493 28.64 31.58 39.69
CA HIS B 493 27.99 30.36 39.22
C HIS B 493 26.52 30.31 39.61
N GLU B 494 26.13 31.04 40.66
CA GLU B 494 24.73 31.15 41.07
C GLU B 494 23.88 31.73 39.95
N ARG B 495 24.14 32.99 39.58
CA ARG B 495 23.41 33.57 38.47
C ARG B 495 23.76 32.93 37.13
N ALA B 496 24.96 32.36 37.00
CA ALA B 496 25.33 31.67 35.77
C ALA B 496 24.52 30.40 35.59
N ALA B 497 24.21 29.70 36.68
CA ALA B 497 23.32 28.57 36.60
C ALA B 497 21.87 28.99 36.49
N ILE B 498 21.51 30.16 37.03
CA ILE B 498 20.16 30.71 36.80
C ILE B 498 19.95 31.00 35.32
N LEU B 499 20.99 31.46 34.64
CA LEU B 499 20.91 31.74 33.21
C LEU B 499 21.51 30.62 32.36
N SER B 500 21.83 29.47 32.96
CA SER B 500 22.32 28.32 32.20
C SER B 500 21.63 27.01 32.57
N VAL B 501 20.53 27.06 33.32
CA VAL B 501 19.55 25.97 33.32
C VAL B 501 18.91 25.73 31.95
N PRO B 502 18.94 26.68 30.94
CA PRO B 502 18.93 26.20 29.56
C PRO B 502 19.97 25.10 29.31
N ALA B 503 19.43 23.91 29.04
CA ALA B 503 20.05 22.58 28.91
C ALA B 503 20.49 21.98 30.24
N ALA B 504 20.44 22.76 31.32
CA ALA B 504 20.49 22.33 32.73
C ALA B 504 21.68 21.42 33.06
N GLN B 505 22.89 21.98 32.91
CA GLN B 505 24.18 21.36 33.27
C GLN B 505 24.49 20.12 32.41
N ASN B 506 23.74 19.94 31.31
CA ASN B 506 23.81 18.97 30.22
C ASN B 506 23.65 17.49 30.60
N PRO B 507 22.71 17.12 31.49
CA PRO B 507 21.76 16.05 31.15
C PRO B 507 20.45 16.64 30.67
N GLU B 508 19.46 15.81 30.31
CA GLU B 508 18.15 16.34 29.99
C GLU B 508 17.08 15.32 30.41
N ASP B 509 15.84 15.82 30.55
CA ASP B 509 14.82 15.20 31.41
C ASP B 509 14.35 13.85 30.89
N LEU B 510 14.16 12.90 31.82
CA LEU B 510 13.54 11.61 31.52
C LEU B 510 12.62 11.09 32.61
N ARG B 511 12.37 11.84 33.68
CA ARG B 511 11.51 11.34 34.75
C ARG B 511 10.87 12.50 35.51
N MET B 512 9.65 12.25 36.02
CA MET B 512 8.97 13.14 36.95
C MET B 512 8.31 12.30 38.03
N PHE B 513 9.08 11.38 38.60
CA PHE B 513 8.86 10.52 39.76
C PHE B 513 7.89 9.36 39.46
N ALA B 514 7.15 9.39 38.37
CA ALA B 514 6.27 8.26 38.08
C ALA B 514 7.05 7.08 37.52
N ARG B 515 8.27 7.34 37.06
CA ARG B 515 9.10 6.30 36.45
C ARG B 515 9.49 5.22 37.43
N LEU B 516 9.60 5.53 38.72
CA LEU B 516 10.16 4.59 39.68
C LEU B 516 9.20 3.42 39.90
N LEU B 517 8.02 3.73 40.41
CA LEU B 517 6.88 2.81 40.44
C LEU B 517 6.50 2.29 39.06
N HIS B 518 6.78 3.03 38.00
CA HIS B 518 6.55 2.52 36.64
C HIS B 518 7.45 1.33 36.33
N TYR B 519 8.76 1.48 36.55
CA TYR B 519 9.71 0.42 36.22
C TYR B 519 9.57 -0.75 37.17
N PHE B 520 9.71 -0.52 38.46
CA PHE B 520 9.90 -1.63 39.38
C PHE B 520 8.76 -1.74 40.39
N ARG B 521 8.98 -2.58 41.40
CA ARG B 521 8.01 -2.90 42.43
C ARG B 521 8.00 -1.88 43.57
N GLY B 522 7.95 -0.61 43.21
CA GLY B 522 8.03 0.41 44.24
C GLY B 522 6.69 0.90 44.76
N ARG B 523 6.25 0.37 45.89
CA ARG B 523 5.05 0.91 46.52
C ARG B 523 5.40 2.24 47.17
N HIS B 524 4.43 3.17 47.11
CA HIS B 524 4.69 4.58 47.39
C HIS B 524 5.17 4.83 48.81
N HIS B 525 4.49 4.26 49.80
CA HIS B 525 4.95 4.49 51.17
C HIS B 525 6.25 3.73 51.45
N LEU B 526 6.42 2.55 50.85
CA LEU B 526 7.71 1.88 50.88
C LEU B 526 8.78 2.73 50.21
N GLU B 527 8.44 3.39 49.12
CA GLU B 527 9.47 4.19 48.49
C GLU B 527 9.77 5.47 49.26
N GLU B 528 8.82 6.04 49.98
CA GLU B 528 9.17 7.17 50.84
C GLU B 528 9.96 6.73 52.06
N ILE B 529 9.70 5.50 52.54
CA ILE B 529 10.58 4.87 53.54
C ILE B 529 12.01 4.79 53.02
N MET B 530 12.16 4.49 51.74
CA MET B 530 13.49 4.60 51.15
C MET B 530 13.99 6.04 51.02
N TYR B 531 13.36 6.88 50.22
CA TYR B 531 14.03 8.16 49.92
C TYR B 531 13.77 9.24 50.96
N ASN B 532 13.31 8.92 52.16
CA ASN B 532 13.48 9.85 53.26
C ASN B 532 14.73 9.54 54.06
N GLU B 533 15.41 8.44 53.74
CA GLU B 533 16.69 8.10 54.36
C GLU B 533 17.71 7.56 53.36
N ASN B 534 17.48 7.71 52.05
CA ASN B 534 18.50 7.33 51.08
C ASN B 534 19.67 8.30 51.00
N THR B 535 19.62 9.43 51.70
CA THR B 535 20.59 10.50 51.48
C THR B 535 21.93 10.23 52.17
N ARG B 536 22.09 9.09 52.85
CA ARG B 536 23.20 8.94 53.79
C ARG B 536 24.20 7.83 53.49
N ARG B 537 23.88 6.84 52.65
CA ARG B 537 24.92 5.92 52.18
C ARG B 537 24.59 5.44 50.77
N SER B 538 25.63 5.27 49.95
CA SER B 538 25.54 4.95 48.52
C SER B 538 24.90 3.61 48.24
N GLN B 539 24.95 2.67 49.18
CA GLN B 539 24.35 1.37 48.96
C GLN B 539 22.83 1.43 48.98
N LEU B 540 22.26 2.33 49.80
CA LEU B 540 20.80 2.48 49.86
C LEU B 540 20.21 3.09 48.60
N LEU B 541 20.98 3.89 47.86
CA LEU B 541 20.50 4.34 46.55
C LEU B 541 20.92 3.35 45.47
N MET B 542 22.03 2.67 45.70
CA MET B 542 22.63 1.81 44.71
C MET B 542 21.79 0.56 44.49
N LEU B 543 21.09 0.11 45.54
CA LEU B 543 20.28 -1.10 45.48
C LEU B 543 19.15 -1.00 44.46
N PHE B 544 18.58 0.17 44.29
CA PHE B 544 17.58 0.31 43.24
C PHE B 544 18.09 1.04 42.00
N ASP B 545 19.26 1.68 42.04
CA ASP B 545 19.77 2.32 40.84
C ASP B 545 20.92 1.57 40.18
N LYS B 546 21.14 0.30 40.51
CA LYS B 546 22.24 -0.41 39.89
C LYS B 546 21.92 -1.03 38.53
N PHE B 547 20.77 -0.74 37.94
CA PHE B 547 20.21 -1.68 36.97
C PHE B 547 20.63 -1.42 35.52
N ARG B 548 21.85 -0.96 35.29
CA ARG B 548 22.37 -0.98 33.91
C ARG B 548 22.65 -2.39 33.41
N SER B 549 22.85 -3.34 34.34
CA SER B 549 22.95 -4.77 34.05
C SER B 549 21.64 -5.39 33.59
N VAL B 550 20.53 -4.65 33.68
CA VAL B 550 19.31 -4.95 32.94
C VAL B 550 18.92 -3.80 32.02
N LEU B 551 19.76 -2.77 31.93
CA LEU B 551 19.81 -1.87 30.77
C LEU B 551 20.91 -2.30 29.78
N VAL B 552 21.18 -3.59 29.72
CA VAL B 552 21.86 -4.29 28.63
C VAL B 552 20.73 -5.08 27.93
N VAL B 553 19.59 -4.41 27.77
CA VAL B 553 18.30 -4.78 28.36
C VAL B 553 17.97 -6.27 28.38
N THR B 554 17.71 -6.88 27.22
CA THR B 554 17.19 -8.23 27.07
C THR B 554 16.10 -8.65 28.08
N THR B 555 15.10 -7.79 28.34
CA THR B 555 14.09 -8.10 29.35
C THR B 555 12.67 -8.25 28.82
N HIS B 556 12.10 -7.21 28.19
CA HIS B 556 10.83 -7.20 27.46
C HIS B 556 9.56 -7.47 28.28
N GLU B 557 9.66 -7.84 29.56
CA GLU B 557 8.48 -7.82 30.43
C GLU B 557 8.64 -6.93 31.66
N ASP B 558 9.61 -7.20 32.56
CA ASP B 558 9.93 -6.50 33.80
C ASP B 558 11.18 -7.08 34.47
N PRO B 559 12.02 -6.24 35.07
CA PRO B 559 13.25 -6.74 35.72
C PRO B 559 13.10 -7.02 37.21
N VAL B 560 11.84 -7.07 37.67
CA VAL B 560 11.56 -6.96 39.11
C VAL B 560 12.06 -8.16 39.89
N ILE B 561 12.12 -9.34 39.27
CA ILE B 561 12.53 -10.54 40.01
C ILE B 561 14.03 -10.50 40.31
N ALA B 562 14.85 -10.14 39.32
CA ALA B 562 16.27 -10.00 39.55
C ALA B 562 16.56 -8.82 40.46
N VAL B 563 15.71 -7.79 40.43
CA VAL B 563 15.91 -6.64 41.33
C VAL B 563 15.71 -7.04 42.79
N PHE B 564 14.54 -7.63 43.13
CA PHE B 564 14.30 -7.90 44.55
C PHE B 564 15.15 -9.06 45.05
N GLN B 565 15.66 -9.91 44.15
CA GLN B 565 16.69 -10.85 44.61
C GLN B 565 18.01 -10.14 44.90
N ALA B 566 18.48 -9.30 43.99
CA ALA B 566 19.84 -8.77 44.08
C ALA B 566 19.97 -7.55 44.99
N LEU B 567 18.88 -7.11 45.62
CA LEU B 567 18.96 -6.00 46.57
C LEU B 567 19.91 -6.17 47.76
N LEU B 568 19.61 -7.14 48.66
CA LEU B 568 19.83 -6.92 50.09
C LEU B 568 21.28 -6.87 50.55
N PRO B 569 22.10 -7.94 50.45
CA PRO B 569 23.23 -8.03 51.39
C PRO B 569 24.42 -7.13 51.12
N ILE C 38 42.05 -20.28 -18.96
CA ILE C 38 42.25 -20.41 -17.53
C ILE C 38 42.80 -19.13 -16.94
N VAL C 39 43.62 -18.41 -17.71
CA VAL C 39 44.14 -17.14 -17.25
C VAL C 39 43.02 -16.10 -17.24
N GLU C 40 43.20 -15.08 -16.41
CA GLU C 40 42.14 -14.18 -15.96
C GLU C 40 42.63 -12.75 -16.07
N ILE C 41 41.93 -11.94 -16.85
CA ILE C 41 42.34 -10.56 -17.11
C ILE C 41 41.27 -9.62 -16.54
N ALA C 42 41.71 -8.44 -16.13
CA ALA C 42 40.83 -7.32 -15.86
C ALA C 42 41.46 -6.07 -16.44
N HIS C 43 40.62 -5.11 -16.80
CA HIS C 43 41.05 -3.97 -17.61
C HIS C 43 40.12 -2.76 -17.49
N PRO C 44 40.15 -2.05 -16.35
CA PRO C 44 39.94 -0.60 -16.42
C PRO C 44 41.26 0.13 -16.55
N ASN C 45 41.22 1.46 -16.54
CA ASN C 45 42.39 2.32 -16.43
C ASN C 45 42.43 2.90 -15.02
N ASP C 46 43.34 3.86 -14.83
CA ASP C 46 43.33 4.73 -13.66
C ASP C 46 42.01 5.48 -13.54
N GLU C 47 41.72 5.92 -12.30
CA GLU C 47 40.63 6.78 -11.83
C GLU C 47 39.21 6.30 -12.18
N TYR C 48 39.04 5.10 -12.71
CA TYR C 48 37.72 4.75 -13.25
C TYR C 48 36.74 4.34 -12.16
N SER C 49 35.46 4.40 -12.52
CA SER C 49 34.35 3.79 -11.80
C SER C 49 34.09 2.29 -12.07
N PRO C 50 34.16 1.74 -13.30
CA PRO C 50 33.86 0.30 -13.44
C PRO C 50 35.10 -0.58 -13.35
N LEU C 51 34.85 -1.90 -13.23
CA LEU C 51 35.87 -2.92 -13.31
C LEU C 51 35.39 -4.02 -14.25
N LEU C 52 36.25 -4.41 -15.20
CA LEU C 52 35.90 -5.36 -16.25
C LEU C 52 36.86 -6.54 -16.23
N LEU C 53 36.34 -7.76 -16.07
CA LEU C 53 37.21 -8.93 -16.02
C LEU C 53 36.64 -10.05 -16.88
N GLN C 54 37.55 -10.76 -17.55
CA GLN C 54 37.24 -11.89 -18.42
C GLN C 54 38.32 -12.95 -18.27
N VAL C 55 38.17 -14.08 -18.97
CA VAL C 55 39.14 -15.16 -18.95
C VAL C 55 39.40 -15.65 -20.38
N LYS C 56 40.56 -16.27 -20.55
CA LYS C 56 40.94 -17.03 -21.75
C LYS C 56 42.03 -18.00 -21.26
N SER C 57 42.82 -18.58 -22.16
CA SER C 57 43.67 -19.73 -21.84
C SER C 57 45.15 -19.36 -21.74
N LEU C 58 45.66 -19.34 -20.51
CA LEU C 58 47.07 -19.50 -20.12
C LEU C 58 48.00 -18.45 -20.75
N LYS C 59 47.82 -17.22 -20.27
CA LYS C 59 48.88 -16.22 -20.32
C LYS C 59 49.87 -16.50 -19.19
N GLU C 60 51.14 -16.65 -19.55
CA GLU C 60 52.22 -16.62 -18.58
C GLU C 60 53.32 -15.72 -19.12
N ASP C 61 53.39 -15.61 -20.46
CA ASP C 61 54.43 -14.85 -21.13
C ASP C 61 53.88 -13.75 -22.04
N LEU C 62 52.59 -13.44 -21.96
CA LEU C 62 51.89 -12.24 -22.43
C LEU C 62 51.91 -12.00 -23.94
N GLN C 63 52.57 -12.85 -24.73
CA GLN C 63 52.89 -12.46 -26.10
C GLN C 63 51.71 -12.68 -27.04
N LYS C 64 50.93 -13.72 -26.84
CA LYS C 64 49.78 -14.02 -27.67
C LYS C 64 48.53 -13.79 -26.86
N GLU C 65 47.68 -12.89 -27.31
CA GLU C 65 46.52 -12.45 -26.55
C GLU C 65 45.57 -11.76 -27.52
N THR C 66 44.44 -11.30 -26.99
CA THR C 66 43.45 -10.56 -27.75
C THR C 66 42.50 -9.90 -26.76
N ILE C 67 41.68 -9.00 -27.28
CA ILE C 67 40.38 -8.74 -26.69
C ILE C 67 39.47 -9.91 -27.09
N SER C 68 38.87 -10.56 -26.10
CA SER C 68 38.21 -11.83 -26.35
C SER C 68 36.89 -11.65 -27.08
N VAL C 69 36.25 -10.49 -26.94
CA VAL C 69 34.93 -10.23 -27.53
C VAL C 69 35.01 -8.96 -28.36
N ASP C 70 34.52 -9.02 -29.60
CA ASP C 70 34.39 -7.82 -30.43
C ASP C 70 33.27 -6.93 -29.91
N GLN C 71 32.05 -7.45 -29.88
CA GLN C 71 30.86 -6.66 -29.56
C GLN C 71 30.62 -6.50 -28.06
N THR C 72 31.63 -6.74 -27.21
CA THR C 72 31.51 -6.24 -25.84
C THR C 72 31.71 -4.73 -25.79
N VAL C 73 32.22 -4.14 -26.87
CA VAL C 73 32.12 -2.70 -27.09
C VAL C 73 30.66 -2.26 -27.02
N THR C 74 29.83 -2.77 -27.93
CA THR C 74 28.43 -2.38 -27.97
C THR C 74 27.62 -3.02 -26.85
N GLN C 75 28.18 -3.99 -26.14
CA GLN C 75 27.58 -4.37 -24.86
C GLN C 75 27.80 -3.30 -23.81
N VAL C 76 29.07 -3.01 -23.47
CA VAL C 76 29.26 -2.17 -22.29
C VAL C 76 29.90 -0.83 -22.64
N PHE C 77 31.17 -0.83 -23.02
CA PHE C 77 31.97 0.41 -23.00
C PHE C 77 32.93 0.43 -24.17
N ARG C 78 33.00 1.59 -24.83
CA ARG C 78 33.68 1.71 -26.11
C ARG C 78 35.14 2.08 -25.90
N LEU C 79 36.02 1.33 -26.56
CA LEU C 79 37.37 1.74 -26.94
C LEU C 79 37.74 0.82 -28.08
N ARG C 80 38.84 1.12 -28.77
CA ARG C 80 39.18 0.36 -29.97
C ARG C 80 39.61 -1.07 -29.62
N PRO C 81 39.00 -2.10 -30.26
CA PRO C 81 39.29 -3.53 -29.94
C PRO C 81 40.44 -4.18 -30.72
N TYR C 82 41.66 -3.89 -30.29
CA TYR C 82 42.86 -4.53 -30.78
C TYR C 82 43.49 -5.28 -29.60
N GLN C 83 44.71 -5.79 -29.79
CA GLN C 83 45.33 -6.70 -28.84
C GLN C 83 46.16 -6.00 -27.77
N ASP C 84 46.75 -4.84 -28.05
CA ASP C 84 47.81 -4.28 -27.21
C ASP C 84 47.45 -2.88 -26.75
N VAL C 85 47.29 -2.69 -25.44
CA VAL C 85 47.33 -1.37 -24.84
C VAL C 85 48.30 -1.27 -23.69
N TYR C 86 48.81 -2.40 -23.19
CA TYR C 86 49.70 -2.51 -22.02
C TYR C 86 49.08 -1.81 -20.80
N VAL C 87 47.85 -2.23 -20.50
CA VAL C 87 47.06 -1.69 -19.39
C VAL C 87 46.63 -2.84 -18.49
N ASN C 88 46.45 -4.01 -19.11
CA ASN C 88 45.47 -4.99 -18.65
C ASN C 88 46.10 -5.92 -17.61
N VAL C 89 45.58 -5.89 -16.40
CA VAL C 89 46.21 -6.56 -15.26
C VAL C 89 45.69 -7.98 -15.17
N VAL C 90 46.60 -8.94 -14.98
CA VAL C 90 46.24 -10.35 -14.83
C VAL C 90 46.01 -10.63 -13.34
N ASP C 91 44.99 -11.43 -13.03
CA ASP C 91 44.49 -11.55 -11.66
C ASP C 91 44.32 -13.00 -11.23
N PRO C 92 44.57 -13.29 -9.94
CA PRO C 92 44.28 -14.64 -9.41
C PRO C 92 42.80 -14.91 -9.17
N LYS C 93 42.10 -13.91 -8.60
CA LYS C 93 40.65 -13.85 -8.41
C LYS C 93 40.10 -15.11 -7.72
N ASP C 94 40.50 -15.28 -6.48
CA ASP C 94 39.81 -16.22 -5.60
C ASP C 94 38.73 -15.48 -4.79
N VAL C 95 37.88 -14.76 -5.51
CA VAL C 95 36.80 -13.96 -4.95
C VAL C 95 35.55 -14.30 -5.74
N THR C 96 34.50 -14.71 -5.04
CA THR C 96 33.34 -15.31 -5.67
C THR C 96 32.14 -14.36 -5.65
N LEU C 97 31.01 -14.88 -6.14
CA LEU C 97 29.75 -14.13 -6.30
C LEU C 97 28.64 -15.06 -5.82
N ASP C 98 28.16 -14.87 -4.58
CA ASP C 98 27.39 -15.95 -3.99
C ASP C 98 25.98 -16.09 -4.56
N LEU C 99 25.37 -15.04 -5.13
CA LEU C 99 24.08 -15.34 -5.76
C LEU C 99 23.94 -14.65 -7.11
N VAL C 100 23.62 -15.42 -8.14
CA VAL C 100 23.39 -14.90 -9.48
C VAL C 100 21.95 -15.21 -9.87
N GLU C 101 21.44 -14.45 -10.83
CA GLU C 101 20.08 -14.60 -11.28
C GLU C 101 20.07 -14.52 -12.80
N LEU C 102 18.99 -15.00 -13.41
CA LEU C 102 18.75 -14.71 -14.82
C LEU C 102 17.26 -14.80 -15.12
N THR C 103 16.87 -14.28 -16.27
CA THR C 103 15.50 -14.30 -16.74
C THR C 103 15.38 -15.00 -18.08
N PHE C 104 14.17 -15.49 -18.33
CA PHE C 104 13.78 -16.09 -19.60
C PHE C 104 12.68 -15.25 -20.24
N LYS C 105 12.61 -15.31 -21.56
CA LYS C 105 11.56 -14.65 -22.33
C LYS C 105 11.07 -15.57 -23.44
N ASP C 106 9.77 -15.89 -23.40
CA ASP C 106 9.03 -16.62 -24.44
C ASP C 106 9.66 -17.98 -24.76
N GLN C 107 9.66 -18.84 -23.75
CA GLN C 107 10.41 -20.09 -23.82
C GLN C 107 9.93 -21.01 -22.70
N TYR C 108 9.87 -22.31 -22.99
CA TYR C 108 9.61 -23.33 -21.97
C TYR C 108 10.85 -24.19 -21.76
N ILE C 109 11.18 -24.47 -20.50
CA ILE C 109 12.21 -25.43 -20.16
C ILE C 109 11.74 -26.30 -19.00
N GLY C 110 12.66 -27.13 -18.50
CA GLY C 110 12.49 -27.83 -17.25
C GLY C 110 13.69 -27.60 -16.35
N ARG C 111 13.55 -27.79 -15.04
CA ARG C 111 14.64 -27.51 -14.11
C ARG C 111 15.79 -28.50 -14.25
N GLY C 112 15.60 -29.64 -14.89
CA GLY C 112 16.73 -30.46 -15.27
C GLY C 112 17.60 -29.77 -16.31
N ASP C 113 16.98 -29.03 -17.22
CA ASP C 113 17.76 -28.22 -18.15
C ASP C 113 18.46 -27.09 -17.41
N MET C 114 17.87 -26.58 -16.33
CA MET C 114 18.58 -25.64 -15.46
C MET C 114 19.79 -26.29 -14.82
N TRP C 115 19.65 -27.57 -14.44
CA TRP C 115 20.75 -28.29 -13.84
C TRP C 115 21.91 -28.46 -14.81
N ARG C 116 21.61 -28.81 -16.06
CA ARG C 116 22.70 -28.91 -17.01
C ARG C 116 23.22 -27.54 -17.48
N LEU C 117 22.40 -26.49 -17.40
CA LEU C 117 22.91 -25.13 -17.56
C LEU C 117 23.93 -24.80 -16.49
N LYS C 118 23.63 -25.16 -15.23
CA LYS C 118 24.59 -24.95 -14.16
C LYS C 118 25.83 -25.80 -14.38
N LYS C 119 25.65 -27.01 -14.91
CA LYS C 119 26.79 -27.92 -15.08
C LYS C 119 27.71 -27.47 -16.21
N SER C 120 27.17 -26.86 -17.25
CA SER C 120 28.01 -26.19 -18.23
C SER C 120 28.36 -24.77 -17.82
N LEU C 121 27.86 -24.33 -16.66
CA LEU C 121 28.04 -22.98 -16.17
C LEU C 121 28.88 -22.99 -14.89
N VAL C 122 29.62 -24.07 -14.66
CA VAL C 122 30.31 -24.28 -13.39
C VAL C 122 31.43 -23.27 -13.19
N SER C 123 32.24 -23.04 -14.22
CA SER C 123 33.55 -22.40 -14.10
C SER C 123 33.71 -21.26 -15.09
N THR C 124 32.77 -20.31 -15.12
CA THR C 124 32.81 -19.30 -16.17
C THR C 124 32.50 -17.91 -15.62
N CYS C 125 32.60 -16.92 -16.51
CA CYS C 125 32.43 -15.51 -16.21
C CYS C 125 30.96 -15.13 -16.11
N ALA C 126 30.71 -13.93 -15.60
CA ALA C 126 29.34 -13.43 -15.46
C ALA C 126 29.41 -11.90 -15.43
N TYR C 127 29.08 -11.28 -16.55
CA TYR C 127 28.87 -9.85 -16.62
C TYR C 127 27.39 -9.56 -16.75
N ILE C 128 27.00 -8.34 -16.36
CA ILE C 128 25.60 -7.96 -16.36
C ILE C 128 25.06 -7.93 -17.79
N THR C 129 23.76 -8.23 -17.92
CA THR C 129 22.98 -8.20 -19.18
C THR C 129 23.58 -9.10 -20.25
N GLN C 130 24.13 -10.24 -19.84
CA GLN C 130 24.70 -11.21 -20.77
C GLN C 130 23.62 -12.11 -21.34
N LYS C 131 23.54 -12.16 -22.66
CA LYS C 131 22.80 -13.24 -23.31
C LYS C 131 23.72 -14.44 -23.39
N VAL C 132 23.22 -15.62 -23.06
CA VAL C 132 24.03 -16.82 -23.13
C VAL C 132 23.16 -17.97 -23.64
N GLU C 133 23.82 -18.94 -24.27
CA GLU C 133 23.17 -20.09 -24.90
C GLU C 133 23.91 -21.37 -24.51
N PHE C 134 23.14 -22.39 -24.18
CA PHE C 134 23.66 -23.76 -24.02
C PHE C 134 22.64 -24.72 -24.58
N ALA C 135 23.11 -25.69 -25.38
CA ALA C 135 22.33 -26.83 -25.87
C ALA C 135 21.10 -26.41 -26.66
N GLY C 136 21.16 -25.26 -27.33
CA GLY C 136 20.03 -24.74 -28.07
C GLY C 136 19.13 -23.78 -27.32
N ILE C 137 19.24 -23.72 -25.99
CA ILE C 137 18.34 -22.89 -25.20
C ILE C 137 19.11 -21.72 -24.60
N ARG C 138 18.37 -20.74 -24.10
CA ARG C 138 18.84 -19.37 -23.94
C ARG C 138 18.65 -18.88 -22.51
N ALA C 139 19.28 -17.74 -22.22
CA ALA C 139 19.23 -17.14 -20.89
C ALA C 139 19.70 -15.69 -20.97
N GLN C 140 19.16 -14.85 -20.09
CA GLN C 140 19.62 -13.46 -20.00
C GLN C 140 19.89 -13.08 -18.56
N ALA C 141 21.13 -12.71 -18.25
CA ALA C 141 21.64 -12.63 -16.89
C ALA C 141 21.05 -11.46 -16.10
N GLY C 142 21.23 -11.50 -14.78
CA GLY C 142 20.81 -10.41 -13.91
C GLY C 142 20.81 -10.66 -12.41
N GLU C 143 20.96 -9.58 -11.64
CA GLU C 143 20.80 -9.57 -10.17
C GLU C 143 21.79 -10.52 -9.49
N LEU C 144 23.08 -10.14 -9.55
CA LEU C 144 24.15 -10.90 -8.92
C LEU C 144 24.78 -10.12 -7.77
N TRP C 145 24.51 -10.62 -6.56
CA TRP C 145 24.95 -10.04 -5.29
C TRP C 145 26.14 -10.80 -4.73
N VAL C 146 26.97 -10.06 -4.00
CA VAL C 146 28.00 -10.62 -3.13
C VAL C 146 27.95 -9.86 -1.80
N LYS C 147 27.20 -10.43 -0.85
CA LYS C 147 27.21 -10.29 0.61
C LYS C 147 26.80 -8.94 1.19
N ASN C 148 27.02 -7.84 0.45
CA ASN C 148 26.47 -6.54 0.80
C ASN C 148 26.13 -5.79 -0.47
N GLU C 149 26.84 -6.14 -1.56
CA GLU C 149 26.90 -5.27 -2.72
C GLU C 149 26.43 -6.00 -3.96
N LYS C 150 26.04 -5.20 -4.95
CA LYS C 150 25.54 -5.70 -6.22
C LYS C 150 26.61 -5.49 -7.27
N VAL C 151 27.22 -6.57 -7.76
CA VAL C 151 28.48 -6.45 -8.49
C VAL C 151 28.26 -6.73 -9.97
N MET C 152 28.76 -5.81 -10.80
CA MET C 152 28.39 -5.74 -12.20
C MET C 152 29.06 -6.85 -13.00
N CYS C 153 30.32 -7.15 -12.70
CA CYS C 153 31.12 -8.12 -13.44
C CYS C 153 31.89 -9.00 -12.47
N GLY C 154 31.87 -10.31 -12.72
CA GLY C 154 32.56 -11.22 -11.83
C GLY C 154 32.65 -12.62 -12.40
N TYR C 155 33.00 -13.57 -11.54
CA TYR C 155 33.30 -14.94 -11.94
C TYR C 155 32.56 -15.92 -11.04
N ILE C 156 32.09 -17.03 -11.62
CA ILE C 156 31.31 -18.04 -10.93
C ILE C 156 31.96 -19.40 -11.16
N SER C 157 32.25 -20.11 -10.07
CA SER C 157 32.78 -21.47 -10.16
C SER C 157 32.31 -22.28 -8.96
N GLU C 158 31.32 -23.15 -9.22
CA GLU C 158 31.01 -24.41 -8.55
C GLU C 158 30.46 -24.34 -7.12
N ASP C 159 30.46 -23.17 -6.48
CA ASP C 159 30.00 -23.12 -5.10
C ASP C 159 29.11 -21.92 -4.82
N THR C 160 28.68 -21.21 -5.85
CA THR C 160 27.73 -20.12 -5.73
C THR C 160 26.31 -20.68 -5.68
N ARG C 161 25.32 -19.82 -5.86
CA ARG C 161 24.00 -20.33 -6.12
C ARG C 161 23.27 -19.45 -7.15
N VAL C 162 22.26 -20.06 -7.76
CA VAL C 162 21.61 -19.57 -8.97
C VAL C 162 20.12 -19.41 -8.72
N VAL C 163 19.52 -18.40 -9.36
CA VAL C 163 18.09 -18.15 -9.29
C VAL C 163 17.58 -17.90 -10.70
N PHE C 164 16.58 -18.67 -11.11
CA PHE C 164 16.03 -18.61 -12.47
C PHE C 164 14.62 -18.04 -12.41
N ARG C 165 14.37 -16.99 -13.17
CA ARG C 165 13.08 -16.34 -13.17
C ARG C 165 12.59 -16.19 -14.61
N SER C 166 11.28 -16.12 -14.74
CA SER C 166 10.67 -15.96 -16.05
C SER C 166 9.95 -14.63 -16.12
N THR C 167 10.01 -14.00 -17.29
CA THR C 167 9.06 -12.97 -17.62
C THR C 167 8.10 -13.46 -18.70
N SER C 168 7.84 -14.76 -18.71
CA SER C 168 6.96 -15.43 -19.67
C SER C 168 6.10 -16.43 -18.91
N ALA C 169 5.35 -15.97 -17.94
CA ALA C 169 4.77 -16.90 -16.98
C ALA C 169 3.24 -16.90 -17.04
N MET C 170 2.64 -17.61 -16.08
CA MET C 170 1.20 -17.83 -16.01
C MET C 170 0.71 -17.29 -14.67
N VAL C 171 -0.12 -16.25 -14.72
CA VAL C 171 -0.53 -15.53 -13.52
C VAL C 171 -2.05 -15.60 -13.39
N TYR C 172 -2.51 -15.97 -12.20
CA TYR C 172 -3.94 -16.06 -11.91
C TYR C 172 -4.22 -15.06 -10.81
N ILE C 173 -4.92 -13.98 -11.12
CA ILE C 173 -5.20 -12.97 -10.12
C ILE C 173 -6.68 -13.05 -9.77
N PHE C 174 -6.95 -13.14 -8.47
CA PHE C 174 -8.30 -13.20 -7.95
C PHE C 174 -8.60 -11.89 -7.25
N ILE C 175 -9.86 -11.47 -7.31
CA ILE C 175 -10.30 -10.27 -6.62
C ILE C 175 -11.47 -10.64 -5.73
N GLN C 176 -11.22 -10.58 -4.42
CA GLN C 176 -12.27 -10.81 -3.44
C GLN C 176 -13.13 -9.57 -3.35
N MET C 177 -14.44 -9.74 -3.18
CA MET C 177 -15.31 -8.60 -2.94
C MET C 177 -16.17 -8.85 -1.72
N SER C 178 -16.01 -7.99 -0.72
CA SER C 178 -16.63 -8.12 0.58
C SER C 178 -17.60 -6.97 0.78
N CYS C 179 -18.08 -6.82 2.01
CA CYS C 179 -18.94 -5.67 2.34
C CYS C 179 -18.16 -4.38 2.48
N GLU C 180 -16.84 -4.38 2.32
CA GLU C 180 -16.03 -3.21 2.54
C GLU C 180 -15.43 -2.64 1.26
N MET C 181 -15.67 -3.27 0.10
CA MET C 181 -15.32 -2.63 -1.16
C MET C 181 -16.15 -1.37 -1.39
N TRP C 182 -17.38 -1.36 -0.86
CA TRP C 182 -18.26 -0.20 -0.98
C TRP C 182 -18.12 0.78 0.17
N ASP C 183 -16.95 0.86 0.79
CA ASP C 183 -16.75 1.76 1.92
C ASP C 183 -15.63 2.74 1.62
N PHE C 184 -15.77 3.96 2.16
CA PHE C 184 -14.73 4.96 2.12
C PHE C 184 -13.62 4.61 3.13
N ASP C 185 -12.51 5.33 3.03
CA ASP C 185 -11.32 4.95 3.78
C ASP C 185 -10.48 6.18 4.10
N ILE C 186 -9.19 5.95 4.41
CA ILE C 186 -8.25 7.04 4.65
C ILE C 186 -8.01 7.84 3.37
N TYR C 187 -7.81 9.15 3.54
CA TYR C 187 -7.55 10.19 2.55
C TYR C 187 -8.77 10.55 1.70
N GLY C 188 -9.81 9.74 1.74
CA GLY C 188 -11.02 10.00 0.97
C GLY C 188 -10.92 9.35 -0.39
N ASP C 189 -11.54 8.18 -0.54
CA ASP C 189 -11.41 7.28 -1.68
C ASP C 189 -12.38 6.13 -1.49
N LEU C 190 -12.49 5.25 -2.46
CA LEU C 190 -13.21 4.00 -2.28
C LEU C 190 -12.22 2.88 -2.52
N TYR C 191 -12.40 1.78 -1.77
CA TYR C 191 -11.49 0.64 -1.86
C TYR C 191 -11.46 0.03 -3.25
N PHE C 192 -12.59 0.07 -3.98
CA PHE C 192 -12.62 -0.49 -5.32
C PHE C 192 -11.68 0.24 -6.26
N GLU C 193 -11.84 1.56 -6.40
CA GLU C 193 -10.96 2.23 -7.35
C GLU C 193 -9.54 2.35 -6.83
N LYS C 194 -9.34 2.38 -5.50
CA LYS C 194 -7.98 2.26 -4.96
C LYS C 194 -7.32 0.98 -5.44
N ALA C 195 -7.93 -0.18 -5.11
CA ALA C 195 -7.43 -1.51 -5.46
C ALA C 195 -7.21 -1.66 -6.95
N VAL C 196 -8.32 -1.60 -7.71
CA VAL C 196 -8.27 -1.85 -9.15
C VAL C 196 -7.43 -0.79 -9.84
N ASN C 197 -7.85 0.49 -9.75
CA ASN C 197 -7.21 1.58 -10.48
C ASN C 197 -5.75 1.71 -10.09
N GLY C 198 -5.45 1.98 -8.82
CA GLY C 198 -4.09 2.14 -8.36
C GLY C 198 -3.20 0.92 -8.54
N PHE C 199 -3.56 -0.22 -7.94
CA PHE C 199 -2.66 -1.36 -7.96
C PHE C 199 -2.52 -1.94 -9.36
N LEU C 200 -3.63 -2.14 -10.06
CA LEU C 200 -3.55 -2.75 -11.37
C LEU C 200 -2.93 -1.81 -12.39
N ALA C 201 -3.15 -0.49 -12.27
CA ALA C 201 -2.51 0.44 -13.18
C ALA C 201 -1.01 0.49 -12.96
N ASP C 202 -0.58 0.45 -11.69
CA ASP C 202 0.86 0.44 -11.42
C ASP C 202 1.51 -0.85 -11.90
N LEU C 203 0.84 -1.98 -11.66
CA LEU C 203 1.43 -3.27 -12.06
C LEU C 203 1.46 -3.41 -13.57
N PHE C 204 0.47 -2.88 -14.27
CA PHE C 204 0.49 -3.01 -15.72
C PHE C 204 1.46 -2.05 -16.36
N THR C 205 1.67 -0.86 -15.77
CA THR C 205 2.74 0.00 -16.26
C THR C 205 4.12 -0.60 -16.00
N LYS C 206 4.29 -1.31 -14.89
CA LYS C 206 5.60 -1.92 -14.66
C LYS C 206 5.80 -3.14 -15.54
N TRP C 207 4.74 -3.86 -15.87
CA TRP C 207 4.85 -4.93 -16.86
C TRP C 207 5.18 -4.38 -18.23
N LYS C 208 4.56 -3.26 -18.61
CA LYS C 208 4.84 -2.68 -19.93
C LYS C 208 6.26 -2.12 -19.99
N GLU C 209 6.76 -1.62 -18.86
CA GLU C 209 8.14 -1.15 -18.82
C GLU C 209 9.11 -2.32 -18.93
N LYS C 210 8.94 -3.35 -18.10
CA LYS C 210 9.89 -4.46 -18.12
C LYS C 210 9.63 -5.44 -19.24
N ASN C 211 8.51 -5.28 -19.96
CA ASN C 211 8.23 -5.95 -21.25
C ASN C 211 8.15 -7.47 -21.10
N CYS C 212 7.27 -7.90 -20.21
CA CYS C 212 7.09 -9.31 -19.94
C CYS C 212 5.97 -9.88 -20.81
N SER C 213 5.54 -11.09 -20.46
CA SER C 213 4.45 -11.78 -21.15
C SER C 213 3.90 -12.83 -20.20
N HIS C 214 2.57 -12.90 -20.10
CA HIS C 214 1.93 -13.80 -19.16
C HIS C 214 0.61 -14.30 -19.73
N GLU C 215 0.16 -15.41 -19.17
CA GLU C 215 -1.18 -15.93 -19.38
C GLU C 215 -1.98 -15.59 -18.14
N VAL C 216 -2.89 -14.64 -18.26
CA VAL C 216 -3.62 -14.12 -17.10
C VAL C 216 -4.98 -14.81 -17.02
N THR C 217 -5.45 -15.03 -15.79
CA THR C 217 -6.88 -15.22 -15.53
C THR C 217 -7.29 -14.20 -14.49
N VAL C 218 -8.46 -13.56 -14.64
CA VAL C 218 -8.90 -12.59 -13.67
C VAL C 218 -10.25 -13.04 -13.16
N VAL C 219 -10.32 -13.48 -11.91
CA VAL C 219 -11.59 -14.01 -11.40
C VAL C 219 -12.13 -13.09 -10.33
N LEU C 220 -13.34 -12.57 -10.54
CA LEU C 220 -14.05 -11.81 -9.52
C LEU C 220 -14.89 -12.77 -8.70
N PHE C 221 -14.90 -12.59 -7.37
CA PHE C 221 -15.67 -13.54 -6.58
C PHE C 221 -16.20 -12.95 -5.28
N SER C 222 -17.21 -13.63 -4.72
CA SER C 222 -17.79 -13.29 -3.41
C SER C 222 -18.66 -14.44 -2.91
N ARG C 223 -19.39 -14.19 -1.82
CA ARG C 223 -20.40 -15.11 -1.26
C ARG C 223 -21.70 -14.39 -0.97
N THR C 224 -22.76 -15.21 -0.83
CA THR C 224 -24.10 -14.76 -0.44
C THR C 224 -24.65 -15.71 0.61
N PHE C 225 -25.69 -15.24 1.31
CA PHE C 225 -26.35 -15.95 2.39
C PHE C 225 -27.86 -15.98 2.22
N TYR C 226 -28.43 -17.12 2.64
CA TYR C 226 -29.82 -17.55 2.45
C TYR C 226 -30.17 -17.65 0.96
N ASP C 227 -29.58 -18.67 0.35
CA ASP C 227 -29.89 -19.12 -1.00
C ASP C 227 -30.55 -20.49 -0.97
N ALA C 228 -31.51 -20.67 -0.06
CA ALA C 228 -31.89 -21.97 0.49
C ALA C 228 -32.48 -22.98 -0.49
N LYS C 229 -33.66 -22.72 -1.03
CA LYS C 229 -34.34 -23.77 -1.79
C LYS C 229 -35.29 -23.17 -2.82
N SER C 230 -35.03 -23.53 -4.08
CA SER C 230 -35.80 -23.22 -5.28
C SER C 230 -35.22 -24.07 -6.40
N VAL C 231 -36.11 -24.55 -7.27
CA VAL C 231 -35.70 -25.55 -8.26
C VAL C 231 -34.87 -24.88 -9.35
N ASP C 232 -33.99 -25.67 -9.96
CA ASP C 232 -32.90 -25.36 -10.89
C ASP C 232 -31.75 -24.66 -10.18
N GLU C 233 -31.90 -24.30 -8.90
CA GLU C 233 -30.83 -23.69 -8.11
C GLU C 233 -30.56 -24.49 -6.86
N PHE C 234 -30.94 -25.77 -6.87
CA PHE C 234 -30.54 -26.71 -5.83
C PHE C 234 -29.04 -26.98 -5.67
N PRO C 235 -28.19 -27.17 -6.74
CA PRO C 235 -26.89 -27.82 -6.49
C PRO C 235 -25.79 -26.92 -5.96
N GLU C 236 -26.12 -25.78 -5.39
CA GLU C 236 -25.13 -24.72 -5.22
C GLU C 236 -24.91 -24.29 -3.77
N ILE C 237 -25.46 -24.99 -2.79
CA ILE C 237 -25.54 -24.47 -1.42
C ILE C 237 -24.63 -25.26 -0.51
N ASN C 238 -23.71 -24.57 0.17
CA ASN C 238 -22.99 -25.13 1.29
C ASN C 238 -23.58 -24.62 2.60
N ARG C 239 -23.10 -25.18 3.72
CA ARG C 239 -23.69 -24.88 5.02
C ARG C 239 -22.56 -24.56 6.00
N ALA C 240 -22.52 -23.31 6.47
CA ALA C 240 -21.56 -22.89 7.47
C ALA C 240 -22.01 -23.37 8.84
N SER C 241 -21.08 -23.96 9.59
CA SER C 241 -21.46 -24.82 10.71
C SER C 241 -20.41 -24.77 11.80
N ILE C 242 -20.77 -24.21 12.95
CA ILE C 242 -19.91 -24.22 14.15
C ILE C 242 -20.34 -25.40 15.02
N ARG C 243 -19.35 -26.17 15.52
CA ARG C 243 -19.61 -27.48 16.11
C ARG C 243 -20.23 -27.44 17.51
N GLN C 244 -20.14 -26.33 18.25
CA GLN C 244 -20.89 -26.24 19.50
C GLN C 244 -21.82 -25.04 19.57
N ASP C 245 -21.33 -23.83 19.28
CA ASP C 245 -22.18 -22.65 19.26
C ASP C 245 -23.13 -22.72 18.08
N HIS C 246 -24.43 -22.56 18.37
CA HIS C 246 -25.50 -22.94 17.44
C HIS C 246 -25.61 -21.93 16.32
N LYS C 247 -24.73 -22.07 15.32
CA LYS C 247 -24.89 -21.34 14.08
C LYS C 247 -24.51 -22.27 12.93
N GLY C 248 -25.50 -22.58 12.12
CA GLY C 248 -25.29 -23.17 10.81
C GLY C 248 -26.27 -22.56 9.82
N ARG C 249 -25.75 -21.94 8.78
CA ARG C 249 -26.58 -21.26 7.79
C ARG C 249 -26.21 -21.74 6.39
N PHE C 250 -26.99 -21.31 5.41
CA PHE C 250 -26.83 -21.75 4.04
C PHE C 250 -26.25 -20.62 3.21
N TYR C 251 -25.16 -20.91 2.49
CA TYR C 251 -24.43 -19.89 1.77
C TYR C 251 -24.00 -20.44 0.42
N GLU C 252 -23.40 -19.55 -0.37
CA GLU C 252 -23.00 -19.86 -1.74
C GLU C 252 -21.88 -18.90 -2.13
N ASP C 253 -20.96 -19.36 -2.98
CA ASP C 253 -19.98 -18.47 -3.56
C ASP C 253 -20.18 -18.31 -5.07
N PHE C 254 -20.12 -17.04 -5.48
CA PHE C 254 -20.31 -16.59 -6.85
C PHE C 254 -18.95 -16.33 -7.48
N TYR C 255 -18.74 -16.84 -8.70
CA TYR C 255 -17.58 -16.53 -9.51
C TYR C 255 -18.01 -15.80 -10.78
N LYS C 256 -17.07 -15.08 -11.38
CA LYS C 256 -17.26 -14.53 -12.71
C LYS C 256 -15.87 -14.29 -13.28
N VAL C 257 -15.56 -14.88 -14.43
CA VAL C 257 -14.22 -14.72 -14.97
C VAL C 257 -14.22 -13.59 -15.99
N VAL C 258 -13.12 -12.86 -16.04
CA VAL C 258 -12.75 -12.00 -17.15
C VAL C 258 -11.32 -12.35 -17.53
N VAL C 259 -10.89 -11.78 -18.66
CA VAL C 259 -10.46 -12.54 -19.83
C VAL C 259 -9.75 -13.83 -19.48
N GLN C 260 -10.27 -14.93 -20.02
CA GLN C 260 -10.08 -16.29 -19.52
C GLN C 260 -8.65 -16.77 -19.58
N ASN C 261 -8.09 -16.93 -20.77
CA ASN C 261 -6.71 -17.40 -20.86
C ASN C 261 -6.15 -16.81 -22.15
N GLU C 262 -5.55 -15.64 -22.05
CA GLU C 262 -5.15 -14.92 -23.25
C GLU C 262 -3.95 -14.03 -22.97
N ARG C 263 -2.94 -14.14 -23.81
CA ARG C 263 -1.84 -13.18 -23.86
C ARG C 263 -2.15 -12.11 -24.89
N ARG C 264 -1.98 -10.84 -24.50
CA ARG C 264 -2.14 -9.75 -25.44
C ARG C 264 -1.35 -8.56 -24.95
N GLU C 265 -0.80 -7.79 -25.89
CA GLU C 265 -0.07 -6.59 -25.53
C GLU C 265 -1.05 -5.47 -25.19
N GLU C 266 -0.54 -4.48 -24.45
CA GLU C 266 -1.25 -3.23 -24.13
C GLU C 266 -2.55 -3.52 -23.37
N TRP C 267 -2.37 -3.88 -22.10
CA TRP C 267 -3.48 -4.20 -21.19
C TRP C 267 -4.21 -2.94 -20.75
N THR C 268 -4.87 -3.01 -19.58
CA THR C 268 -5.47 -1.94 -18.77
C THR C 268 -6.86 -1.58 -19.31
N SER C 269 -7.29 -2.10 -20.46
CA SER C 269 -8.71 -2.05 -20.78
C SER C 269 -9.53 -2.97 -19.88
N LEU C 270 -8.87 -3.97 -19.28
CA LEU C 270 -9.48 -4.80 -18.24
C LEU C 270 -9.95 -3.97 -17.05
N LEU C 271 -9.26 -2.87 -16.75
CA LEU C 271 -9.73 -1.96 -15.71
C LEU C 271 -11.08 -1.37 -16.05
N VAL C 272 -11.28 -1.02 -17.32
CA VAL C 272 -12.57 -0.46 -17.77
C VAL C 272 -13.66 -1.52 -17.68
N THR C 273 -13.34 -2.75 -18.11
CA THR C 273 -14.33 -3.82 -18.02
C THR C 273 -14.67 -4.16 -16.58
N ILE C 274 -13.68 -4.13 -15.69
CA ILE C 274 -13.92 -4.42 -14.28
C ILE C 274 -14.75 -3.31 -13.63
N LYS C 275 -14.56 -2.06 -14.06
CA LYS C 275 -15.40 -0.97 -13.57
C LYS C 275 -16.86 -1.16 -13.97
N LYS C 276 -17.09 -1.52 -15.24
CA LYS C 276 -18.46 -1.76 -15.71
C LYS C 276 -19.09 -2.93 -14.98
N LEU C 277 -18.33 -4.00 -14.75
CA LEU C 277 -18.84 -5.15 -14.01
C LEU C 277 -19.06 -4.83 -12.54
N PHE C 278 -18.29 -3.91 -11.97
CA PHE C 278 -18.54 -3.51 -10.60
C PHE C 278 -19.81 -2.68 -10.47
N ILE C 279 -20.14 -1.93 -11.52
CA ILE C 279 -21.42 -1.22 -11.47
C ILE C 279 -22.58 -2.18 -11.64
N GLN C 280 -22.50 -3.09 -12.62
CA GLN C 280 -23.61 -4.03 -12.79
C GLN C 280 -23.50 -5.27 -11.89
N TYR C 281 -22.60 -5.27 -10.92
CA TYR C 281 -22.38 -6.46 -10.11
C TYR C 281 -23.43 -6.76 -9.04
N PRO C 282 -23.90 -5.84 -8.18
CA PRO C 282 -24.78 -6.30 -7.09
C PRO C 282 -26.16 -6.71 -7.54
N VAL C 283 -26.65 -6.27 -8.70
CA VAL C 283 -27.91 -6.82 -9.18
C VAL C 283 -27.69 -8.21 -9.75
N LEU C 284 -26.54 -8.44 -10.38
CA LEU C 284 -26.02 -9.74 -10.82
C LEU C 284 -25.78 -10.70 -9.66
N VAL C 285 -25.72 -10.18 -8.45
CA VAL C 285 -25.72 -11.00 -7.26
C VAL C 285 -27.11 -11.13 -6.63
N ARG C 286 -27.93 -10.08 -6.64
CA ARG C 286 -29.10 -9.96 -5.79
C ARG C 286 -30.39 -10.49 -6.42
N LEU C 287 -30.71 -10.12 -7.67
CA LEU C 287 -32.02 -10.48 -8.21
C LEU C 287 -32.04 -11.85 -8.90
N GLU C 288 -31.06 -12.69 -8.62
CA GLU C 288 -30.96 -14.08 -9.06
C GLU C 288 -31.53 -15.05 -8.03
N GLN C 289 -30.95 -16.25 -7.99
CA GLN C 289 -31.47 -17.56 -7.58
C GLN C 289 -32.59 -17.64 -6.54
N ALA C 290 -32.54 -16.85 -5.46
CA ALA C 290 -33.47 -17.02 -4.36
C ALA C 290 -33.86 -15.66 -3.83
N GLU C 291 -35.00 -15.16 -4.29
CA GLU C 291 -35.54 -13.88 -3.84
C GLU C 291 -36.42 -14.03 -2.60
N GLY C 292 -35.86 -14.66 -1.56
CA GLY C 292 -36.45 -14.70 -0.24
C GLY C 292 -35.96 -13.52 0.58
N PHE C 293 -35.24 -13.76 1.68
CA PHE C 293 -34.45 -12.69 2.26
C PHE C 293 -32.99 -12.92 1.91
N PRO C 294 -32.36 -12.03 1.16
CA PRO C 294 -30.96 -12.23 0.78
C PRO C 294 -30.02 -11.48 1.71
N GLN C 295 -28.78 -11.94 1.75
CA GLN C 295 -27.72 -11.06 2.25
C GLN C 295 -26.45 -11.41 1.47
N GLY C 296 -26.08 -10.53 0.53
CA GLY C 296 -24.87 -10.74 -0.24
C GLY C 296 -23.64 -10.26 0.49
N ASP C 297 -22.51 -10.38 -0.21
CA ASP C 297 -21.19 -9.74 0.03
C ASP C 297 -20.80 -9.64 1.51
N ASN C 298 -20.61 -10.82 2.10
CA ASN C 298 -20.13 -10.98 3.47
C ASN C 298 -18.83 -10.24 3.78
N SER C 299 -18.54 -10.04 5.06
CA SER C 299 -17.23 -9.50 5.42
C SER C 299 -16.15 -10.56 5.22
N THR C 300 -14.90 -10.13 5.36
CA THR C 300 -13.81 -11.09 5.30
C THR C 300 -13.66 -11.83 6.62
N SER C 301 -14.05 -11.20 7.73
CA SER C 301 -13.94 -11.84 9.03
C SER C 301 -15.25 -12.44 9.50
N ALA C 302 -16.37 -12.12 8.84
CA ALA C 302 -17.62 -12.80 9.14
C ALA C 302 -17.57 -14.23 8.63
N GLN C 303 -17.43 -14.38 7.32
CA GLN C 303 -17.15 -15.67 6.67
C GLN C 303 -16.08 -15.43 5.62
N GLY C 304 -15.83 -16.44 4.78
CA GLY C 304 -14.80 -16.27 3.78
C GLY C 304 -14.53 -17.48 2.92
N ASN C 305 -14.35 -17.24 1.61
CA ASN C 305 -14.04 -18.27 0.63
C ASN C 305 -12.63 -18.12 0.07
N TYR C 306 -11.74 -17.50 0.84
CA TYR C 306 -10.38 -17.20 0.40
C TYR C 306 -9.58 -18.45 0.10
N LEU C 307 -9.35 -19.26 1.13
CA LEU C 307 -8.47 -20.42 1.05
C LEU C 307 -9.02 -21.46 0.08
N GLU C 308 -10.34 -21.49 -0.11
CA GLU C 308 -10.93 -22.34 -1.13
C GLU C 308 -10.52 -21.91 -2.53
N ALA C 309 -10.43 -20.59 -2.75
CA ALA C 309 -10.03 -20.10 -4.06
C ALA C 309 -8.56 -20.37 -4.33
N ILE C 310 -7.72 -20.27 -3.29
CA ILE C 310 -6.34 -20.72 -3.47
C ILE C 310 -6.29 -22.22 -3.72
N ASN C 311 -7.20 -22.98 -3.10
CA ASN C 311 -7.22 -24.43 -3.31
C ASN C 311 -7.61 -24.79 -4.73
N LEU C 312 -8.53 -24.04 -5.33
CA LEU C 312 -8.86 -24.33 -6.72
C LEU C 312 -7.80 -23.84 -7.68
N SER C 313 -7.06 -22.79 -7.32
CA SER C 313 -5.89 -22.44 -8.11
C SER C 313 -4.88 -23.58 -8.10
N PHE C 314 -4.70 -24.22 -6.94
CA PHE C 314 -3.89 -25.42 -6.88
C PHE C 314 -4.51 -26.57 -7.68
N ASN C 315 -5.84 -26.67 -7.71
CA ASN C 315 -6.46 -27.75 -8.48
C ASN C 315 -6.57 -27.41 -9.96
N VAL C 316 -6.10 -26.24 -10.37
CA VAL C 316 -5.75 -26.01 -11.76
C VAL C 316 -4.28 -26.30 -12.02
N PHE C 317 -3.39 -25.83 -11.15
CA PHE C 317 -1.96 -26.00 -11.40
C PHE C 317 -1.47 -27.41 -11.23
N ASP C 318 -2.19 -28.26 -10.49
CA ASP C 318 -1.75 -29.64 -10.32
C ASP C 318 -1.87 -30.42 -11.63
N LYS C 319 -2.93 -30.15 -12.39
CA LYS C 319 -3.09 -30.68 -13.74
C LYS C 319 -2.59 -29.69 -14.78
N HIS C 320 -1.37 -29.19 -14.59
CA HIS C 320 -0.68 -28.43 -15.59
C HIS C 320 0.00 -29.30 -16.63
N TYR C 321 0.13 -30.59 -16.35
CA TYR C 321 0.91 -31.51 -17.17
C TYR C 321 0.10 -32.11 -18.29
N ILE C 322 -1.15 -31.68 -18.46
CA ILE C 322 -2.06 -32.36 -19.37
C ILE C 322 -2.12 -31.67 -20.72
N ASN C 323 -1.81 -30.37 -20.80
CA ASN C 323 -1.73 -29.63 -22.06
C ASN C 323 -0.57 -28.67 -21.87
N ARG C 324 0.63 -29.12 -22.19
CA ARG C 324 1.85 -28.43 -21.83
C ARG C 324 2.16 -27.34 -22.84
N ASN C 325 2.53 -26.16 -22.34
CA ASN C 325 2.85 -25.08 -23.26
C ASN C 325 4.29 -25.21 -23.75
N PHE C 326 4.58 -24.50 -24.82
CA PHE C 326 5.90 -24.50 -25.44
C PHE C 326 6.70 -23.25 -25.15
N ASP C 327 6.12 -22.30 -24.43
CA ASP C 327 6.76 -21.01 -24.26
C ASP C 327 6.59 -20.40 -22.87
N ARG C 328 5.97 -21.10 -21.92
CA ARG C 328 5.60 -20.53 -20.64
C ARG C 328 6.04 -21.46 -19.52
N THR C 329 6.76 -20.92 -18.53
CA THR C 329 7.31 -21.71 -17.43
C THR C 329 6.72 -21.38 -16.08
N GLY C 330 6.79 -20.11 -15.65
CA GLY C 330 6.52 -19.79 -14.27
C GLY C 330 5.05 -19.78 -13.92
N GLN C 331 4.75 -19.97 -12.65
CA GLN C 331 3.38 -20.11 -12.16
C GLN C 331 3.19 -19.20 -10.95
N MET C 332 2.13 -18.40 -10.95
CA MET C 332 1.97 -17.34 -9.95
C MET C 332 0.51 -17.13 -9.63
N SER C 333 0.14 -17.18 -8.34
CA SER C 333 -1.25 -17.01 -7.92
C SER C 333 -1.34 -15.78 -7.02
N VAL C 334 -1.78 -14.67 -7.57
CA VAL C 334 -1.97 -13.43 -6.82
C VAL C 334 -3.41 -13.37 -6.36
N VAL C 335 -3.62 -13.22 -5.06
CA VAL C 335 -4.96 -13.00 -4.53
C VAL C 335 -5.02 -11.61 -3.93
N ILE C 336 -5.91 -10.78 -4.46
CA ILE C 336 -6.13 -9.44 -3.94
C ILE C 336 -7.32 -9.48 -3.00
N THR C 337 -7.10 -9.06 -1.76
CA THR C 337 -8.20 -8.86 -0.86
C THR C 337 -8.28 -7.41 -0.40
N PRO C 338 -9.47 -6.89 -0.27
CA PRO C 338 -9.66 -5.63 0.46
C PRO C 338 -9.87 -5.87 1.94
N GLY C 339 -9.52 -7.05 2.43
CA GLY C 339 -9.72 -7.37 3.81
C GLY C 339 -8.67 -6.79 4.73
N VAL C 340 -8.21 -7.60 5.68
CA VAL C 340 -7.22 -7.12 6.65
C VAL C 340 -6.06 -8.10 6.84
N GLY C 341 -6.22 -9.38 6.56
CA GLY C 341 -5.23 -10.39 6.89
C GLY C 341 -5.77 -11.47 7.80
N VAL C 342 -6.97 -11.27 8.34
CA VAL C 342 -7.66 -12.26 9.15
C VAL C 342 -8.53 -13.09 8.23
N PHE C 343 -8.40 -14.41 8.32
CA PHE C 343 -9.43 -15.30 7.80
C PHE C 343 -9.66 -16.42 8.79
N GLU C 344 -10.84 -16.99 8.74
CA GLU C 344 -11.21 -18.10 9.61
C GLU C 344 -11.60 -19.28 8.72
N VAL C 345 -11.10 -20.46 9.05
CA VAL C 345 -11.21 -21.59 8.13
C VAL C 345 -11.09 -22.87 8.93
N ASP C 346 -11.61 -23.97 8.37
CA ASP C 346 -11.55 -25.26 9.03
C ASP C 346 -10.13 -25.81 8.91
N ARG C 347 -9.77 -26.64 9.89
CA ARG C 347 -8.41 -27.13 10.00
C ARG C 347 -8.08 -28.13 8.89
N LEU C 348 -9.09 -28.85 8.40
CA LEU C 348 -8.88 -29.99 7.52
C LEU C 348 -8.33 -29.55 6.16
N LEU C 349 -9.07 -28.69 5.47
CA LEU C 349 -8.62 -28.18 4.18
C LEU C 349 -7.40 -27.28 4.33
N MET C 350 -7.17 -26.71 5.51
CA MET C 350 -5.93 -25.98 5.78
C MET C 350 -4.72 -26.92 5.74
N ILE C 351 -4.82 -28.06 6.43
CA ILE C 351 -3.76 -29.08 6.40
C ILE C 351 -3.60 -29.64 4.99
N LEU C 352 -4.71 -29.77 4.28
CA LEU C 352 -4.70 -30.24 2.91
C LEU C 352 -3.94 -29.28 2.00
N THR C 353 -4.20 -27.98 2.15
CA THR C 353 -3.49 -26.98 1.36
C THR C 353 -2.04 -26.86 1.75
N LYS C 354 -1.71 -27.15 3.01
CA LYS C 354 -0.30 -27.22 3.40
C LYS C 354 0.42 -28.34 2.65
N GLN C 355 -0.13 -29.55 2.72
CA GLN C 355 0.48 -30.70 2.08
C GLN C 355 0.41 -30.64 0.56
N ARG C 356 -0.40 -29.75 0.00
CA ARG C 356 -0.34 -29.47 -1.44
C ARG C 356 0.57 -28.29 -1.79
N MET C 357 0.83 -27.39 -0.85
CA MET C 357 1.63 -26.22 -1.16
C MET C 357 3.11 -26.48 -0.98
N ILE C 358 3.47 -27.43 -0.11
CA ILE C 358 4.87 -27.87 0.02
C ILE C 358 5.39 -28.46 -1.30
N ASP C 359 4.49 -28.98 -2.14
CA ASP C 359 4.84 -29.48 -3.47
C ASP C 359 5.41 -28.38 -4.35
N ASN C 360 4.60 -27.37 -4.66
CA ASN C 360 5.00 -26.28 -5.56
C ASN C 360 4.58 -24.96 -4.93
N GLY C 361 5.43 -23.94 -5.02
CA GLY C 361 5.13 -22.68 -4.38
C GLY C 361 4.60 -21.61 -5.31
N ILE C 362 3.31 -21.29 -5.21
CA ILE C 362 2.66 -20.43 -6.21
C ILE C 362 1.98 -19.22 -5.55
N GLY C 363 1.56 -19.37 -4.30
CA GLY C 363 0.59 -18.46 -3.72
C GLY C 363 1.21 -17.20 -3.13
N VAL C 364 0.66 -16.04 -3.51
CA VAL C 364 1.08 -14.73 -2.99
C VAL C 364 -0.18 -13.91 -2.72
N ASP C 365 -0.26 -13.34 -1.51
CA ASP C 365 -1.40 -12.54 -1.09
C ASP C 365 -1.02 -11.07 -1.04
N LEU C 366 -1.94 -10.20 -1.46
CA LEU C 366 -1.82 -8.82 -1.04
C LEU C 366 -3.15 -8.27 -0.62
N VAL C 367 -3.06 -7.21 0.16
CA VAL C 367 -4.21 -6.53 0.71
C VAL C 367 -4.16 -5.10 0.22
N CYS C 368 -5.23 -4.68 -0.45
CA CYS C 368 -5.34 -3.31 -0.94
C CYS C 368 -6.11 -2.43 0.03
N MET C 369 -5.95 -2.67 1.33
CA MET C 369 -6.62 -1.89 2.35
C MET C 369 -5.74 -0.77 2.89
N GLY C 370 -4.42 -0.90 2.78
CA GLY C 370 -3.55 -0.05 3.55
C GLY C 370 -3.57 -0.53 4.99
N GLU C 371 -3.04 0.30 5.89
CA GLU C 371 -3.28 0.23 7.33
C GLU C 371 -2.88 -1.12 7.91
N GLN C 372 -1.58 -1.37 7.89
CA GLN C 372 -1.03 -2.64 8.39
C GLN C 372 -1.24 -2.75 9.89
N PRO C 373 -1.98 -3.74 10.38
CA PRO C 373 -2.44 -3.71 11.76
C PRO C 373 -1.45 -4.36 12.72
N LEU C 374 -1.71 -4.14 13.99
CA LEU C 374 -0.74 -4.37 15.07
C LEU C 374 -0.78 -5.80 15.58
N HIS C 375 -0.71 -6.78 14.67
CA HIS C 375 -0.63 -8.19 15.04
C HIS C 375 -0.03 -8.95 13.89
N ALA C 376 0.23 -10.24 14.11
CA ALA C 376 0.87 -11.12 13.13
C ALA C 376 -0.08 -11.29 11.95
N VAL C 377 0.19 -10.56 10.87
CA VAL C 377 -0.90 -10.12 10.01
C VAL C 377 -1.43 -11.19 9.04
N PRO C 378 -0.66 -12.15 8.46
CA PRO C 378 -1.37 -13.29 7.88
C PRO C 378 -1.79 -14.25 8.99
N LEU C 379 -3.10 -14.33 9.23
CA LEU C 379 -3.51 -15.20 10.33
C LEU C 379 -4.91 -15.77 10.10
N PHE C 380 -5.19 -16.82 10.84
CA PHE C 380 -6.41 -17.59 10.69
C PHE C 380 -6.96 -17.93 12.06
N LYS C 381 -8.25 -17.69 12.22
CA LYS C 381 -9.03 -18.24 13.31
C LYS C 381 -9.52 -19.61 12.90
N LEU C 382 -9.27 -20.61 13.74
CA LEU C 382 -9.67 -21.97 13.41
C LEU C 382 -11.19 -22.07 13.52
N HIS C 383 -11.86 -21.95 12.37
CA HIS C 383 -13.31 -22.06 12.26
C HIS C 383 -13.67 -23.52 12.50
N ASN C 384 -13.69 -23.88 13.79
CA ASN C 384 -13.37 -25.24 14.19
C ASN C 384 -14.57 -26.16 14.09
N ARG C 385 -14.27 -27.45 13.97
CA ARG C 385 -15.26 -28.50 14.16
C ARG C 385 -14.55 -29.70 14.78
N GLY C 394 -10.83 -18.63 24.98
CA GLY C 394 -10.08 -18.07 23.88
C GLY C 394 -10.06 -18.93 22.62
N ASP C 395 -10.59 -18.38 21.53
CA ASP C 395 -10.62 -19.04 20.25
C ASP C 395 -9.21 -19.27 19.71
N ASP C 396 -9.07 -20.28 18.86
CA ASP C 396 -7.77 -20.86 18.56
C ASP C 396 -7.15 -20.19 17.35
N TYR C 397 -5.90 -19.75 17.50
CA TYR C 397 -5.23 -18.86 16.57
C TYR C 397 -4.18 -19.62 15.77
N ASN C 398 -3.89 -19.14 14.58
CA ASN C 398 -3.03 -19.88 13.68
C ASN C 398 -2.35 -18.92 12.71
N ILE C 399 -1.09 -19.20 12.39
CA ILE C 399 -0.36 -18.35 11.46
C ILE C 399 0.16 -19.21 10.32
N PRO C 400 0.09 -18.74 9.08
CA PRO C 400 0.82 -19.40 7.99
C PRO C 400 2.20 -18.80 7.78
N HIS C 401 3.17 -19.61 7.42
CA HIS C 401 4.50 -19.13 7.08
C HIS C 401 4.82 -19.34 5.61
N TRP C 402 3.88 -19.87 4.84
CA TRP C 402 4.15 -20.26 3.46
C TRP C 402 3.66 -19.23 2.45
N ILE C 403 3.31 -18.03 2.89
CA ILE C 403 2.60 -17.09 2.05
C ILE C 403 3.27 -15.71 2.13
N ASN C 404 3.45 -15.09 0.97
CA ASN C 404 4.05 -13.76 0.88
C ASN C 404 2.93 -12.74 0.89
N HIS C 405 2.78 -12.05 2.01
CA HIS C 405 1.84 -10.96 2.15
C HIS C 405 2.47 -9.67 1.68
N SER C 406 1.65 -8.80 1.11
CA SER C 406 2.08 -7.44 0.85
C SER C 406 0.88 -6.50 0.97
N PHE C 407 1.16 -5.23 1.22
CA PHE C 407 0.14 -4.23 1.48
C PHE C 407 0.30 -3.04 0.56
N TYR C 408 -0.82 -2.54 0.04
CA TYR C 408 -0.79 -1.40 -0.86
C TYR C 408 -0.90 -0.11 -0.07
N THR C 409 -0.34 0.96 -0.61
CA THR C 409 -0.60 2.32 -0.13
C THR C 409 -0.58 3.24 -1.34
N SER C 410 -1.49 4.21 -1.38
CA SER C 410 -1.62 5.10 -2.53
C SER C 410 -0.56 6.20 -2.48
N LYS C 411 -0.73 7.22 -3.31
CA LYS C 411 0.25 8.29 -3.44
C LYS C 411 -0.34 9.58 -2.89
N SER C 412 -0.25 9.71 -1.56
CA SER C 412 -0.70 10.86 -0.79
C SER C 412 -0.09 10.73 0.60
N GLN C 413 0.35 11.85 1.18
CA GLN C 413 1.36 11.87 2.24
C GLN C 413 0.91 12.77 3.40
N LEU C 414 0.14 12.19 4.33
CA LEU C 414 -0.26 12.85 5.57
C LEU C 414 -0.21 11.82 6.69
N PHE C 415 0.08 12.30 7.91
CA PHE C 415 0.92 11.52 8.82
C PHE C 415 0.18 10.42 9.58
N CYS C 416 -0.74 10.79 10.48
CA CYS C 416 -1.15 9.87 11.55
C CYS C 416 -2.22 8.93 11.02
N ASN C 417 -1.77 7.97 10.22
CA ASN C 417 -2.63 6.94 9.64
C ASN C 417 -3.05 5.96 10.73
N SER C 418 -4.30 6.08 11.17
CA SER C 418 -4.80 5.32 12.31
C SER C 418 -4.92 3.84 11.96
N PHE C 419 -4.70 2.98 12.96
CA PHE C 419 -4.88 1.54 12.75
C PHE C 419 -6.08 1.11 13.60
N THR C 420 -7.31 1.42 13.11
CA THR C 420 -8.63 1.14 13.71
C THR C 420 -9.79 1.49 12.78
N PRO C 421 -10.86 0.70 12.77
CA PRO C 421 -12.16 1.18 12.26
C PRO C 421 -13.09 1.64 13.37
N ARG C 422 -14.26 2.17 13.01
CA ARG C 422 -15.29 2.57 13.97
C ARG C 422 -16.63 2.67 13.26
N ILE C 423 -17.70 2.26 13.95
CA ILE C 423 -19.08 2.36 13.44
C ILE C 423 -20.01 2.74 14.59
N LYS C 424 -20.80 3.79 14.38
CA LYS C 424 -21.78 4.25 15.36
C LYS C 424 -23.12 3.52 15.17
N LEU C 425 -23.75 3.13 16.27
CA LEU C 425 -25.04 2.46 16.25
C LEU C 425 -26.14 3.47 16.58
N ALA C 426 -27.33 3.27 15.98
CA ALA C 426 -28.43 4.21 16.16
C ALA C 426 -29.16 3.99 17.49
N GLY C 427 -29.83 2.85 17.63
CA GLY C 427 -30.43 2.41 18.88
C GLY C 427 -31.48 3.28 19.53
N THR C 726 -3.37 -27.26 24.46
CA THR C 726 -2.80 -26.94 25.77
C THR C 726 -1.52 -26.13 25.63
N LEU C 727 -1.26 -25.60 24.43
CA LEU C 727 -0.06 -24.81 24.24
C LEU C 727 -0.26 -23.38 24.75
N SER C 728 -1.16 -22.64 24.09
CA SER C 728 -1.49 -21.23 24.34
C SER C 728 -0.29 -20.31 24.40
N ALA C 729 0.80 -20.68 23.73
CA ALA C 729 2.00 -19.87 23.58
C ALA C 729 1.94 -18.78 22.49
N PRO C 730 1.31 -18.97 21.32
CA PRO C 730 1.15 -17.81 20.42
C PRO C 730 -0.12 -17.01 20.70
N PRO C 731 0.00 -15.73 21.06
CA PRO C 731 -1.06 -14.78 20.73
C PRO C 731 -0.74 -14.13 19.40
N VAL C 732 -1.55 -13.14 19.01
CA VAL C 732 -1.35 -12.51 17.70
C VAL C 732 -0.30 -11.41 17.75
N VAL C 733 0.00 -10.88 18.92
CA VAL C 733 0.81 -9.67 19.08
C VAL C 733 2.34 -9.78 19.09
N PRO C 734 3.02 -10.75 19.82
CA PRO C 734 4.39 -10.46 20.27
C PRO C 734 5.46 -10.50 19.18
N GLY C 735 5.05 -10.82 17.96
CA GLY C 735 5.95 -10.71 16.82
C GLY C 735 6.19 -9.27 16.44
N PHE C 736 7.21 -9.07 15.62
CA PHE C 736 7.67 -7.74 15.26
C PHE C 736 7.11 -7.39 13.88
N CYS C 737 5.86 -6.95 13.86
CA CYS C 737 5.15 -6.58 12.63
C CYS C 737 5.20 -5.06 12.48
N CYS C 738 6.33 -4.57 11.97
CA CYS C 738 6.56 -3.12 11.92
C CYS C 738 6.13 -2.51 10.60
N THR C 739 6.80 -2.91 9.51
CA THR C 739 6.61 -2.34 8.17
C THR C 739 6.94 -3.41 7.15
N VAL C 740 5.97 -3.71 6.27
CA VAL C 740 6.17 -4.64 5.17
C VAL C 740 5.69 -3.98 3.89
N GLY C 741 6.54 -3.94 2.88
CA GLY C 741 6.21 -3.29 1.63
C GLY C 741 5.47 -4.15 0.63
N VAL C 742 5.84 -4.01 -0.64
CA VAL C 742 5.13 -4.65 -1.73
C VAL C 742 5.89 -5.85 -2.30
N ASP C 743 7.23 -5.82 -2.26
CA ASP C 743 8.14 -6.82 -2.83
C ASP C 743 7.89 -6.99 -4.34
N TRP C 744 8.18 -5.88 -5.05
CA TRP C 744 7.89 -5.79 -6.48
C TRP C 744 8.68 -6.78 -7.31
N LYS C 745 9.91 -7.09 -6.90
CA LYS C 745 10.76 -7.97 -7.69
C LYS C 745 10.22 -9.40 -7.67
N SER C 746 9.55 -9.78 -6.58
CA SER C 746 8.85 -11.05 -6.50
C SER C 746 7.48 -11.02 -7.15
N LEU C 747 7.11 -9.91 -7.78
CA LEU C 747 5.85 -9.75 -8.47
C LEU C 747 5.99 -9.58 -9.97
N THR C 748 7.05 -8.92 -10.42
CA THR C 748 7.26 -8.68 -11.84
C THR C 748 8.15 -9.72 -12.49
N THR C 749 8.86 -10.52 -11.70
CA THR C 749 9.68 -11.64 -12.21
C THR C 749 9.38 -12.83 -11.33
N PRO C 750 8.45 -13.70 -11.71
CA PRO C 750 8.21 -14.92 -10.95
C PRO C 750 9.39 -15.87 -11.02
N ALA C 751 9.75 -16.40 -9.86
CA ALA C 751 10.89 -17.27 -9.70
C ALA C 751 10.46 -18.72 -9.74
N CYS C 752 11.27 -19.55 -10.38
CA CYS C 752 11.00 -20.98 -10.40
C CYS C 752 11.38 -21.58 -9.05
N LEU C 753 11.14 -22.88 -8.92
CA LEU C 753 11.21 -23.55 -7.63
C LEU C 753 12.65 -23.69 -7.14
N PRO C 754 12.85 -23.80 -5.83
CA PRO C 754 14.20 -24.13 -5.32
C PRO C 754 14.65 -25.50 -5.82
N LEU C 755 15.92 -25.55 -6.23
CA LEU C 755 16.51 -26.78 -6.74
C LEU C 755 17.23 -27.55 -5.65
N THR C 756 18.19 -26.91 -5.01
CA THR C 756 19.18 -27.56 -4.16
C THR C 756 19.16 -26.88 -2.79
N THR C 757 18.53 -27.53 -1.82
CA THR C 757 18.37 -26.99 -0.47
C THR C 757 19.04 -27.89 0.56
N ASP C 758 18.79 -27.58 1.83
CA ASP C 758 19.56 -28.11 2.95
C ASP C 758 18.66 -28.91 3.89
N TYR C 759 18.96 -30.20 4.01
CA TYR C 759 18.43 -31.04 5.10
C TYR C 759 19.39 -32.21 5.27
N PHE C 760 19.32 -32.87 6.43
CA PHE C 760 20.27 -33.91 6.84
C PHE C 760 19.71 -35.31 6.56
N PRO C 761 20.59 -36.34 6.43
CA PRO C 761 20.10 -37.69 6.12
C PRO C 761 19.37 -38.40 7.26
N ASP C 762 19.05 -39.67 7.02
CA ASP C 762 18.20 -40.47 7.91
C ASP C 762 18.92 -41.70 8.46
N ARG C 763 20.12 -41.49 9.00
CA ARG C 763 21.20 -42.44 9.24
C ARG C 763 20.81 -43.87 9.65
N GLN C 764 20.05 -44.00 10.71
CA GLN C 764 19.89 -45.27 11.40
C GLN C 764 18.69 -45.17 12.34
N GLY C 765 18.52 -46.19 13.19
CA GLY C 765 17.53 -46.14 14.24
C GLY C 765 16.12 -46.47 13.80
N LEU C 766 15.23 -45.50 13.98
CA LEU C 766 13.79 -45.71 13.86
C LEU C 766 13.32 -45.84 12.42
N GLN C 767 14.18 -45.53 11.45
CA GLN C 767 13.78 -45.40 10.06
C GLN C 767 13.60 -46.80 9.47
N ASN C 768 12.41 -47.08 8.95
CA ASN C 768 12.00 -48.47 8.72
C ASN C 768 12.08 -48.94 7.26
N ASP C 769 11.43 -48.25 6.32
CA ASP C 769 11.25 -48.82 4.99
C ASP C 769 12.30 -48.33 4.01
N TYR C 770 12.84 -49.31 3.29
CA TYR C 770 14.00 -49.20 2.43
C TYR C 770 13.75 -50.00 1.17
N THR C 771 14.08 -49.43 0.03
CA THR C 771 14.04 -50.21 -1.20
C THR C 771 15.15 -49.74 -2.13
N GLU C 772 15.91 -50.69 -2.67
CA GLU C 772 16.96 -50.36 -3.61
C GLU C 772 16.74 -51.11 -4.92
N GLY C 773 17.26 -50.54 -5.99
CA GLY C 773 17.18 -51.15 -7.29
C GLY C 773 18.49 -51.06 -8.05
N CYS C 774 19.06 -52.19 -8.42
CA CYS C 774 20.24 -52.19 -9.28
C CYS C 774 19.79 -52.47 -10.71
N TYR C 775 20.45 -51.84 -11.68
CA TYR C 775 19.96 -51.88 -13.06
C TYR C 775 21.09 -52.08 -14.08
N ASP C 776 21.31 -53.31 -14.52
CA ASP C 776 22.29 -53.64 -15.55
C ASP C 776 21.56 -53.82 -16.89
N LEU C 777 22.00 -53.07 -17.90
CA LEU C 777 21.46 -53.21 -19.25
C LEU C 777 22.42 -54.01 -20.13
N LEU C 778 21.98 -54.27 -21.43
CA LEU C 778 22.71 -55.23 -22.25
C LEU C 778 23.11 -54.61 -23.59
N PRO C 779 24.19 -55.12 -24.25
CA PRO C 779 24.50 -54.65 -25.61
C PRO C 779 23.53 -55.19 -26.64
N GLU C 780 22.61 -54.32 -27.05
CA GLU C 780 21.49 -54.69 -27.88
C GLU C 780 20.96 -53.41 -28.52
N ALA C 781 20.99 -53.36 -29.86
CA ALA C 781 20.56 -52.16 -30.56
C ALA C 781 19.68 -52.50 -31.76
N ASP C 782 19.01 -53.65 -31.72
CA ASP C 782 18.09 -54.04 -32.79
C ASP C 782 16.65 -53.71 -32.40
N ALA C 795 17.44 -46.43 -24.54
CA ALA C 795 16.59 -46.14 -25.69
C ALA C 795 15.15 -46.15 -25.26
N GLN C 796 14.73 -47.31 -24.77
CA GLN C 796 13.43 -47.51 -24.14
C GLN C 796 13.53 -48.30 -22.86
N GLN C 797 14.66 -48.94 -22.60
CA GLN C 797 14.84 -49.82 -21.46
C GLN C 797 14.96 -49.07 -20.14
N VAL C 798 15.20 -47.76 -20.19
CA VAL C 798 15.24 -46.96 -18.97
C VAL C 798 13.86 -46.80 -18.36
N PHE C 799 12.79 -47.05 -19.13
CA PHE C 799 11.46 -46.88 -18.60
C PHE C 799 11.06 -47.98 -17.64
N GLU C 800 11.70 -49.15 -17.72
CA GLU C 800 11.33 -50.24 -16.80
C GLU C 800 11.81 -49.95 -15.39
N GLU C 801 13.04 -49.47 -15.25
CA GLU C 801 13.47 -49.02 -13.93
C GLU C 801 12.74 -47.73 -13.54
N PHE C 802 12.37 -46.91 -14.53
CA PHE C 802 11.63 -45.69 -14.25
C PHE C 802 10.28 -45.99 -13.60
N ILE C 803 9.54 -46.95 -14.17
CA ILE C 803 8.26 -47.34 -13.56
C ILE C 803 8.49 -48.15 -12.30
N CYS C 804 9.61 -48.86 -12.19
CA CYS C 804 9.77 -49.79 -11.09
C CYS C 804 10.23 -49.12 -9.80
N GLN C 805 11.01 -48.04 -9.88
CA GLN C 805 11.63 -47.50 -8.67
C GLN C 805 10.61 -46.77 -7.78
N ARG C 806 10.04 -45.68 -8.27
CA ARG C 806 9.04 -44.95 -7.48
C ARG C 806 7.62 -45.14 -7.97
N LEU C 807 7.44 -45.42 -9.26
CA LEU C 807 6.18 -45.27 -9.99
C LEU C 807 5.66 -43.83 -9.89
N MET C 808 6.59 -42.89 -9.73
CA MET C 808 6.40 -41.43 -9.74
C MET C 808 5.39 -41.00 -8.67
N GLN C 809 5.83 -41.21 -7.42
CA GLN C 809 5.00 -41.21 -6.21
C GLN C 809 3.82 -42.16 -6.43
N GLY C 810 4.17 -43.43 -6.56
CA GLY C 810 3.24 -44.45 -7.00
C GLY C 810 2.16 -44.88 -6.03
N TYR C 811 2.55 -45.60 -4.98
CA TYR C 811 1.56 -46.09 -4.03
C TYR C 811 1.44 -45.18 -2.83
N GLN C 812 2.55 -44.62 -2.37
CA GLN C 812 2.49 -43.37 -1.64
C GLN C 812 1.95 -42.32 -2.60
N ILE C 813 1.10 -41.43 -2.10
CA ILE C 813 0.36 -40.53 -2.97
C ILE C 813 0.68 -39.10 -2.58
N ILE C 814 0.21 -38.17 -3.40
CA ILE C 814 -0.01 -36.80 -2.97
C ILE C 814 -1.51 -36.59 -2.93
N VAL C 815 -1.97 -35.89 -1.90
CA VAL C 815 -3.33 -36.03 -1.41
C VAL C 815 -4.21 -34.93 -1.99
N GLN C 816 -5.17 -35.32 -2.82
CA GLN C 816 -6.07 -34.38 -3.51
C GLN C 816 -7.52 -34.80 -3.34
N PRO C 817 -8.13 -34.52 -2.19
CA PRO C 817 -9.55 -34.87 -1.99
C PRO C 817 -10.55 -33.80 -2.43
N LYS C 818 -10.13 -32.84 -3.24
CA LYS C 818 -10.99 -31.73 -3.64
C LYS C 818 -11.77 -32.15 -4.88
N THR C 819 -13.03 -32.51 -4.68
CA THR C 819 -13.90 -33.04 -5.73
C THR C 819 -14.79 -31.91 -6.23
N GLN C 820 -14.35 -31.23 -7.29
CA GLN C 820 -15.16 -30.19 -7.91
C GLN C 820 -16.17 -30.83 -8.87
N LYS C 821 -17.28 -31.28 -8.31
CA LYS C 821 -18.25 -31.94 -9.17
C LYS C 821 -19.24 -30.97 -9.85
N PRO C 822 -19.97 -30.03 -9.14
CA PRO C 822 -20.98 -29.26 -9.88
C PRO C 822 -20.54 -27.87 -10.32
N ASN C 823 -21.11 -27.39 -11.43
CA ASN C 823 -20.91 -26.01 -11.90
C ASN C 823 -22.16 -25.55 -12.64
N PRO C 824 -23.07 -24.86 -11.96
CA PRO C 824 -24.14 -24.17 -12.69
C PRO C 824 -23.78 -22.74 -13.08
N ALA C 825 -24.07 -22.37 -14.32
CA ALA C 825 -23.64 -21.10 -14.90
C ALA C 825 -24.82 -20.26 -15.32
N VAL C 826 -24.58 -18.96 -15.48
CA VAL C 826 -25.66 -18.06 -15.91
C VAL C 826 -25.30 -17.29 -17.18
N PRO C 827 -26.27 -16.93 -18.02
CA PRO C 827 -25.98 -16.23 -19.29
C PRO C 827 -25.71 -14.73 -19.20
N PRO C 828 -25.51 -14.13 -18.02
CA PRO C 828 -24.60 -12.97 -17.95
C PRO C 828 -23.21 -13.30 -18.49
N PRO C 829 -22.41 -12.26 -18.98
CA PRO C 829 -21.65 -12.38 -20.25
C PRO C 829 -20.81 -13.60 -20.55
N LEU C 830 -20.50 -13.71 -21.85
CA LEU C 830 -20.06 -14.90 -22.60
C LEU C 830 -19.03 -15.80 -21.94
N SER C 831 -18.17 -15.27 -21.08
CA SER C 831 -17.17 -16.10 -20.42
C SER C 831 -17.82 -16.91 -19.29
N SER C 832 -16.98 -17.62 -18.54
CA SER C 832 -17.50 -18.50 -17.51
C SER C 832 -18.05 -17.70 -16.33
N SER C 833 -19.35 -17.85 -16.09
CA SER C 833 -19.98 -17.37 -14.86
C SER C 833 -20.61 -18.55 -14.11
N PRO C 834 -19.80 -19.35 -13.36
CA PRO C 834 -20.39 -20.36 -12.48
C PRO C 834 -20.57 -19.88 -11.06
N LEU C 835 -21.54 -20.47 -10.38
CA LEU C 835 -21.98 -19.96 -9.08
C LEU C 835 -22.36 -21.22 -8.32
N TYR C 836 -21.51 -21.69 -7.41
CA TYR C 836 -21.69 -23.12 -7.14
C TYR C 836 -21.36 -23.50 -5.71
N SER C 837 -21.28 -24.81 -5.48
CA SER C 837 -20.75 -25.44 -4.27
C SER C 837 -19.65 -26.40 -4.68
N ARG C 838 -18.56 -26.41 -3.93
CA ARG C 838 -17.35 -27.00 -4.48
C ARG C 838 -17.16 -28.46 -4.07
N GLY C 839 -18.20 -29.10 -3.54
CA GLY C 839 -18.09 -30.51 -3.26
C GLY C 839 -17.39 -30.80 -1.96
N LEU C 840 -17.81 -31.87 -1.28
CA LEU C 840 -17.25 -32.17 0.03
C LEU C 840 -15.84 -32.71 -0.12
N VAL C 841 -15.01 -32.41 0.89
CA VAL C 841 -13.62 -32.86 0.90
C VAL C 841 -13.61 -34.35 1.21
N SER C 842 -13.12 -35.16 0.27
CA SER C 842 -13.12 -36.61 0.43
C SER C 842 -11.86 -37.08 1.14
N ARG C 843 -11.63 -36.50 2.33
CA ARG C 843 -10.36 -36.65 3.01
C ARG C 843 -10.23 -38.04 3.63
N ASN C 844 -9.08 -38.67 3.38
CA ASN C 844 -8.68 -39.91 4.03
C ASN C 844 -7.17 -39.82 4.25
N ARG C 845 -6.70 -40.13 5.46
CA ARG C 845 -5.35 -39.73 5.77
C ARG C 845 -4.34 -40.77 5.29
N PRO C 846 -3.27 -40.36 4.60
CA PRO C 846 -2.19 -41.28 4.24
C PRO C 846 -1.31 -41.70 5.41
N GLU C 847 -0.13 -42.23 5.05
CA GLU C 847 0.83 -42.98 5.87
C GLU C 847 1.01 -42.54 7.32
N GLU C 848 1.19 -43.53 8.18
CA GLU C 848 1.31 -43.32 9.62
C GLU C 848 2.58 -44.00 10.11
N GLU C 849 3.25 -43.32 11.06
CA GLU C 849 4.46 -43.74 11.81
C GLU C 849 5.57 -44.33 10.92
N ASP C 850 5.69 -43.90 9.66
CA ASP C 850 6.71 -44.47 8.78
C ASP C 850 7.37 -43.39 7.93
N GLN C 851 8.69 -43.56 7.74
CA GLN C 851 9.46 -42.74 6.82
C GLN C 851 9.39 -43.35 5.43
N TYR C 852 10.31 -42.95 4.55
CA TYR C 852 10.52 -43.65 3.28
C TYR C 852 11.93 -43.39 2.76
N TRP C 853 12.66 -44.45 2.40
CA TRP C 853 13.96 -44.27 1.77
C TRP C 853 14.20 -45.28 0.66
N LEU C 854 14.70 -44.78 -0.47
CA LEU C 854 15.10 -45.61 -1.61
C LEU C 854 16.56 -45.39 -1.95
N SER C 855 17.04 -46.29 -2.79
CA SER C 855 18.38 -46.23 -3.31
C SER C 855 18.38 -46.97 -4.64
N MET C 856 19.21 -46.52 -5.56
CA MET C 856 19.41 -47.29 -6.78
C MET C 856 20.90 -47.29 -7.12
N GLY C 857 21.27 -48.25 -7.95
CA GLY C 857 22.65 -48.44 -8.28
C GLY C 857 22.90 -49.10 -9.62
N ARG C 858 23.87 -48.55 -10.33
CA ARG C 858 24.59 -49.27 -11.36
C ARG C 858 25.95 -49.61 -10.79
N THR C 859 26.19 -50.92 -10.62
CA THR C 859 27.35 -51.47 -9.91
C THR C 859 28.67 -51.14 -10.56
N PHE C 860 28.67 -50.59 -11.77
CA PHE C 860 29.87 -49.97 -12.32
C PHE C 860 30.30 -48.83 -11.43
N HIS C 861 29.54 -47.72 -11.45
CA HIS C 861 30.03 -46.50 -10.82
C HIS C 861 28.98 -45.61 -10.15
N LYS C 862 27.69 -45.92 -10.17
CA LYS C 862 26.70 -44.89 -9.90
C LYS C 862 25.74 -45.32 -8.80
N VAL C 863 25.52 -44.45 -7.80
CA VAL C 863 24.60 -44.72 -6.69
C VAL C 863 23.74 -43.47 -6.47
N THR C 864 22.44 -43.64 -6.20
CA THR C 864 21.62 -42.53 -5.70
C THR C 864 20.81 -42.96 -4.48
N LEU C 865 20.57 -42.00 -3.60
CA LEU C 865 19.85 -42.18 -2.34
C LEU C 865 18.70 -41.18 -2.31
N LYS C 866 17.58 -41.55 -1.68
CA LYS C 866 16.33 -40.82 -1.93
C LYS C 866 15.45 -40.80 -0.69
N ASP C 867 15.36 -39.65 -0.01
CA ASP C 867 14.54 -39.54 1.17
C ASP C 867 13.15 -39.05 0.78
N LYS C 868 12.11 -39.50 1.51
CA LYS C 868 10.77 -39.05 1.13
C LYS C 868 9.83 -38.96 2.33
N MET C 869 9.65 -37.75 2.83
CA MET C 869 8.33 -37.15 2.97
C MET C 869 8.21 -35.92 2.08
N ILE C 870 9.34 -35.26 1.83
CA ILE C 870 9.59 -34.47 0.63
C ILE C 870 10.75 -35.14 -0.09
N THR C 871 10.80 -34.99 -1.41
CA THR C 871 11.75 -35.74 -2.23
C THR C 871 13.05 -34.96 -2.38
N VAL C 872 13.91 -35.13 -1.39
CA VAL C 872 15.29 -34.71 -1.46
C VAL C 872 16.13 -35.91 -1.89
N THR C 873 17.11 -35.63 -2.74
CA THR C 873 17.95 -36.62 -3.37
C THR C 873 19.40 -36.40 -2.95
N ARG C 874 20.14 -37.51 -2.96
CA ARG C 874 21.57 -37.59 -2.70
C ARG C 874 22.15 -38.40 -3.85
N TYR C 875 22.61 -37.72 -4.89
CA TYR C 875 23.34 -38.40 -5.95
C TYR C 875 24.72 -38.79 -5.46
N LEU C 876 25.32 -39.78 -6.12
CA LEU C 876 26.66 -40.27 -5.76
C LEU C 876 27.33 -40.76 -7.04
N PRO C 877 28.24 -39.98 -7.60
CA PRO C 877 28.98 -40.42 -8.78
C PRO C 877 30.24 -41.21 -8.42
N LYS C 878 30.72 -41.93 -9.41
CA LYS C 878 32.14 -42.24 -9.47
C LYS C 878 32.63 -41.76 -10.83
N PRO C 973 25.07 -46.83 -28.36
CA PRO C 973 26.36 -46.60 -27.69
C PRO C 973 26.48 -45.21 -27.04
N ARG C 974 26.68 -45.19 -25.73
CA ARG C 974 26.75 -43.94 -24.97
C ARG C 974 27.53 -44.21 -23.68
N ALA C 975 27.69 -43.17 -22.88
CA ALA C 975 28.46 -43.24 -21.63
C ALA C 975 27.51 -43.18 -20.44
N ASP C 976 27.81 -43.99 -19.42
CA ASP C 976 26.82 -44.32 -18.39
C ASP C 976 26.52 -43.16 -17.44
N GLU C 977 27.45 -42.22 -17.30
CA GLU C 977 27.19 -41.05 -16.48
C GLU C 977 26.10 -40.17 -17.07
N ASP C 978 25.92 -40.20 -18.40
CA ASP C 978 24.83 -39.44 -19.02
C ASP C 978 23.49 -40.06 -18.69
N GLU C 979 23.40 -41.39 -18.73
CA GLU C 979 22.18 -42.09 -18.34
C GLU C 979 21.89 -41.86 -16.87
N TRP C 980 22.93 -41.81 -16.05
CA TRP C 980 22.76 -41.52 -14.63
C TRP C 980 22.22 -40.11 -14.42
N GLN C 981 22.75 -39.14 -15.16
CA GLN C 981 22.31 -37.76 -15.02
C GLN C 981 20.87 -37.60 -15.50
N LEU C 982 20.51 -38.31 -16.56
CA LEU C 982 19.12 -38.25 -17.04
C LEU C 982 18.18 -38.95 -16.07
N LEU C 983 18.65 -40.01 -15.39
CA LEU C 983 17.82 -40.68 -14.40
C LEU C 983 17.57 -39.75 -13.22
N ASP C 984 18.59 -39.01 -12.81
CA ASP C 984 18.39 -37.96 -11.83
C ASP C 984 17.46 -36.87 -12.36
N GLY C 985 17.50 -36.64 -13.68
CA GLY C 985 16.65 -35.62 -14.27
C GLY C 985 15.17 -35.97 -14.21
N PHE C 986 14.79 -37.19 -14.58
CA PHE C 986 13.39 -37.55 -14.47
C PHE C 986 13.04 -38.17 -13.12
N VAL C 987 13.97 -38.15 -12.17
CA VAL C 987 13.54 -38.11 -10.78
C VAL C 987 13.23 -36.67 -10.37
N ARG C 988 13.94 -35.69 -10.94
CA ARG C 988 13.69 -34.30 -10.61
C ARG C 988 12.36 -33.82 -11.16
N PHE C 989 12.06 -34.13 -12.44
CA PHE C 989 11.02 -33.54 -13.30
C PHE C 989 9.73 -33.14 -12.62
N VAL C 990 9.20 -34.06 -11.82
CA VAL C 990 8.01 -33.84 -11.02
C VAL C 990 8.31 -32.96 -9.81
N GLU C 991 9.29 -33.36 -9.01
CA GLU C 991 9.58 -32.70 -7.74
C GLU C 991 10.98 -33.18 -7.35
N GLY C 992 11.92 -32.25 -7.21
CA GLY C 992 13.31 -32.66 -7.29
C GLY C 992 14.33 -32.07 -6.34
N LEU C 993 14.00 -31.86 -5.06
CA LEU C 993 14.91 -31.13 -4.18
C LEU C 993 16.19 -31.93 -3.93
N ASN C 994 17.33 -31.36 -4.32
CA ASN C 994 18.62 -31.98 -4.12
C ASN C 994 19.22 -31.45 -2.81
N ARG C 995 20.07 -32.26 -2.17
CA ARG C 995 20.73 -31.75 -0.96
C ARG C 995 21.98 -30.95 -1.33
N ILE C 996 22.36 -30.05 -0.43
CA ILE C 996 23.66 -29.36 -0.52
C ILE C 996 24.44 -29.59 0.78
N ARG C 997 25.66 -29.06 0.82
CA ARG C 997 26.57 -29.19 1.96
C ARG C 997 26.00 -28.62 3.25
N MET C 1083 15.43 -34.61 -55.78
CA MET C 1083 15.13 -33.38 -55.06
C MET C 1083 14.29 -33.64 -53.82
N ASP C 1084 14.87 -34.28 -52.81
CA ASP C 1084 14.14 -34.67 -51.62
C ASP C 1084 14.96 -34.35 -50.37
N SER C 1085 14.45 -34.85 -49.25
CA SER C 1085 15.13 -34.94 -47.95
C SER C 1085 14.50 -36.10 -47.19
N PRO C 1086 15.24 -37.19 -46.99
CA PRO C 1086 14.62 -38.47 -46.62
C PRO C 1086 14.30 -38.67 -45.14
N ARG C 1087 14.15 -37.60 -44.35
CA ARG C 1087 13.68 -37.73 -42.98
C ARG C 1087 12.31 -38.38 -42.95
N LYS C 1088 12.10 -39.25 -41.95
CA LYS C 1088 11.12 -40.35 -42.01
C LYS C 1088 9.69 -39.87 -42.21
N ASP C 1089 9.20 -39.02 -41.30
CA ASP C 1089 7.81 -38.57 -41.38
C ASP C 1089 7.60 -37.61 -42.53
N GLY C 1090 8.65 -36.87 -42.90
CA GLY C 1090 8.48 -35.79 -43.85
C GLY C 1090 8.20 -36.26 -45.26
N ALA C 1091 8.73 -37.44 -45.62
CA ALA C 1091 8.49 -37.96 -46.97
C ALA C 1091 7.05 -38.41 -47.14
N PHE C 1092 6.53 -39.14 -46.15
CA PHE C 1092 5.11 -39.50 -46.16
C PHE C 1092 4.23 -38.27 -46.06
N PHE C 1093 4.67 -37.26 -45.30
CA PHE C 1093 3.91 -36.03 -45.18
C PHE C 1093 3.86 -35.26 -46.49
N MET C 1094 4.97 -35.25 -47.24
CA MET C 1094 5.00 -34.49 -48.48
C MET C 1094 4.31 -35.23 -49.61
N GLU C 1095 4.33 -36.57 -49.63
CA GLU C 1095 3.52 -37.25 -50.63
C GLU C 1095 2.04 -37.21 -50.26
N PHE C 1096 1.75 -37.14 -48.97
CA PHE C 1096 0.40 -36.85 -48.51
C PHE C 1096 -0.03 -35.44 -48.88
N VAL C 1097 0.92 -34.53 -48.96
CA VAL C 1097 0.65 -33.22 -49.55
C VAL C 1097 0.38 -33.36 -51.04
N ARG C 1098 1.17 -34.19 -51.73
CA ARG C 1098 1.03 -34.40 -53.17
C ARG C 1098 -0.30 -35.01 -53.57
N SER C 1099 -0.94 -35.75 -52.67
CA SER C 1099 -2.20 -36.40 -53.06
C SER C 1099 -3.36 -35.42 -53.29
N PRO C 1100 -3.47 -34.28 -52.61
CA PRO C 1100 -4.33 -33.21 -53.14
C PRO C 1100 -3.65 -32.09 -53.92
N ARG C 1101 -2.34 -32.14 -54.17
CA ARG C 1101 -1.75 -31.08 -54.99
C ARG C 1101 -2.16 -31.21 -56.45
N THR C 1102 -2.37 -32.43 -56.93
CA THR C 1102 -2.81 -32.61 -58.31
C THR C 1102 -4.29 -32.94 -58.44
N ALA C 1103 -4.99 -33.10 -57.32
CA ALA C 1103 -6.44 -33.34 -57.38
C ALA C 1103 -7.20 -32.06 -57.72
N SER C 1104 -7.06 -31.03 -56.89
CA SER C 1104 -7.60 -29.72 -57.21
C SER C 1104 -6.49 -28.68 -57.25
N LEU C 1171 2.01 -46.93 -72.70
CA LEU C 1171 1.57 -48.30 -72.51
C LEU C 1171 1.82 -49.13 -73.76
N THR C 1172 1.89 -50.44 -73.58
CA THR C 1172 1.84 -51.41 -74.66
C THR C 1172 0.38 -51.84 -74.86
N SER C 1173 0.15 -52.96 -75.54
CA SER C 1173 -1.19 -53.55 -75.58
C SER C 1173 -1.63 -53.93 -74.16
N SER C 1174 -2.88 -53.61 -73.85
CA SER C 1174 -3.38 -53.67 -72.48
C SER C 1174 -4.17 -54.95 -72.23
N SER C 1175 -4.56 -55.13 -70.97
CA SER C 1175 -5.21 -56.33 -70.43
C SER C 1175 -4.38 -57.59 -70.72
N THR C 1176 -3.13 -57.55 -70.27
CA THR C 1176 -2.21 -58.68 -70.36
C THR C 1176 -1.81 -59.05 -68.94
N LEU C 1177 -1.74 -60.34 -68.65
CA LEU C 1177 -1.58 -60.83 -67.29
C LEU C 1177 -0.14 -60.94 -66.84
N THR C 1178 0.83 -60.69 -67.73
CA THR C 1178 2.22 -60.80 -67.33
C THR C 1178 2.65 -59.61 -66.45
N GLU C 1179 2.70 -58.41 -67.05
CA GLU C 1179 2.97 -57.12 -66.41
C GLU C 1179 4.27 -57.07 -65.61
N ILE C 1180 5.23 -57.95 -65.90
CA ILE C 1180 6.46 -57.99 -65.12
C ILE C 1180 7.42 -56.89 -65.56
N LEU C 1181 7.46 -56.65 -66.88
CA LEU C 1181 8.43 -55.73 -67.47
C LEU C 1181 8.16 -54.28 -67.07
N GLU C 1182 6.88 -53.88 -67.02
CA GLU C 1182 6.57 -52.57 -66.48
C GLU C 1182 6.85 -52.51 -64.99
N ALA C 1183 6.65 -53.63 -64.29
CA ALA C 1183 6.81 -53.68 -62.85
C ALA C 1183 8.26 -53.49 -62.42
N MET C 1184 9.23 -53.77 -63.29
CA MET C 1184 10.57 -53.30 -62.93
C MET C 1184 11.12 -52.21 -63.85
N LYS C 1185 10.45 -51.85 -64.96
CA LYS C 1185 10.88 -50.73 -65.80
C LYS C 1185 9.87 -49.58 -65.79
N HIS C 1186 9.27 -49.30 -64.65
CA HIS C 1186 8.80 -47.93 -64.39
C HIS C 1186 9.83 -46.83 -64.69
N PRO C 1187 11.16 -46.92 -64.27
CA PRO C 1187 12.01 -45.71 -64.41
C PRO C 1187 12.52 -45.36 -65.80
N SER C 1188 11.91 -45.86 -66.88
CA SER C 1188 12.34 -45.49 -68.24
C SER C 1188 12.18 -43.99 -68.46
N THR C 1189 11.02 -43.45 -68.12
CA THR C 1189 10.78 -42.02 -68.13
C THR C 1189 11.20 -41.44 -66.78
N GLY C 1190 10.76 -40.23 -66.47
CA GLY C 1190 11.06 -39.63 -65.18
C GLY C 1190 10.08 -40.02 -64.08
N VAL C 1191 9.84 -41.32 -63.91
CA VAL C 1191 8.94 -41.81 -62.88
C VAL C 1191 9.60 -41.73 -61.52
N GLN C 1192 8.94 -41.06 -60.58
CA GLN C 1192 9.47 -40.88 -59.23
C GLN C 1192 9.43 -42.19 -58.48
N LEU C 1193 10.59 -42.84 -58.34
CA LEU C 1193 10.75 -43.96 -57.44
C LEU C 1193 12.07 -43.80 -56.71
N LEU C 1194 12.06 -44.00 -55.39
CA LEU C 1194 13.26 -43.78 -54.59
C LEU C 1194 14.01 -45.10 -54.43
N SER C 1195 14.51 -45.59 -55.56
CA SER C 1195 15.13 -46.90 -55.67
C SER C 1195 16.64 -46.86 -55.50
N GLU C 1196 17.17 -45.87 -54.80
CA GLU C 1196 18.63 -45.76 -54.65
C GLU C 1196 19.16 -46.37 -53.35
N GLN C 1197 18.81 -45.78 -52.19
CA GLN C 1197 19.35 -46.18 -50.88
C GLN C 1197 18.68 -45.40 -49.76
N LYS C 1198 18.41 -46.06 -48.65
CA LYS C 1198 18.27 -45.44 -47.34
C LYS C 1198 18.47 -46.55 -46.30
N GLY C 1199 18.84 -46.13 -45.09
CA GLY C 1199 18.88 -47.08 -43.98
C GLY C 1199 17.52 -47.71 -43.73
N LEU C 1200 17.55 -48.99 -43.36
CA LEU C 1200 16.41 -49.88 -43.11
C LEU C 1200 15.46 -50.03 -44.31
N SER C 1201 15.83 -49.54 -45.49
CA SER C 1201 14.96 -49.52 -46.65
C SER C 1201 15.79 -49.39 -47.92
N PRO C 1202 16.26 -50.51 -48.48
CA PRO C 1202 17.18 -50.42 -49.62
C PRO C 1202 16.54 -50.03 -50.94
N TYR C 1203 15.28 -50.43 -51.14
CA TYR C 1203 14.63 -50.44 -52.46
C TYR C 1203 13.30 -49.69 -52.33
N CYS C 1204 13.31 -48.37 -52.47
CA CYS C 1204 12.17 -47.56 -52.02
C CYS C 1204 11.21 -47.23 -53.15
N PHE C 1205 9.95 -47.61 -52.95
CA PHE C 1205 8.85 -47.29 -53.86
C PHE C 1205 7.55 -47.48 -53.10
N ILE C 1206 6.70 -46.47 -53.11
CA ILE C 1206 5.45 -46.47 -52.34
C ILE C 1206 4.31 -46.64 -53.33
N SER C 1207 3.22 -47.28 -52.86
CA SER C 1207 2.20 -47.78 -53.77
C SER C 1207 1.26 -46.71 -54.30
N ALA C 1208 1.15 -45.56 -53.62
CA ALA C 1208 0.29 -44.49 -54.11
C ALA C 1208 0.82 -43.91 -55.41
N GLU C 1209 2.15 -43.81 -55.53
CA GLU C 1209 2.78 -43.40 -56.79
C GLU C 1209 2.55 -44.42 -57.89
N VAL C 1210 2.52 -45.71 -57.55
CA VAL C 1210 2.21 -46.75 -58.52
C VAL C 1210 0.78 -46.61 -59.01
N VAL C 1211 -0.14 -46.22 -58.10
CA VAL C 1211 -1.51 -45.97 -58.50
C VAL C 1211 -1.61 -44.73 -59.37
N HIS C 1212 -0.80 -43.70 -59.10
CA HIS C 1212 -0.68 -42.55 -60.00
C HIS C 1212 -0.28 -42.98 -61.42
N TRP C 1213 0.73 -43.84 -61.51
CA TRP C 1213 1.25 -44.27 -62.81
C TRP C 1213 0.23 -45.10 -63.58
N LEU C 1214 -0.34 -46.13 -62.96
CA LEU C 1214 -1.29 -46.96 -63.68
C LEU C 1214 -2.74 -46.51 -63.52
N VAL C 1215 -2.97 -45.26 -63.08
CA VAL C 1215 -4.19 -44.57 -63.46
C VAL C 1215 -3.87 -43.55 -64.56
N ASN C 1216 -2.59 -43.19 -64.73
CA ASN C 1216 -2.23 -42.46 -65.94
C ASN C 1216 -2.23 -43.38 -67.17
N HIS C 1217 -2.05 -44.69 -66.98
CA HIS C 1217 -1.97 -45.58 -68.13
C HIS C 1217 -2.96 -46.76 -68.13
N VAL C 1218 -3.43 -47.24 -66.98
CA VAL C 1218 -4.40 -48.34 -66.93
C VAL C 1218 -5.64 -47.72 -66.26
N GLU C 1219 -6.75 -48.46 -66.19
CA GLU C 1219 -7.99 -47.93 -65.65
C GLU C 1219 -7.95 -47.85 -64.13
N GLY C 1220 -9.08 -47.46 -63.53
CA GLY C 1220 -9.08 -46.97 -62.17
C GLY C 1220 -9.58 -47.86 -61.05
N ILE C 1221 -10.71 -48.53 -61.22
CA ILE C 1221 -11.31 -49.30 -60.14
C ILE C 1221 -11.04 -50.79 -60.27
N GLN C 1222 -10.55 -51.24 -61.42
CA GLN C 1222 -10.03 -52.59 -61.62
C GLN C 1222 -8.60 -52.72 -61.12
N THR C 1223 -8.05 -51.63 -60.58
CA THR C 1223 -6.69 -51.49 -60.06
C THR C 1223 -6.37 -52.46 -58.94
N GLN C 1224 -7.31 -52.71 -58.03
CA GLN C 1224 -7.01 -53.49 -56.83
C GLN C 1224 -6.80 -54.97 -57.15
N ALA C 1225 -7.53 -55.52 -58.14
CA ALA C 1225 -7.35 -56.94 -58.48
C ALA C 1225 -5.99 -57.19 -59.12
N MET C 1226 -5.60 -56.37 -60.09
CA MET C 1226 -4.28 -56.48 -60.67
C MET C 1226 -3.19 -56.08 -59.68
N ALA C 1227 -3.53 -55.27 -58.68
CA ALA C 1227 -2.58 -54.98 -57.62
C ALA C 1227 -2.38 -56.18 -56.70
N ILE C 1228 -3.43 -56.97 -56.48
CA ILE C 1228 -3.29 -58.26 -55.81
C ILE C 1228 -2.42 -59.19 -56.66
N ASP C 1229 -2.60 -59.13 -57.98
CA ASP C 1229 -1.78 -59.92 -58.89
C ASP C 1229 -0.30 -59.53 -58.82
N ILE C 1230 -0.02 -58.23 -58.65
CA ILE C 1230 1.34 -57.77 -58.41
C ILE C 1230 1.83 -58.25 -57.05
N MET C 1231 1.01 -58.09 -56.00
CA MET C 1231 1.39 -58.38 -54.63
C MET C 1231 1.61 -59.87 -54.37
N GLN C 1232 1.04 -60.74 -55.22
CA GLN C 1232 1.28 -62.18 -55.10
C GLN C 1232 2.74 -62.58 -55.28
N LYS C 1233 3.58 -61.73 -55.89
CA LYS C 1233 5.02 -61.95 -55.89
C LYS C 1233 5.77 -60.88 -55.11
N MET C 1234 5.67 -59.61 -55.51
CA MET C 1234 6.55 -58.60 -54.97
C MET C 1234 5.99 -58.07 -53.66
N LEU C 1235 6.85 -57.41 -52.87
CA LEU C 1235 6.47 -56.89 -51.57
C LEU C 1235 7.08 -55.51 -51.35
N GLU C 1236 6.43 -54.74 -50.49
CA GLU C 1236 7.00 -53.55 -49.89
C GLU C 1236 7.05 -53.67 -48.37
N GLU C 1237 5.95 -54.13 -47.78
CA GLU C 1237 5.79 -54.23 -46.34
C GLU C 1237 6.22 -55.62 -45.87
N GLN C 1238 5.86 -55.96 -44.63
CA GLN C 1238 6.47 -57.11 -43.97
C GLN C 1238 5.71 -58.40 -44.26
N LEU C 1239 4.45 -58.48 -43.85
CA LEU C 1239 3.65 -59.69 -44.05
C LEU C 1239 2.19 -59.24 -44.15
N ILE C 1240 1.44 -59.84 -45.07
CA ILE C 1240 0.30 -59.10 -45.59
C ILE C 1240 -0.95 -59.22 -44.74
N THR C 1241 -1.66 -60.36 -44.78
CA THR C 1241 -2.99 -60.58 -44.14
C THR C 1241 -3.98 -59.41 -44.33
N HIS C 1242 -3.89 -58.69 -45.45
CA HIS C 1242 -4.59 -57.42 -45.67
C HIS C 1242 -5.12 -57.41 -47.09
N ALA C 1243 -5.51 -56.22 -47.57
CA ALA C 1243 -5.71 -55.98 -49.01
C ALA C 1243 -4.36 -55.73 -49.68
N SER C 1244 -4.35 -55.43 -50.98
CA SER C 1244 -3.10 -55.30 -51.72
C SER C 1244 -2.38 -54.02 -51.33
N GLY C 1245 -1.67 -54.09 -50.22
CA GLY C 1245 -1.27 -52.88 -49.54
C GLY C 1245 -2.56 -52.20 -49.11
N GLU C 1246 -2.63 -50.89 -49.31
CA GLU C 1246 -3.88 -50.15 -49.22
C GLU C 1246 -3.92 -49.15 -50.35
N ALA C 1247 -5.07 -49.06 -51.02
CA ALA C 1247 -5.09 -48.50 -52.37
C ALA C 1247 -5.02 -46.99 -52.40
N TRP C 1248 -6.05 -46.30 -51.90
CA TRP C 1248 -6.07 -44.84 -51.95
C TRP C 1248 -6.07 -44.25 -50.54
N ARG C 1249 -5.44 -43.07 -50.42
CA ARG C 1249 -5.40 -42.15 -49.28
C ARG C 1249 -5.20 -42.82 -47.90
N THR C 1250 -4.30 -43.78 -47.79
CA THR C 1250 -4.15 -44.54 -46.56
C THR C 1250 -2.72 -44.41 -46.02
N PHE C 1251 -2.58 -44.43 -44.69
CA PHE C 1251 -1.49 -43.78 -43.98
C PHE C 1251 -0.58 -44.80 -43.31
N ILE C 1252 0.70 -44.78 -43.67
CA ILE C 1252 1.72 -45.60 -43.03
C ILE C 1252 2.94 -44.72 -42.77
N TYR C 1253 3.30 -44.54 -41.50
CA TYR C 1253 4.54 -43.85 -41.16
C TYR C 1253 5.77 -44.74 -41.25
N GLY C 1254 6.87 -44.28 -40.67
CA GLY C 1254 8.10 -45.06 -40.59
C GLY C 1254 8.04 -46.21 -39.61
N PHE C 1255 9.21 -46.75 -39.27
CA PHE C 1255 9.40 -47.93 -38.41
C PHE C 1255 8.67 -49.14 -39.00
N TYR C 1256 9.22 -49.58 -40.14
CA TYR C 1256 8.88 -50.86 -40.77
C TYR C 1256 8.86 -52.00 -39.76
N PHE C 1257 9.85 -52.06 -38.89
CA PHE C 1257 9.91 -53.07 -37.84
C PHE C 1257 8.98 -52.70 -36.69
N TYR C 1258 8.08 -53.63 -36.35
CA TYR C 1258 7.53 -53.70 -35.00
C TYR C 1258 7.37 -55.11 -34.48
N LYS C 1259 7.45 -56.13 -35.32
CA LYS C 1259 7.16 -57.51 -34.91
C LYS C 1259 8.26 -58.45 -35.39
N ILE C 1260 8.33 -59.60 -34.72
CA ILE C 1260 9.39 -60.61 -34.85
C ILE C 1260 10.77 -60.00 -34.68
N VAL C 1283 9.95 -52.65 -26.85
CA VAL C 1283 8.86 -51.70 -26.90
C VAL C 1283 8.02 -51.78 -25.63
N ASP C 1284 8.00 -50.69 -24.86
CA ASP C 1284 7.27 -50.64 -23.60
C ASP C 1284 6.42 -49.38 -23.55
N ASP C 1285 5.43 -49.40 -22.66
CA ASP C 1285 4.30 -48.49 -22.73
C ASP C 1285 4.28 -47.55 -21.53
N PHE C 1286 3.42 -46.55 -21.63
CA PHE C 1286 3.30 -45.46 -20.66
C PHE C 1286 1.89 -45.53 -20.07
N ALA C 1287 1.79 -45.92 -18.80
CA ALA C 1287 0.47 -45.98 -18.19
C ALA C 1287 -0.03 -44.57 -17.86
N SER C 1288 -1.33 -44.45 -17.64
CA SER C 1288 -2.00 -43.16 -17.53
C SER C 1288 -2.06 -42.65 -16.09
N PHE C 1289 -1.14 -43.08 -15.23
CA PHE C 1289 -1.16 -42.60 -13.86
C PHE C 1289 0.26 -42.41 -13.32
N GLN C 1290 1.19 -42.00 -14.19
CA GLN C 1290 2.54 -41.63 -13.75
C GLN C 1290 2.98 -40.32 -14.38
N ARG C 1291 2.05 -39.38 -14.52
CA ARG C 1291 2.30 -37.98 -14.87
C ARG C 1291 2.99 -37.86 -16.24
N LYS C 1292 2.24 -38.26 -17.27
CA LYS C 1292 2.72 -38.16 -18.65
C LYS C 1292 2.57 -36.74 -19.16
N TRP C 1293 3.64 -36.17 -19.73
CA TRP C 1293 3.46 -34.96 -20.52
C TRP C 1293 2.86 -35.34 -21.85
N PHE C 1294 1.74 -34.71 -22.21
CA PHE C 1294 1.21 -34.95 -23.55
C PHE C 1294 0.50 -33.72 -24.08
N GLU C 1295 0.52 -33.61 -25.41
CA GLU C 1295 -0.09 -32.54 -26.17
C GLU C 1295 -0.83 -33.15 -27.35
N VAL C 1296 -1.65 -32.36 -28.01
CA VAL C 1296 -2.42 -32.83 -29.17
C VAL C 1296 -2.22 -31.83 -30.31
N ALA C 1297 -1.92 -32.33 -31.50
CA ALA C 1297 -1.93 -31.48 -32.69
C ALA C 1297 -2.94 -32.01 -33.69
N PHE C 1298 -3.57 -31.09 -34.42
CA PHE C 1298 -4.55 -31.42 -35.45
C PHE C 1298 -4.14 -30.81 -36.78
N VAL C 1299 -4.53 -31.48 -37.86
CA VAL C 1299 -4.28 -31.06 -39.22
C VAL C 1299 -5.62 -30.80 -39.89
N ALA C 1300 -5.77 -29.58 -40.43
CA ALA C 1300 -7.00 -29.10 -41.02
C ALA C 1300 -6.73 -28.52 -42.41
N GLU C 1301 -7.76 -28.57 -43.26
CA GLU C 1301 -7.72 -28.06 -44.63
C GLU C 1301 -8.26 -26.64 -44.67
N GLU C 1302 -7.53 -25.75 -45.35
CA GLU C 1302 -7.85 -24.33 -45.40
C GLU C 1302 -8.22 -23.88 -46.81
N LEU C 1303 -8.90 -22.74 -46.88
CA LEU C 1303 -9.10 -22.00 -48.13
C LEU C 1303 -9.00 -20.51 -47.82
N VAL C 1304 -8.00 -19.86 -48.40
CA VAL C 1304 -7.63 -18.51 -47.99
C VAL C 1304 -8.48 -17.43 -48.67
N HIS C 1305 -8.90 -17.68 -49.91
CA HIS C 1305 -9.70 -16.72 -50.69
C HIS C 1305 -11.08 -16.47 -50.10
N SER C 1306 -11.52 -17.26 -49.12
CA SER C 1306 -12.65 -16.90 -48.29
C SER C 1306 -12.21 -16.33 -46.95
N GLU C 1307 -10.98 -16.61 -46.52
CA GLU C 1307 -10.48 -16.04 -45.27
C GLU C 1307 -10.29 -14.54 -45.38
N ILE C 1308 -10.03 -14.03 -46.59
CA ILE C 1308 -9.93 -12.58 -46.73
C ILE C 1308 -11.31 -11.92 -46.62
N PRO C 1309 -12.41 -12.42 -47.23
CA PRO C 1309 -13.72 -11.87 -46.88
C PRO C 1309 -14.23 -12.23 -45.49
N ALA C 1310 -13.52 -13.07 -44.73
CA ALA C 1310 -13.94 -13.34 -43.36
C ALA C 1310 -13.83 -12.11 -42.48
N PHE C 1311 -12.78 -11.31 -42.69
CA PHE C 1311 -12.66 -10.02 -42.02
C PHE C 1311 -12.94 -8.85 -42.95
N LEU C 1312 -13.05 -9.08 -44.25
CA LEU C 1312 -13.21 -8.00 -45.20
C LEU C 1312 -14.70 -7.64 -45.29
N LEU C 1313 -15.01 -6.66 -46.14
CA LEU C 1313 -16.32 -6.04 -46.39
C LEU C 1313 -17.50 -6.97 -46.67
N PRO C 1314 -17.34 -8.23 -47.20
CA PRO C 1314 -18.49 -9.16 -47.13
C PRO C 1314 -18.93 -9.49 -45.72
N TRP C 1315 -20.13 -9.01 -45.35
CA TRP C 1315 -20.70 -9.23 -44.04
C TRP C 1315 -22.14 -9.71 -44.18
N LEU C 1316 -22.58 -10.46 -43.18
CA LEU C 1316 -23.82 -11.20 -43.27
C LEU C 1316 -24.93 -10.56 -42.46
N VAL C 1348 -6.64 -54.14 -38.53
CA VAL C 1348 -6.09 -52.80 -38.68
C VAL C 1348 -6.54 -51.92 -37.52
N PRO C 1349 -5.60 -51.50 -36.66
CA PRO C 1349 -5.98 -50.76 -35.45
C PRO C 1349 -6.40 -49.32 -35.71
N GLU C 1350 -6.65 -48.59 -34.63
CA GLU C 1350 -6.99 -47.17 -34.72
C GLU C 1350 -5.74 -46.30 -34.57
N GLN C 1351 -5.05 -46.42 -33.44
CA GLN C 1351 -3.78 -45.73 -33.25
C GLN C 1351 -2.69 -46.34 -34.12
N ARG C 1352 -1.59 -45.59 -34.23
CA ARG C 1352 -0.30 -46.23 -34.50
C ARG C 1352 0.77 -45.40 -33.81
N THR C 1353 1.70 -46.10 -33.17
CA THR C 1353 2.61 -45.49 -32.20
C THR C 1353 4.01 -45.45 -32.79
N VAL C 1354 4.56 -44.25 -32.92
CA VAL C 1354 5.87 -44.04 -33.51
C VAL C 1354 6.77 -43.41 -32.45
N THR C 1355 7.86 -44.09 -32.10
CA THR C 1355 8.79 -43.58 -31.10
C THR C 1355 9.90 -42.84 -31.82
N LEU C 1356 9.60 -41.61 -32.22
CA LEU C 1356 10.46 -40.88 -33.13
C LEU C 1356 11.65 -40.30 -32.39
N ASP C 1357 12.84 -40.44 -32.99
CA ASP C 1357 14.07 -39.84 -32.49
C ASP C 1357 14.13 -38.41 -33.01
N VAL C 1358 13.86 -37.43 -32.15
CA VAL C 1358 13.49 -36.09 -32.60
C VAL C 1358 14.71 -35.18 -32.60
N ASP C 1359 15.43 -35.15 -33.71
CA ASP C 1359 16.61 -34.30 -33.81
C ASP C 1359 16.91 -33.96 -35.27
N VAL C 1360 17.15 -32.68 -35.53
CA VAL C 1360 17.88 -32.24 -36.73
C VAL C 1360 19.07 -31.41 -36.23
N ASN C 1361 20.15 -32.14 -35.94
CA ASN C 1361 21.43 -31.70 -35.40
C ASN C 1361 22.32 -32.93 -35.42
N ASN C 1362 23.55 -32.77 -34.92
CA ASN C 1362 24.43 -33.92 -34.70
C ASN C 1362 25.06 -33.70 -33.31
N ARG C 1363 24.35 -34.15 -32.28
CA ARG C 1363 24.64 -33.79 -30.90
C ARG C 1363 25.70 -34.69 -30.26
N THR C 1364 25.50 -36.01 -30.37
CA THR C 1364 26.22 -37.05 -29.62
C THR C 1364 26.23 -36.71 -28.13
N ASP C 1365 25.04 -36.55 -27.59
CA ASP C 1365 24.89 -36.30 -26.17
C ASP C 1365 24.03 -37.33 -25.47
N ARG C 1366 22.85 -37.63 -26.01
CA ARG C 1366 21.89 -38.54 -25.39
C ARG C 1366 21.16 -39.27 -26.50
N LEU C 1367 20.05 -39.88 -26.12
CA LEU C 1367 19.00 -40.29 -27.03
C LEU C 1367 17.73 -39.59 -26.59
N GLU C 1368 16.92 -39.14 -27.54
CA GLU C 1368 15.77 -38.32 -27.18
C GLU C 1368 14.65 -38.47 -28.19
N TRP C 1369 13.53 -38.99 -27.69
CA TRP C 1369 12.47 -39.58 -28.48
C TRP C 1369 11.12 -39.10 -27.96
N CYS C 1370 10.12 -39.17 -28.81
CA CYS C 1370 8.75 -38.90 -28.38
C CYS C 1370 7.83 -39.93 -28.99
N SER C 1371 6.80 -40.32 -28.26
CA SER C 1371 5.86 -41.32 -28.74
C SER C 1371 4.67 -40.59 -29.35
N CYS C 1372 4.64 -40.55 -30.68
CA CYS C 1372 3.47 -40.05 -31.38
C CYS C 1372 2.44 -41.16 -31.47
N TYR C 1373 1.20 -40.81 -31.23
CA TYR C 1373 0.07 -41.71 -31.48
C TYR C 1373 -0.71 -41.04 -32.59
N TYR C 1374 -0.48 -41.45 -33.83
CA TYR C 1374 -1.18 -40.79 -34.92
C TYR C 1374 -2.35 -41.65 -35.35
N HIS C 1375 -3.49 -41.00 -35.64
CA HIS C 1375 -4.74 -41.76 -35.63
C HIS C 1375 -5.21 -42.16 -37.02
N GLY C 1376 -4.76 -41.47 -38.05
CA GLY C 1376 -5.60 -41.27 -39.22
C GLY C 1376 -5.71 -42.46 -40.13
N ASN C 1377 -6.77 -42.44 -40.93
CA ASN C 1377 -6.96 -43.42 -41.98
C ASN C 1377 -7.05 -42.82 -43.37
N PHE C 1378 -7.98 -41.88 -43.62
CA PHE C 1378 -8.21 -41.41 -44.99
C PHE C 1378 -7.97 -39.93 -45.20
N SER C 1379 -8.62 -39.05 -44.43
CA SER C 1379 -8.54 -37.58 -44.51
C SER C 1379 -8.86 -37.05 -45.91
N LEU C 1380 -10.11 -37.26 -46.33
CA LEU C 1380 -10.63 -36.55 -47.49
C LEU C 1380 -10.65 -35.05 -47.24
N ASN C 1381 -11.53 -34.63 -46.34
CA ASN C 1381 -11.56 -33.26 -45.84
C ASN C 1381 -11.80 -33.21 -44.33
N ALA C 1382 -11.51 -34.30 -43.62
CA ALA C 1382 -11.65 -34.36 -42.18
C ALA C 1382 -10.33 -34.07 -41.48
N ALA C 1383 -10.40 -33.81 -40.19
CA ALA C 1383 -9.22 -33.47 -39.40
C ALA C 1383 -8.34 -34.69 -39.19
N PHE C 1384 -7.07 -34.42 -38.87
CA PHE C 1384 -6.06 -35.46 -38.80
C PHE C 1384 -5.19 -35.25 -37.57
N GLU C 1385 -5.28 -36.14 -36.59
CA GLU C 1385 -4.67 -35.82 -35.31
C GLU C 1385 -3.48 -36.71 -34.97
N ILE C 1386 -2.55 -36.07 -34.27
CA ILE C 1386 -1.34 -36.67 -33.75
C ILE C 1386 -1.32 -36.36 -32.26
N LYS C 1387 -1.45 -37.39 -31.43
CA LYS C 1387 -1.11 -37.28 -30.03
C LYS C 1387 0.40 -37.26 -29.88
N LEU C 1388 0.89 -36.46 -28.93
CA LEU C 1388 2.31 -36.34 -28.66
C LEU C 1388 2.51 -36.69 -27.19
N HIS C 1389 3.11 -37.83 -26.89
CA HIS C 1389 3.39 -38.14 -25.50
C HIS C 1389 4.89 -38.17 -25.27
N TRP C 1390 5.29 -37.74 -24.08
CA TRP C 1390 6.67 -37.87 -23.63
C TRP C 1390 6.74 -37.74 -22.12
N MET C 1391 7.77 -38.36 -21.56
CA MET C 1391 8.27 -38.15 -20.20
C MET C 1391 9.79 -38.14 -20.23
N ALA C 1392 10.35 -37.44 -21.23
CA ALA C 1392 11.71 -37.67 -21.65
C ALA C 1392 12.38 -36.33 -21.95
N VAL C 1393 13.47 -36.41 -22.71
CA VAL C 1393 14.54 -35.41 -22.82
C VAL C 1393 14.03 -34.17 -23.57
N THR C 1394 14.92 -33.16 -23.70
CA THR C 1394 14.72 -31.72 -23.86
C THR C 1394 13.51 -31.28 -24.66
N ALA C 1395 12.85 -30.23 -24.17
CA ALA C 1395 11.56 -29.78 -24.71
C ALA C 1395 11.69 -28.97 -25.99
N ALA C 1396 12.59 -27.98 -26.00
CA ALA C 1396 12.65 -27.00 -27.08
C ALA C 1396 13.05 -27.61 -28.42
N VAL C 1397 13.72 -28.76 -28.41
CA VAL C 1397 14.01 -29.45 -29.66
C VAL C 1397 12.75 -30.06 -30.24
N LEU C 1398 11.88 -30.60 -29.37
CA LEU C 1398 10.57 -31.06 -29.85
C LEU C 1398 9.74 -29.88 -30.32
N PHE C 1399 9.88 -28.72 -29.67
CA PHE C 1399 9.20 -27.52 -30.14
C PHE C 1399 9.66 -27.13 -31.54
N GLU C 1400 10.97 -27.16 -31.80
CA GLU C 1400 11.41 -26.75 -33.13
C GLU C 1400 11.11 -27.81 -34.18
N MET C 1401 10.97 -29.08 -33.78
CA MET C 1401 10.46 -30.09 -34.71
C MET C 1401 9.02 -29.82 -35.10
N VAL C 1402 8.19 -29.45 -34.12
CA VAL C 1402 6.80 -29.12 -34.45
C VAL C 1402 6.76 -27.82 -35.25
N GLN C 1403 7.70 -26.91 -34.99
CA GLN C 1403 7.81 -25.67 -35.75
C GLN C 1403 8.14 -25.95 -37.22
N GLY C 1404 9.06 -26.89 -37.45
CA GLY C 1404 9.33 -27.33 -38.81
C GLY C 1404 8.15 -28.03 -39.44
N TRP C 1405 7.38 -28.77 -38.66
CA TRP C 1405 6.17 -29.42 -39.18
C TRP C 1405 5.14 -28.39 -39.63
N HIS C 1406 4.93 -27.34 -38.84
CA HIS C 1406 3.99 -26.28 -39.23
C HIS C 1406 4.49 -25.50 -40.44
N ARG C 1407 5.77 -25.12 -40.43
CA ARG C 1407 6.33 -24.35 -41.52
C ARG C 1407 6.44 -25.17 -42.81
N LYS C 1408 6.40 -26.49 -42.71
CA LYS C 1408 6.21 -27.32 -43.89
C LYS C 1408 4.73 -27.56 -44.18
N ALA C 1409 3.87 -27.33 -43.20
CA ALA C 1409 2.45 -27.55 -43.43
C ALA C 1409 1.80 -26.39 -44.17
N THR C 1410 2.28 -25.16 -43.95
CA THR C 1410 1.60 -24.00 -44.53
C THR C 1410 1.84 -23.88 -46.03
N SER C 1411 3.09 -23.65 -46.40
CA SER C 1411 3.48 -23.72 -47.80
C SER C 1411 3.77 -25.17 -48.14
N CYS C 1412 3.42 -25.57 -49.36
CA CYS C 1412 3.41 -26.96 -49.82
C CYS C 1412 2.55 -27.82 -48.90
N GLY C 1413 1.26 -27.53 -48.90
CA GLY C 1413 0.31 -28.37 -48.22
C GLY C 1413 -0.80 -27.68 -47.46
N PHE C 1414 -1.22 -28.27 -46.36
CA PHE C 1414 -2.29 -27.72 -45.55
C PHE C 1414 -1.98 -27.93 -44.07
N LEU C 1415 -2.84 -27.34 -43.24
CA LEU C 1415 -2.43 -26.60 -42.05
C LEU C 1415 -2.45 -27.44 -40.77
N LEU C 1416 -1.67 -26.99 -39.79
CA LEU C 1416 -1.41 -27.70 -38.54
C LEU C 1416 -1.51 -26.75 -37.36
N VAL C 1417 -2.28 -27.13 -36.35
CA VAL C 1417 -2.51 -26.30 -35.16
C VAL C 1417 -2.56 -27.17 -33.90
N PRO C 1418 -1.85 -26.79 -32.84
CA PRO C 1418 -2.00 -27.50 -31.57
C PRO C 1418 -3.34 -27.19 -30.92
N VAL C 1419 -3.99 -28.22 -30.43
CA VAL C 1419 -5.33 -28.12 -29.87
C VAL C 1419 -5.30 -28.49 -28.40
N LEU C 1420 -5.81 -27.60 -27.56
CA LEU C 1420 -6.07 -27.90 -26.16
C LEU C 1420 -6.94 -29.15 -26.04
N GLU C 1421 -6.44 -30.15 -25.35
CA GLU C 1421 -7.26 -31.33 -25.08
C GLU C 1421 -8.09 -31.14 -23.82
N GLY C 1422 -8.95 -30.14 -23.87
CA GLY C 1422 -10.16 -30.13 -23.11
C GLY C 1422 -11.31 -30.27 -24.08
N PRO C 1423 -11.85 -31.48 -24.19
CA PRO C 1423 -13.18 -31.62 -24.79
C PRO C 1423 -14.24 -31.11 -23.84
N PHE C 1424 -15.50 -31.16 -24.26
CA PHE C 1424 -16.52 -30.35 -23.59
C PHE C 1424 -16.90 -31.06 -22.30
N ALA C 1425 -16.11 -30.78 -21.27
CA ALA C 1425 -16.03 -31.65 -20.11
C ALA C 1425 -15.85 -30.82 -18.86
N LEU C 1426 -16.55 -31.22 -17.81
CA LEU C 1426 -16.63 -30.47 -16.56
C LEU C 1426 -15.39 -30.79 -15.72
N PRO C 1427 -15.22 -30.17 -14.54
CA PRO C 1427 -14.23 -30.67 -13.59
C PRO C 1427 -14.59 -32.02 -12.97
N SER C 1428 -13.75 -32.44 -12.02
CA SER C 1428 -13.75 -33.79 -11.42
C SER C 1428 -13.56 -34.87 -12.46
N TYR C 1429 -12.80 -34.56 -13.51
CA TYR C 1429 -12.41 -35.52 -14.53
C TYR C 1429 -10.90 -35.68 -14.51
N LEU C 1430 -10.42 -36.67 -15.25
CA LEU C 1430 -8.98 -36.75 -15.49
C LEU C 1430 -8.51 -35.58 -16.34
N TYR C 1431 -9.33 -35.14 -17.29
CA TYR C 1431 -9.15 -33.89 -17.99
C TYR C 1431 -9.87 -32.80 -17.22
N GLY C 1432 -10.05 -31.64 -17.84
CA GLY C 1432 -11.04 -30.70 -17.35
C GLY C 1432 -10.42 -29.51 -16.64
N ASP C 1433 -11.19 -28.41 -16.60
CA ASP C 1433 -10.81 -27.15 -16.02
C ASP C 1433 -11.97 -26.58 -15.22
N PRO C 1434 -11.68 -25.87 -14.13
CA PRO C 1434 -12.74 -25.15 -13.41
C PRO C 1434 -13.10 -23.80 -14.00
N LEU C 1435 -12.77 -23.55 -15.27
CA LEU C 1435 -13.05 -22.24 -15.87
C LEU C 1435 -13.58 -22.34 -17.30
N ARG C 1436 -14.26 -23.44 -17.64
CA ARG C 1436 -14.76 -23.62 -19.00
C ARG C 1436 -16.28 -23.46 -19.00
N ALA C 1437 -16.77 -22.55 -19.85
CA ALA C 1437 -18.12 -22.04 -19.75
C ALA C 1437 -19.17 -22.96 -20.33
N GLN C 1438 -18.79 -23.81 -21.30
CA GLN C 1438 -19.69 -24.72 -22.00
C GLN C 1438 -20.86 -23.96 -22.64
N LEU C 1439 -20.52 -23.10 -23.62
CA LEU C 1439 -21.49 -22.13 -24.14
C LEU C 1439 -22.55 -22.85 -24.97
N PHE C 1440 -23.74 -22.97 -24.39
CA PHE C 1440 -24.86 -23.56 -25.10
C PHE C 1440 -25.41 -22.57 -26.11
N ILE C 1441 -25.89 -23.09 -27.24
CA ILE C 1441 -26.64 -22.31 -28.21
C ILE C 1441 -27.88 -23.11 -28.61
N PRO C 1442 -29.08 -22.59 -28.39
CA PRO C 1442 -30.28 -23.32 -28.78
C PRO C 1442 -30.57 -23.17 -30.27
N LEU C 1443 -30.97 -24.27 -30.89
CA LEU C 1443 -31.33 -24.30 -32.30
C LEU C 1443 -32.85 -24.21 -32.40
N ASN C 1444 -33.36 -23.00 -32.56
CA ASN C 1444 -34.79 -22.82 -32.73
C ASN C 1444 -35.19 -23.29 -34.11
N ILE C 1445 -36.44 -23.73 -34.24
CA ILE C 1445 -36.90 -24.32 -35.49
C ILE C 1445 -38.08 -23.53 -36.05
N SER C 1446 -39.17 -23.50 -35.28
CA SER C 1446 -40.41 -22.76 -35.57
C SER C 1446 -41.01 -23.18 -36.91
N CYS C 1447 -41.43 -24.45 -36.97
CA CYS C 1447 -42.24 -24.90 -38.10
C CYS C 1447 -43.65 -24.37 -37.94
N GLU C 1463 -39.81 -42.73 -40.11
CA GLU C 1463 -39.42 -43.22 -38.80
C GLU C 1463 -37.93 -43.01 -38.58
N THR C 1464 -37.47 -43.37 -37.38
CA THR C 1464 -36.08 -43.20 -36.92
C THR C 1464 -35.60 -41.77 -37.11
N TYR C 1465 -36.41 -40.83 -36.62
CA TYR C 1465 -36.25 -39.43 -36.95
C TYR C 1465 -35.11 -38.77 -36.19
N TRP C 1466 -34.59 -39.40 -35.14
CA TRP C 1466 -33.50 -38.78 -34.38
C TRP C 1466 -32.21 -38.84 -35.17
N ASP C 1467 -31.98 -39.95 -35.89
CA ASP C 1467 -30.88 -40.02 -36.85
C ASP C 1467 -31.06 -38.99 -37.96
N ARG C 1468 -32.30 -38.75 -38.37
CA ARG C 1468 -32.59 -37.78 -39.44
C ARG C 1468 -32.27 -36.36 -39.00
N MET C 1469 -32.69 -35.98 -37.80
CA MET C 1469 -32.41 -34.63 -37.33
C MET C 1469 -30.93 -34.48 -37.01
N HIS C 1470 -30.26 -35.57 -36.61
CA HIS C 1470 -28.82 -35.52 -36.48
C HIS C 1470 -28.15 -35.29 -37.84
N LEU C 1471 -28.69 -35.89 -38.89
CA LEU C 1471 -28.18 -35.68 -40.25
C LEU C 1471 -28.36 -34.25 -40.70
N PHE C 1472 -29.52 -33.65 -40.44
CA PHE C 1472 -29.69 -32.27 -40.88
C PHE C 1472 -28.98 -31.28 -39.96
N GLN C 1473 -28.68 -31.67 -38.72
CA GLN C 1473 -27.70 -30.94 -37.93
C GLN C 1473 -26.33 -30.95 -38.59
N GLU C 1474 -25.92 -32.11 -39.10
CA GLU C 1474 -24.66 -32.20 -39.84
C GLU C 1474 -24.72 -31.42 -41.14
N ALA C 1475 -25.90 -31.36 -41.76
CA ALA C 1475 -26.06 -30.66 -43.02
C ALA C 1475 -25.96 -29.16 -42.84
N ILE C 1476 -26.58 -28.61 -41.78
CA ILE C 1476 -26.40 -27.19 -41.51
C ILE C 1476 -25.00 -26.92 -40.99
N ALA C 1477 -24.38 -27.91 -40.34
CA ALA C 1477 -22.99 -27.78 -39.92
C ALA C 1477 -22.06 -27.60 -41.12
N HIS C 1478 -22.13 -28.49 -42.09
CA HIS C 1478 -21.27 -28.33 -43.25
C HIS C 1478 -21.75 -27.23 -44.21
N ARG C 1479 -23.00 -26.77 -44.10
CA ARG C 1479 -23.40 -25.57 -44.84
C ARG C 1479 -22.74 -24.33 -44.27
N PHE C 1480 -22.72 -24.23 -42.93
CA PHE C 1480 -21.89 -23.24 -42.25
C PHE C 1480 -20.42 -23.46 -42.57
N GLY C 1481 -20.07 -24.70 -42.87
CA GLY C 1481 -18.94 -25.05 -43.69
C GLY C 1481 -18.80 -24.22 -44.95
N PHE C 1482 -19.81 -24.31 -45.80
CA PHE C 1482 -19.71 -23.80 -47.16
C PHE C 1482 -19.62 -22.28 -47.20
N VAL C 1483 -20.17 -21.58 -46.21
CA VAL C 1483 -20.19 -20.11 -46.31
C VAL C 1483 -18.80 -19.53 -46.16
N GLN C 1484 -18.17 -19.66 -44.97
CA GLN C 1484 -16.82 -19.13 -44.78
C GLN C 1484 -15.89 -20.07 -44.01
N ASP C 1485 -16.47 -20.96 -43.21
CA ASP C 1485 -15.74 -21.64 -42.13
C ASP C 1485 -16.08 -23.13 -42.11
N LYS C 1486 -15.21 -23.94 -42.70
CA LYS C 1486 -15.54 -25.35 -42.90
C LYS C 1486 -15.29 -26.13 -41.61
N TYR C 1487 -15.75 -27.38 -41.60
CA TYR C 1487 -15.87 -28.22 -40.42
C TYR C 1487 -15.05 -29.48 -40.57
N SER C 1488 -14.71 -30.09 -39.45
CA SER C 1488 -14.12 -31.42 -39.51
C SER C 1488 -14.53 -32.23 -38.29
N ALA C 1489 -14.90 -33.48 -38.54
CA ALA C 1489 -15.31 -34.42 -37.50
C ALA C 1489 -14.06 -34.90 -36.78
N SER C 1490 -13.84 -34.42 -35.57
CA SER C 1490 -12.65 -34.77 -34.80
C SER C 1490 -12.93 -36.07 -34.08
N ALA C 1491 -12.89 -37.18 -34.81
CA ALA C 1491 -13.10 -38.51 -34.24
C ALA C 1491 -11.87 -38.88 -33.42
N PHE C 1492 -11.86 -38.42 -32.17
CA PHE C 1492 -10.72 -38.49 -31.27
C PHE C 1492 -10.41 -39.93 -30.87
N ASN C 1493 -9.26 -40.10 -30.19
CA ASN C 1493 -8.47 -41.31 -30.27
C ASN C 1493 -8.70 -42.30 -29.13
N PHE C 1494 -8.92 -41.82 -27.91
CA PHE C 1494 -9.38 -42.73 -26.87
C PHE C 1494 -10.79 -43.19 -27.21
N PRO C 1495 -11.11 -44.47 -26.99
CA PRO C 1495 -12.13 -45.13 -27.80
C PRO C 1495 -13.57 -44.68 -27.52
N ALA C 1496 -14.45 -45.09 -28.42
CA ALA C 1496 -15.91 -45.15 -28.41
C ALA C 1496 -16.63 -43.82 -28.64
N GLU C 1497 -15.94 -42.67 -28.59
CA GLU C 1497 -16.29 -41.39 -29.25
C GLU C 1497 -17.72 -40.94 -28.96
N ASN C 1498 -17.95 -40.55 -27.71
CA ASN C 1498 -19.26 -40.27 -27.10
C ASN C 1498 -20.22 -39.41 -27.92
N LYS C 1499 -19.83 -38.18 -28.21
CA LYS C 1499 -20.66 -37.27 -28.97
C LYS C 1499 -19.89 -36.71 -30.15
N PRO C 1500 -20.56 -36.35 -31.25
CA PRO C 1500 -19.84 -35.73 -32.37
C PRO C 1500 -19.31 -34.36 -32.01
N GLN C 1501 -18.00 -34.21 -32.18
CA GLN C 1501 -17.28 -32.97 -31.93
C GLN C 1501 -16.63 -32.52 -33.23
N TYR C 1502 -16.77 -31.24 -33.51
CA TYR C 1502 -16.32 -30.66 -34.77
C TYR C 1502 -15.40 -29.49 -34.50
N ILE C 1503 -14.24 -29.55 -35.12
CA ILE C 1503 -13.28 -28.46 -35.15
C ILE C 1503 -13.57 -27.59 -36.36
N HIS C 1504 -13.52 -26.28 -36.17
CA HIS C 1504 -13.68 -25.48 -37.38
C HIS C 1504 -12.33 -25.26 -38.04
N VAL C 1505 -12.38 -24.77 -39.27
CA VAL C 1505 -11.18 -24.63 -40.07
C VAL C 1505 -10.37 -23.45 -39.56
N THR C 1506 -9.10 -23.73 -39.21
CA THR C 1506 -7.99 -22.79 -39.01
C THR C 1506 -8.29 -21.71 -37.97
N GLY C 1507 -9.29 -21.97 -37.14
CA GLY C 1507 -9.71 -21.02 -36.13
C GLY C 1507 -9.72 -21.69 -34.76
N THR C 1508 -10.38 -21.03 -33.84
CA THR C 1508 -10.29 -21.37 -32.43
C THR C 1508 -11.61 -21.87 -31.86
N VAL C 1509 -12.41 -22.56 -32.64
CA VAL C 1509 -13.80 -22.83 -32.27
C VAL C 1509 -14.15 -24.31 -32.42
N PHE C 1510 -14.84 -24.83 -31.41
CA PHE C 1510 -15.20 -26.23 -31.28
C PHE C 1510 -16.67 -26.36 -30.97
N LEU C 1511 -17.29 -27.42 -31.48
CA LEU C 1511 -18.70 -27.72 -31.24
C LEU C 1511 -18.88 -29.17 -30.85
N GLN C 1512 -19.87 -29.44 -29.99
CA GLN C 1512 -20.41 -30.79 -29.83
C GLN C 1512 -21.91 -30.76 -30.02
N LEU C 1513 -22.41 -31.88 -30.55
CA LEU C 1513 -23.79 -32.00 -30.99
C LEU C 1513 -24.54 -33.06 -30.19
N PRO C 1514 -25.25 -32.70 -29.11
CA PRO C 1514 -25.98 -33.68 -28.32
C PRO C 1514 -27.30 -34.07 -28.97
N ARG C 1543 -31.13 -30.03 -24.75
CA ARG C 1543 -32.48 -30.15 -25.31
C ARG C 1543 -32.63 -29.57 -26.70
N VAL C 1544 -32.44 -28.26 -26.84
CA VAL C 1544 -32.79 -27.55 -28.07
C VAL C 1544 -31.63 -27.52 -29.05
N GLY C 1545 -30.46 -27.07 -28.62
CA GLY C 1545 -29.36 -26.88 -29.54
C GLY C 1545 -28.11 -27.73 -29.30
N TYR C 1546 -26.97 -27.05 -29.17
CA TYR C 1546 -25.67 -27.71 -29.14
C TYR C 1546 -24.66 -26.78 -28.50
N ASN C 1547 -23.52 -27.33 -28.07
CA ASN C 1547 -22.65 -26.51 -27.26
C ASN C 1547 -21.30 -26.25 -27.93
N TRP C 1548 -20.61 -25.23 -27.42
CA TRP C 1548 -19.55 -24.52 -28.13
C TRP C 1548 -18.49 -24.08 -27.13
N ALA C 1549 -17.23 -24.14 -27.55
CA ALA C 1549 -16.13 -23.56 -26.77
C ALA C 1549 -14.94 -23.24 -27.66
N TYR C 1550 -13.82 -22.89 -27.02
CA TYR C 1550 -12.67 -22.21 -27.61
C TYR C 1550 -11.43 -23.08 -27.66
N ASN C 1551 -10.45 -22.55 -28.38
CA ASN C 1551 -9.06 -22.95 -28.26
C ASN C 1551 -8.30 -21.79 -27.64
N THR C 1552 -7.48 -22.08 -26.64
CA THR C 1552 -6.58 -21.09 -26.09
C THR C 1552 -5.13 -21.34 -26.46
N MET C 1553 -4.87 -22.38 -27.25
CA MET C 1553 -3.51 -22.84 -27.57
C MET C 1553 -3.04 -22.29 -28.90
N LEU C 1554 -3.41 -21.07 -29.25
CA LEU C 1554 -2.95 -20.46 -30.50
C LEU C 1554 -1.73 -19.59 -30.29
N THR C 1555 -1.80 -18.64 -29.35
CA THR C 1555 -0.65 -17.92 -28.77
C THR C 1555 0.15 -17.14 -29.81
N LYS C 1556 -0.54 -16.24 -30.54
CA LYS C 1556 -0.02 -15.17 -31.40
C LYS C 1556 0.97 -15.59 -32.48
N THR C 1557 1.18 -16.89 -32.66
CA THR C 1557 1.93 -17.45 -33.77
C THR C 1557 0.98 -18.50 -34.35
N TRP C 1558 1.53 -19.40 -35.17
CA TRP C 1558 0.78 -20.33 -36.02
C TRP C 1558 -0.10 -19.51 -36.97
N ARG C 1559 0.54 -18.69 -37.79
CA ARG C 1559 -0.11 -17.55 -38.41
C ARG C 1559 0.19 -17.48 -39.90
N SER C 1560 -0.86 -17.23 -40.67
CA SER C 1560 -0.83 -16.89 -42.09
C SER C 1560 -1.90 -15.82 -42.21
N SER C 1561 -2.50 -15.65 -43.38
CA SER C 1561 -3.71 -14.84 -43.48
C SER C 1561 -4.97 -15.53 -42.93
N ALA C 1562 -4.84 -16.56 -42.10
CA ALA C 1562 -5.95 -17.37 -41.62
C ALA C 1562 -6.30 -17.10 -40.16
N THR C 1563 -5.34 -17.28 -39.26
CA THR C 1563 -5.60 -17.56 -37.86
C THR C 1563 -5.64 -16.26 -37.04
N GLY C 1564 -5.66 -16.42 -35.70
CA GLY C 1564 -5.53 -15.32 -34.77
C GLY C 1564 -6.74 -14.42 -34.70
N ASP C 1565 -6.55 -13.25 -34.06
CA ASP C 1565 -7.47 -12.12 -34.07
C ASP C 1565 -8.85 -12.48 -33.50
N GLU C 1566 -8.88 -12.66 -32.16
CA GLU C 1566 -10.02 -13.08 -31.34
C GLU C 1566 -11.39 -12.47 -31.69
N LYS C 1567 -11.38 -11.25 -32.24
CA LYS C 1567 -12.59 -10.65 -32.81
C LYS C 1567 -13.18 -11.49 -33.93
N PHE C 1568 -12.36 -12.25 -34.67
CA PHE C 1568 -12.90 -13.22 -35.64
C PHE C 1568 -13.75 -14.28 -34.97
N ALA C 1569 -13.31 -14.79 -33.81
CA ALA C 1569 -14.10 -15.76 -33.07
C ALA C 1569 -15.39 -15.16 -32.55
N ASP C 1570 -15.32 -13.90 -32.12
CA ASP C 1570 -16.55 -13.19 -31.72
C ASP C 1570 -17.49 -13.01 -32.91
N ARG C 1571 -16.92 -12.79 -34.10
CA ARG C 1571 -17.74 -12.67 -35.31
C ARG C 1571 -18.41 -13.99 -35.67
N LEU C 1572 -17.70 -15.11 -35.49
CA LEU C 1572 -18.33 -16.40 -35.77
C LEU C 1572 -19.41 -16.73 -34.74
N LEU C 1573 -19.22 -16.30 -33.49
CA LEU C 1573 -20.26 -16.45 -32.47
C LEU C 1573 -21.54 -15.69 -32.85
N LYS C 1574 -21.40 -14.38 -33.15
CA LYS C 1574 -22.59 -13.61 -33.52
C LYS C 1574 -23.19 -14.09 -34.84
N ASP C 1575 -22.35 -14.60 -35.74
CA ASP C 1575 -22.82 -15.08 -37.03
C ASP C 1575 -23.66 -16.35 -36.86
N PHE C 1576 -23.25 -17.26 -35.98
CA PHE C 1576 -24.06 -18.45 -35.78
C PHE C 1576 -25.30 -18.18 -34.94
N THR C 1577 -25.25 -17.24 -34.00
CA THR C 1577 -26.49 -16.86 -33.32
C THR C 1577 -27.48 -16.22 -34.28
N ASP C 1578 -26.97 -15.47 -35.28
CA ASP C 1578 -27.87 -14.90 -36.27
C ASP C 1578 -28.38 -15.97 -37.25
N PHE C 1579 -27.53 -16.92 -37.64
CA PHE C 1579 -27.98 -18.00 -38.51
C PHE C 1579 -28.74 -19.10 -37.77
N CYS C 1580 -28.96 -18.96 -36.47
CA CYS C 1580 -29.45 -20.07 -35.67
C CYS C 1580 -30.85 -19.89 -35.12
N ILE C 1581 -31.32 -18.67 -34.87
CA ILE C 1581 -32.49 -18.47 -34.04
C ILE C 1581 -33.74 -18.11 -34.85
N ASN C 1582 -33.80 -18.62 -36.09
CA ASN C 1582 -34.85 -18.31 -37.08
C ASN C 1582 -34.88 -16.81 -37.39
N ARG C 1583 -33.73 -16.26 -37.73
CA ARG C 1583 -33.70 -14.86 -38.09
C ARG C 1583 -34.26 -14.65 -39.49
N ASP C 1584 -34.40 -13.36 -39.82
CA ASP C 1584 -35.50 -12.77 -40.58
C ASP C 1584 -36.03 -13.65 -41.71
N ASN C 1585 -35.12 -14.14 -42.55
CA ASN C 1585 -35.45 -15.09 -43.59
C ASN C 1585 -34.38 -16.14 -43.82
N ARG C 1586 -33.43 -16.29 -42.91
CA ARG C 1586 -32.24 -17.10 -43.22
C ARG C 1586 -32.50 -18.59 -43.07
N LEU C 1587 -33.11 -19.02 -41.96
CA LEU C 1587 -33.54 -20.41 -41.88
C LEU C 1587 -34.71 -20.69 -42.80
N VAL C 1588 -35.47 -19.66 -43.18
CA VAL C 1588 -36.49 -19.79 -44.20
C VAL C 1588 -35.87 -20.21 -45.53
N THR C 1589 -34.85 -19.47 -45.97
CA THR C 1589 -34.15 -19.82 -47.20
C THR C 1589 -33.38 -21.12 -47.05
N PHE C 1590 -32.98 -21.47 -45.82
CA PHE C 1590 -32.38 -22.78 -45.59
C PHE C 1590 -33.37 -23.90 -45.81
N TRP C 1591 -34.61 -23.72 -45.36
CA TRP C 1591 -35.64 -24.73 -45.62
C TRP C 1591 -35.97 -24.84 -47.09
N THR C 1592 -35.97 -23.70 -47.81
CA THR C 1592 -36.26 -23.77 -49.23
C THR C 1592 -35.12 -24.43 -50.02
N SER C 1593 -33.88 -24.05 -49.71
CA SER C 1593 -32.72 -24.62 -50.38
C SER C 1593 -32.45 -26.06 -49.93
N CYS C 1594 -33.09 -26.52 -48.86
CA CYS C 1594 -33.06 -27.94 -48.55
C CYS C 1594 -34.17 -28.70 -49.26
N LEU C 1595 -35.41 -28.21 -49.18
CA LEU C 1595 -36.55 -28.93 -49.73
C LEU C 1595 -36.73 -28.71 -51.22
N GLU C 1596 -35.85 -27.96 -51.87
CA GLU C 1596 -35.87 -27.86 -53.34
C GLU C 1596 -35.59 -29.19 -54.02
N LYS C 1597 -34.84 -30.08 -53.38
CA LYS C 1597 -34.37 -31.29 -54.02
C LYS C 1597 -35.40 -32.41 -53.86
#